data_2YT5
#
_entry.id   2YT5
#
loop_
_entity.id
_entity.type
_entity.pdbx_description
1 polymer 'Metal-response element-binding transcription factor 2'
2 non-polymer 'ZINC ION'
#
_entity_poly.entity_id   1
_entity_poly.type   'polypeptide(L)'
_entity_poly.pdbx_seq_one_letter_code
;GSSGSSGVCTICQEEYSEAPNEMVICDKCGQGYHQLCHTPHIDSSVIDSDEKWLCRQCVFATTTKR
;
_entity_poly.pdbx_strand_id   A
#
loop_
_chem_comp.id
_chem_comp.type
_chem_comp.name
_chem_comp.formula
ZN non-polymer 'ZINC ION' 'Zn 2'
#
# COMPACT_ATOMS: atom_id res chain seq x y z
N GLY A 1 23.44 5.33 -18.06
CA GLY A 1 23.70 6.17 -16.90
C GLY A 1 23.03 5.66 -15.64
N SER A 2 23.44 6.17 -14.49
CA SER A 2 22.88 5.75 -13.22
C SER A 2 21.36 5.62 -13.31
N SER A 3 20.81 4.63 -12.61
CA SER A 3 19.37 4.40 -12.62
C SER A 3 18.96 3.55 -11.42
N GLY A 4 18.12 4.11 -10.56
CA GLY A 4 17.66 3.40 -9.39
C GLY A 4 16.36 2.65 -9.64
N SER A 5 15.37 2.88 -8.78
CA SER A 5 14.08 2.22 -8.91
C SER A 5 12.94 3.21 -8.67
N SER A 6 11.70 2.74 -8.81
CA SER A 6 10.54 3.58 -8.61
C SER A 6 9.98 3.40 -7.21
N GLY A 7 8.96 4.19 -6.87
CA GLY A 7 8.34 4.11 -5.56
C GLY A 7 7.27 5.16 -5.36
N VAL A 8 6.28 5.16 -6.24
CA VAL A 8 5.18 6.11 -6.15
C VAL A 8 3.83 5.40 -6.07
N CYS A 9 2.80 6.15 -5.71
CA CYS A 9 1.46 5.59 -5.60
C CYS A 9 1.02 4.95 -6.91
N THR A 10 -0.05 4.16 -6.86
CA THR A 10 -0.57 3.49 -8.05
C THR A 10 -1.95 4.02 -8.43
N ILE A 11 -2.52 4.85 -7.55
CA ILE A 11 -3.82 5.43 -7.80
C ILE A 11 -3.71 6.87 -8.30
N CYS A 12 -2.90 7.66 -7.61
CA CYS A 12 -2.69 9.06 -7.99
C CYS A 12 -1.27 9.26 -8.52
N GLN A 13 -0.41 8.29 -8.29
CA GLN A 13 0.98 8.38 -8.74
C GLN A 13 1.69 9.56 -8.10
N GLU A 14 1.60 9.65 -6.78
CA GLU A 14 2.23 10.75 -6.04
C GLU A 14 3.18 10.21 -4.97
N GLU A 15 4.39 10.76 -4.92
CA GLU A 15 5.38 10.33 -3.93
C GLU A 15 5.13 10.98 -2.59
N TYR A 16 4.54 12.17 -2.61
CA TYR A 16 4.24 12.91 -1.38
C TYR A 16 3.51 12.02 -0.39
N SER A 17 4.02 11.97 0.85
CA SER A 17 3.41 11.16 1.89
C SER A 17 3.31 11.95 3.19
N GLU A 18 2.08 12.05 3.72
CA GLU A 18 1.85 12.78 4.96
C GLU A 18 0.52 12.37 5.58
N ALA A 19 0.58 11.58 6.64
CA ALA A 19 -0.61 11.13 7.33
C ALA A 19 -1.58 12.28 7.59
N PRO A 20 -2.85 11.94 7.85
CA PRO A 20 -3.30 10.55 7.90
C PRO A 20 -3.31 9.89 6.53
N ASN A 21 -2.96 10.67 5.50
CA ASN A 21 -2.93 10.16 4.13
C ASN A 21 -1.56 9.59 3.81
N GLU A 22 -0.99 8.83 4.75
CA GLU A 22 0.32 8.23 4.55
C GLU A 22 0.28 7.22 3.41
N MET A 23 1.46 6.75 3.01
CA MET A 23 1.56 5.78 1.92
C MET A 23 2.06 4.43 2.44
N VAL A 24 1.56 3.36 1.85
CA VAL A 24 1.95 2.01 2.26
C VAL A 24 2.40 1.19 1.05
N ILE A 25 3.55 0.53 1.19
CA ILE A 25 4.09 -0.29 0.12
C ILE A 25 3.73 -1.76 0.31
N CYS A 26 3.31 -2.41 -0.76
CA CYS A 26 2.93 -3.82 -0.70
C CYS A 26 4.16 -4.71 -0.71
N ASP A 27 4.16 -5.72 0.16
CA ASP A 27 5.28 -6.65 0.26
C ASP A 27 5.36 -7.53 -0.99
N LYS A 28 4.20 -7.92 -1.50
CA LYS A 28 4.14 -8.77 -2.69
C LYS A 28 4.47 -7.97 -3.95
N CYS A 29 3.54 -7.13 -4.37
CA CYS A 29 3.73 -6.31 -5.56
C CYS A 29 4.94 -5.38 -5.40
N GLY A 30 4.86 -4.50 -4.41
CA GLY A 30 5.95 -3.57 -4.17
C GLY A 30 5.55 -2.12 -4.38
N GLN A 31 4.38 -1.92 -4.99
CA GLN A 31 3.89 -0.58 -5.25
C GLN A 31 3.34 0.06 -3.98
N GLY A 32 3.17 1.38 -4.02
CA GLY A 32 2.66 2.08 -2.85
C GLY A 32 1.20 2.45 -3.00
N TYR A 33 0.52 2.63 -1.87
CA TYR A 33 -0.90 2.98 -1.87
C TYR A 33 -1.24 3.87 -0.68
N HIS A 34 -1.69 5.08 -0.97
CA HIS A 34 -2.06 6.03 0.08
C HIS A 34 -3.27 5.54 0.85
N GLN A 35 -3.36 5.93 2.12
CA GLN A 35 -4.48 5.53 2.97
C GLN A 35 -5.80 6.04 2.41
N LEU A 36 -5.74 7.16 1.69
CA LEU A 36 -6.93 7.76 1.11
C LEU A 36 -7.20 7.19 -0.29
N CYS A 37 -6.18 6.57 -0.87
CA CYS A 37 -6.30 5.98 -2.20
C CYS A 37 -6.75 4.53 -2.11
N HIS A 38 -5.98 3.73 -1.38
CA HIS A 38 -6.29 2.31 -1.21
C HIS A 38 -7.71 2.13 -0.71
N THR A 39 -8.44 1.20 -1.32
CA THR A 39 -9.82 0.93 -0.92
C THR A 39 -9.99 -0.53 -0.50
N PRO A 40 -10.49 -0.72 0.73
CA PRO A 40 -10.87 0.37 1.62
C PRO A 40 -9.65 1.13 2.14
N HIS A 41 -9.89 2.30 2.73
CA HIS A 41 -8.80 3.12 3.27
C HIS A 41 -8.01 2.34 4.32
N ILE A 42 -6.70 2.26 4.11
CA ILE A 42 -5.83 1.55 5.04
C ILE A 42 -5.86 2.19 6.42
N ASP A 43 -5.58 1.39 7.44
CA ASP A 43 -5.58 1.88 8.82
C ASP A 43 -4.15 2.23 9.26
N SER A 44 -4.05 3.13 10.23
CA SER A 44 -2.75 3.57 10.74
C SER A 44 -2.06 2.42 11.49
N SER A 45 -2.82 1.71 12.30
CA SER A 45 -2.28 0.60 13.08
C SER A 45 -1.26 -0.19 12.26
N VAL A 46 -1.61 -0.47 11.01
CA VAL A 46 -0.72 -1.21 10.12
C VAL A 46 0.62 -0.49 9.95
N ILE A 47 0.55 0.81 9.69
CA ILE A 47 1.74 1.62 9.50
C ILE A 47 2.53 1.75 10.80
N ASP A 48 1.87 2.27 11.82
CA ASP A 48 2.51 2.45 13.13
C ASP A 48 3.46 1.30 13.43
N SER A 49 2.94 0.08 13.36
CA SER A 49 3.73 -1.11 13.63
C SER A 49 4.69 -1.41 12.47
N ASP A 50 5.69 -2.23 12.74
CA ASP A 50 6.68 -2.59 11.72
C ASP A 50 6.28 -3.89 11.02
N GLU A 51 4.96 -4.14 10.94
CA GLU A 51 4.46 -5.34 10.30
C GLU A 51 4.33 -5.14 8.80
N LYS A 52 4.30 -6.24 8.06
CA LYS A 52 4.18 -6.19 6.60
C LYS A 52 2.72 -5.96 6.19
N TRP A 53 2.54 -5.19 5.12
CA TRP A 53 1.21 -4.89 4.62
C TRP A 53 1.07 -5.31 3.16
N LEU A 54 -0.11 -5.85 2.81
CA LEU A 54 -0.37 -6.29 1.45
C LEU A 54 -1.57 -5.57 0.86
N CYS A 55 -1.46 -5.15 -0.40
CA CYS A 55 -2.55 -4.45 -1.08
C CYS A 55 -3.81 -5.30 -1.12
N ARG A 56 -4.91 -4.70 -1.54
CA ARG A 56 -6.19 -5.41 -1.63
C ARG A 56 -6.06 -6.63 -2.53
N GLN A 57 -5.63 -6.41 -3.76
CA GLN A 57 -5.48 -7.50 -4.72
C GLN A 57 -4.86 -8.73 -4.06
N CYS A 58 -3.80 -8.50 -3.29
CA CYS A 58 -3.10 -9.59 -2.60
C CYS A 58 -3.94 -10.10 -1.44
N VAL A 59 -4.41 -9.19 -0.59
CA VAL A 59 -5.22 -9.54 0.56
C VAL A 59 -6.41 -10.41 0.16
N PHE A 60 -7.27 -9.86 -0.68
CA PHE A 60 -8.45 -10.59 -1.15
C PHE A 60 -8.12 -12.05 -1.41
N ALA A 61 -6.92 -12.29 -1.94
CA ALA A 61 -6.48 -13.65 -2.24
C ALA A 61 -5.88 -14.31 -1.01
N THR A 62 -6.51 -14.09 0.14
CA THR A 62 -6.04 -14.67 1.39
C THR A 62 -6.83 -15.92 1.76
N THR A 63 -8.09 -15.96 1.32
CA THR A 63 -8.96 -17.10 1.60
C THR A 63 -9.65 -17.58 0.34
N THR A 64 -9.14 -18.67 -0.23
CA THR A 64 -9.71 -19.24 -1.45
C THR A 64 -10.22 -20.65 -1.21
N LYS A 65 -11.39 -20.96 -1.75
CA LYS A 65 -11.99 -22.28 -1.60
C LYS A 65 -11.76 -23.14 -2.85
N ARG A 66 -10.56 -23.69 -2.96
CA ARG A 66 -10.22 -24.52 -4.11
C ARG A 66 -9.95 -25.96 -3.67
ZN ZN B . -2.29 8.03 -3.98
ZN ZN C . 0.06 -6.52 -3.56
N GLY A 1 12.49 5.72 -19.67
CA GLY A 1 12.95 4.37 -19.40
C GLY A 1 12.66 3.93 -17.98
N SER A 2 13.41 2.92 -17.51
CA SER A 2 13.23 2.41 -16.16
C SER A 2 14.51 2.57 -15.35
N SER A 3 14.71 3.77 -14.80
CA SER A 3 15.90 4.05 -14.00
C SER A 3 15.53 4.35 -12.55
N GLY A 4 16.06 3.56 -11.64
CA GLY A 4 15.77 3.75 -10.22
C GLY A 4 14.50 3.05 -9.80
N SER A 5 14.60 2.22 -8.76
CA SER A 5 13.45 1.49 -8.25
C SER A 5 12.28 2.42 -7.97
N SER A 6 11.30 2.41 -8.85
CA SER A 6 10.12 3.26 -8.69
C SER A 6 9.57 3.18 -7.28
N GLY A 7 8.87 4.22 -6.85
CA GLY A 7 8.30 4.25 -5.52
C GLY A 7 7.19 5.28 -5.39
N VAL A 8 6.16 5.14 -6.21
CA VAL A 8 5.02 6.05 -6.18
C VAL A 8 3.71 5.30 -6.05
N CYS A 9 2.65 6.02 -5.70
CA CYS A 9 1.33 5.43 -5.54
C CYS A 9 0.89 4.72 -6.81
N THR A 10 -0.21 3.97 -6.72
CA THR A 10 -0.72 3.24 -7.87
C THR A 10 -2.12 3.73 -8.25
N ILE A 11 -2.73 4.50 -7.35
CA ILE A 11 -4.08 5.03 -7.59
C ILE A 11 -4.00 6.44 -8.16
N CYS A 12 -3.16 7.27 -7.57
CA CYS A 12 -3.00 8.65 -8.02
C CYS A 12 -1.59 8.89 -8.57
N GLN A 13 -0.69 7.96 -8.27
CA GLN A 13 0.69 8.07 -8.73
C GLN A 13 1.37 9.29 -8.12
N GLU A 14 1.31 9.40 -6.81
CA GLU A 14 1.92 10.52 -6.09
C GLU A 14 2.88 10.03 -5.02
N GLU A 15 4.04 10.67 -4.94
CA GLU A 15 5.05 10.29 -3.94
C GLU A 15 4.75 10.94 -2.59
N TYR A 16 4.18 12.14 -2.64
CA TYR A 16 3.86 12.89 -1.43
C TYR A 16 3.18 11.98 -0.40
N SER A 17 3.72 11.99 0.82
CA SER A 17 3.17 11.16 1.89
C SER A 17 3.06 11.96 3.19
N GLU A 18 1.94 11.78 3.88
CA GLU A 18 1.71 12.49 5.14
C GLU A 18 0.41 12.03 5.79
N ALA A 19 0.52 11.46 6.98
CA ALA A 19 -0.64 10.97 7.71
C ALA A 19 -1.64 12.09 7.94
N PRO A 20 -2.91 11.72 8.21
CA PRO A 20 -3.32 10.31 8.27
C PRO A 20 -3.29 9.64 6.89
N ASN A 21 -2.95 10.42 5.87
CA ASN A 21 -2.89 9.90 4.50
C ASN A 21 -1.48 9.44 4.16
N GLU A 22 -0.88 8.67 5.06
CA GLU A 22 0.48 8.16 4.84
C GLU A 22 0.51 7.17 3.68
N MET A 23 1.71 6.75 3.31
CA MET A 23 1.89 5.81 2.21
C MET A 23 2.18 4.41 2.73
N VAL A 24 1.79 3.40 1.95
CA VAL A 24 2.01 2.01 2.35
C VAL A 24 2.44 1.17 1.15
N ILE A 25 3.63 0.58 1.25
CA ILE A 25 4.16 -0.25 0.18
C ILE A 25 3.76 -1.71 0.37
N CYS A 26 3.33 -2.35 -0.71
CA CYS A 26 2.91 -3.75 -0.67
C CYS A 26 4.12 -4.67 -0.67
N ASP A 27 4.24 -5.51 0.35
CA ASP A 27 5.35 -6.45 0.45
C ASP A 27 5.46 -7.30 -0.82
N LYS A 28 4.31 -7.78 -1.29
CA LYS A 28 4.28 -8.62 -2.50
C LYS A 28 4.53 -7.77 -3.75
N CYS A 29 3.51 -7.03 -4.16
CA CYS A 29 3.61 -6.18 -5.34
C CYS A 29 4.86 -5.31 -5.27
N GLY A 30 4.86 -4.36 -4.34
CA GLY A 30 5.99 -3.47 -4.18
C GLY A 30 5.60 -2.01 -4.35
N GLN A 31 4.41 -1.78 -4.90
CA GLN A 31 3.94 -0.41 -5.10
C GLN A 31 3.32 0.15 -3.82
N GLY A 32 3.14 1.47 -3.79
CA GLY A 32 2.56 2.11 -2.63
C GLY A 32 1.10 2.46 -2.82
N TYR A 33 0.36 2.50 -1.72
CA TYR A 33 -1.06 2.82 -1.77
C TYR A 33 -1.46 3.71 -0.60
N HIS A 34 -1.79 4.96 -0.89
CA HIS A 34 -2.20 5.90 0.14
C HIS A 34 -3.40 5.39 0.91
N GLN A 35 -3.47 5.73 2.20
CA GLN A 35 -4.57 5.30 3.05
C GLN A 35 -5.91 5.74 2.48
N LEU A 36 -5.93 6.91 1.84
CA LEU A 36 -7.15 7.43 1.26
C LEU A 36 -7.37 6.86 -0.13
N CYS A 37 -6.33 6.26 -0.70
CA CYS A 37 -6.42 5.65 -2.02
C CYS A 37 -6.85 4.20 -1.93
N HIS A 38 -6.07 3.40 -1.21
CA HIS A 38 -6.38 1.98 -1.05
C HIS A 38 -7.78 1.78 -0.49
N THR A 39 -8.55 0.91 -1.13
CA THR A 39 -9.91 0.64 -0.70
C THR A 39 -10.07 -0.81 -0.27
N PRO A 40 -10.51 -1.02 0.98
CA PRO A 40 -10.83 0.08 1.89
C PRO A 40 -9.58 0.83 2.35
N HIS A 41 -9.79 1.96 3.01
CA HIS A 41 -8.68 2.77 3.51
C HIS A 41 -7.85 1.99 4.53
N ILE A 42 -6.59 1.75 4.20
CA ILE A 42 -5.69 1.02 5.08
C ILE A 42 -5.76 1.56 6.50
N ASP A 43 -5.59 0.68 7.47
CA ASP A 43 -5.63 1.07 8.87
C ASP A 43 -4.29 1.64 9.32
N SER A 44 -4.32 2.83 9.90
CA SER A 44 -3.10 3.49 10.37
C SER A 44 -2.24 2.53 11.19
N SER A 45 -2.90 1.80 12.09
CA SER A 45 -2.20 0.85 12.95
C SER A 45 -1.10 0.13 12.19
N VAL A 46 -1.48 -0.54 11.10
CA VAL A 46 -0.52 -1.28 10.29
C VAL A 46 0.75 -0.46 10.05
N ILE A 47 0.56 0.79 9.61
CA ILE A 47 1.69 1.68 9.36
C ILE A 47 2.59 1.79 10.57
N ASP A 48 2.04 2.33 11.67
CA ASP A 48 2.80 2.49 12.91
C ASP A 48 3.51 1.19 13.28
N SER A 49 2.80 0.07 13.12
CA SER A 49 3.36 -1.23 13.45
C SER A 49 4.47 -1.61 12.47
N ASP A 50 5.13 -2.73 12.74
CA ASP A 50 6.21 -3.21 11.88
C ASP A 50 5.71 -4.30 10.93
N GLU A 51 4.64 -4.97 11.33
CA GLU A 51 4.07 -6.04 10.51
C GLU A 51 3.94 -5.59 9.06
N LYS A 52 4.23 -6.50 8.14
CA LYS A 52 4.13 -6.22 6.72
C LYS A 52 2.70 -5.89 6.32
N TRP A 53 2.52 -5.38 5.11
CA TRP A 53 1.20 -5.03 4.60
C TRP A 53 1.01 -5.52 3.17
N LEU A 54 -0.23 -5.58 2.73
CA LEU A 54 -0.56 -6.04 1.38
C LEU A 54 -1.77 -5.30 0.83
N CYS A 55 -1.77 -5.06 -0.48
CA CYS A 55 -2.87 -4.36 -1.13
C CYS A 55 -4.11 -5.25 -1.19
N ARG A 56 -5.20 -4.70 -1.69
CA ARG A 56 -6.46 -5.45 -1.80
C ARG A 56 -6.29 -6.67 -2.70
N GLN A 57 -5.60 -6.48 -3.83
CA GLN A 57 -5.37 -7.56 -4.77
C GLN A 57 -4.76 -8.78 -4.07
N CYS A 58 -3.72 -8.54 -3.28
CA CYS A 58 -3.05 -9.60 -2.55
C CYS A 58 -3.92 -10.11 -1.41
N VAL A 59 -4.36 -9.19 -0.55
CA VAL A 59 -5.19 -9.54 0.59
C VAL A 59 -6.41 -10.34 0.15
N PHE A 60 -7.24 -9.74 -0.69
CA PHE A 60 -8.45 -10.39 -1.19
C PHE A 60 -8.21 -11.88 -1.40
N ALA A 61 -6.98 -12.23 -1.74
CA ALA A 61 -6.61 -13.62 -1.98
C ALA A 61 -6.29 -14.34 -0.67
N THR A 62 -7.10 -14.08 0.34
CA THR A 62 -6.91 -14.69 1.65
C THR A 62 -8.13 -15.51 2.07
N THR A 63 -9.24 -15.28 1.38
CA THR A 63 -10.48 -15.99 1.68
C THR A 63 -10.53 -17.34 0.98
N THR A 64 -10.88 -18.38 1.73
CA THR A 64 -10.96 -19.73 1.17
C THR A 64 -12.41 -20.14 0.95
N LYS A 65 -12.99 -19.69 -0.16
CA LYS A 65 -14.37 -20.02 -0.49
C LYS A 65 -14.52 -21.51 -0.77
N ARG A 66 -15.75 -22.00 -0.69
CA ARG A 66 -16.03 -23.41 -0.93
C ARG A 66 -16.53 -23.62 -2.36
ZN ZN B . -2.51 7.79 -3.97
ZN ZN C . -0.10 -6.35 -3.37
N GLY A 1 11.51 1.80 -15.45
CA GLY A 1 12.46 1.46 -14.41
C GLY A 1 12.47 -0.01 -14.09
N SER A 2 13.45 -0.73 -14.62
CA SER A 2 13.56 -2.17 -14.39
C SER A 2 14.48 -2.46 -13.20
N SER A 3 15.66 -1.84 -13.19
CA SER A 3 16.62 -2.03 -12.11
C SER A 3 16.12 -1.38 -10.83
N GLY A 4 15.70 -0.12 -10.93
CA GLY A 4 15.20 0.58 -9.77
C GLY A 4 13.70 0.67 -9.73
N SER A 5 13.07 -0.21 -8.96
CA SER A 5 11.62 -0.23 -8.85
C SER A 5 11.07 1.15 -8.51
N SER A 6 9.82 1.39 -8.85
CA SER A 6 9.18 2.68 -8.59
C SER A 6 8.75 2.78 -7.12
N GLY A 7 8.47 4.00 -6.68
CA GLY A 7 8.06 4.21 -5.30
C GLY A 7 6.96 5.25 -5.19
N VAL A 8 5.93 5.13 -6.02
CA VAL A 8 4.82 6.07 -6.01
C VAL A 8 3.48 5.33 -5.92
N CYS A 9 2.42 6.07 -5.62
CA CYS A 9 1.09 5.49 -5.50
C CYS A 9 0.66 4.84 -6.81
N THR A 10 -0.39 4.05 -6.76
CA THR A 10 -0.91 3.37 -7.94
C THR A 10 -2.30 3.87 -8.30
N ILE A 11 -2.88 4.69 -7.43
CA ILE A 11 -4.21 5.24 -7.66
C ILE A 11 -4.12 6.67 -8.19
N CYS A 12 -3.30 7.48 -7.55
CA CYS A 12 -3.14 8.87 -7.95
C CYS A 12 -1.73 9.12 -8.50
N GLN A 13 -0.84 8.16 -8.25
CA GLN A 13 0.54 8.28 -8.72
C GLN A 13 1.24 9.47 -8.07
N GLU A 14 1.12 9.59 -6.75
CA GLU A 14 1.74 10.69 -6.02
C GLU A 14 2.72 10.16 -4.98
N GLU A 15 3.87 10.83 -4.88
CA GLU A 15 4.89 10.43 -3.92
C GLU A 15 4.66 11.09 -2.56
N TYR A 16 4.12 12.31 -2.59
CA TYR A 16 3.85 13.04 -1.36
C TYR A 16 3.18 12.14 -0.32
N SER A 17 3.81 12.01 0.84
CA SER A 17 3.27 11.18 1.91
C SER A 17 3.08 11.99 3.19
N GLU A 18 1.93 11.85 3.82
CA GLU A 18 1.62 12.57 5.05
C GLU A 18 0.35 12.03 5.71
N ALA A 19 0.51 11.44 6.88
CA ALA A 19 -0.62 10.89 7.62
C ALA A 19 -1.66 11.96 7.94
N PRO A 20 -2.91 11.54 8.15
CA PRO A 20 -3.29 10.12 8.09
C PRO A 20 -3.23 9.57 6.67
N ASN A 21 -2.89 10.43 5.72
CA ASN A 21 -2.80 10.01 4.32
C ASN A 21 -1.37 9.62 3.95
N GLU A 22 -0.83 8.65 4.67
CA GLU A 22 0.53 8.18 4.42
C GLU A 22 0.56 7.21 3.24
N MET A 23 1.76 6.76 2.89
CA MET A 23 1.94 5.82 1.78
C MET A 23 2.35 4.44 2.30
N VAL A 24 1.56 3.43 1.94
CA VAL A 24 1.85 2.06 2.36
C VAL A 24 2.25 1.20 1.17
N ILE A 25 3.40 0.53 1.29
CA ILE A 25 3.89 -0.33 0.22
C ILE A 25 3.51 -1.78 0.48
N CYS A 26 3.18 -2.50 -0.60
CA CYS A 26 2.79 -3.90 -0.49
C CYS A 26 4.02 -4.81 -0.58
N ASP A 27 4.20 -5.65 0.43
CA ASP A 27 5.33 -6.57 0.46
C ASP A 27 5.35 -7.46 -0.78
N LYS A 28 4.17 -7.90 -1.21
CA LYS A 28 4.05 -8.74 -2.39
C LYS A 28 4.32 -7.95 -3.67
N CYS A 29 3.34 -7.13 -4.05
CA CYS A 29 3.47 -6.31 -5.25
C CYS A 29 4.70 -5.41 -5.17
N GLY A 30 4.68 -4.48 -4.21
CA GLY A 30 5.80 -3.58 -4.05
C GLY A 30 5.42 -2.13 -4.28
N GLN A 31 4.21 -1.92 -4.79
CA GLN A 31 3.72 -0.58 -5.07
C GLN A 31 3.10 0.05 -3.83
N GLY A 32 3.04 1.38 -3.80
CA GLY A 32 2.48 2.07 -2.65
C GLY A 32 1.02 2.40 -2.84
N TYR A 33 0.30 2.55 -1.73
CA TYR A 33 -1.13 2.85 -1.78
C TYR A 33 -1.53 3.74 -0.60
N HIS A 34 -1.82 5.00 -0.88
CA HIS A 34 -2.22 5.94 0.16
C HIS A 34 -3.39 5.39 0.98
N GLN A 35 -3.51 5.84 2.22
CA GLN A 35 -4.58 5.39 3.10
C GLN A 35 -5.94 5.85 2.57
N LEU A 36 -5.94 6.96 1.86
CA LEU A 36 -7.19 7.51 1.31
C LEU A 36 -7.46 6.94 -0.08
N CYS A 37 -6.42 6.35 -0.68
CA CYS A 37 -6.55 5.76 -2.01
C CYS A 37 -6.96 4.30 -1.92
N HIS A 38 -6.13 3.49 -1.27
CA HIS A 38 -6.41 2.07 -1.11
C HIS A 38 -7.84 1.84 -0.61
N THR A 39 -8.36 0.64 -0.85
CA THR A 39 -9.71 0.31 -0.43
C THR A 39 -9.79 -1.14 0.07
N PRO A 40 -10.26 -1.30 1.31
CA PRO A 40 -10.67 -0.19 2.17
C PRO A 40 -9.50 0.67 2.62
N HIS A 41 -9.79 1.89 3.05
CA HIS A 41 -8.75 2.81 3.51
C HIS A 41 -7.86 2.14 4.55
N ILE A 42 -6.60 1.95 4.20
CA ILE A 42 -5.64 1.31 5.11
C ILE A 42 -5.64 2.00 6.47
N ASP A 43 -5.57 1.20 7.52
CA ASP A 43 -5.55 1.73 8.88
C ASP A 43 -4.14 2.15 9.29
N SER A 44 -4.04 3.28 9.97
CA SER A 44 -2.75 3.79 10.42
C SER A 44 -2.01 2.75 11.25
N SER A 45 -2.75 2.12 12.17
CA SER A 45 -2.17 1.10 13.04
C SER A 45 -1.11 0.30 12.31
N VAL A 46 -1.52 -0.39 11.25
CA VAL A 46 -0.60 -1.21 10.45
C VAL A 46 0.74 -0.50 10.28
N ILE A 47 0.69 0.74 9.81
CA ILE A 47 1.91 1.51 9.60
C ILE A 47 2.70 1.67 10.89
N ASP A 48 2.02 2.11 11.94
CA ASP A 48 2.66 2.30 13.24
C ASP A 48 3.65 1.18 13.53
N SER A 49 3.21 -0.05 13.30
CA SER A 49 4.07 -1.21 13.54
C SER A 49 4.87 -1.56 12.29
N ASP A 50 6.00 -2.24 12.49
CA ASP A 50 6.87 -2.63 11.39
C ASP A 50 6.41 -3.95 10.79
N GLU A 51 5.12 -4.25 10.94
CA GLU A 51 4.56 -5.49 10.40
C GLU A 51 4.30 -5.37 8.91
N LYS A 52 4.43 -6.49 8.21
CA LYS A 52 4.21 -6.51 6.76
C LYS A 52 2.74 -6.33 6.43
N TRP A 53 2.46 -5.60 5.35
CA TRP A 53 1.09 -5.35 4.93
C TRP A 53 0.90 -5.74 3.47
N LEU A 54 -0.34 -6.07 3.11
CA LEU A 54 -0.66 -6.46 1.74
C LEU A 54 -1.78 -5.60 1.17
N CYS A 55 -1.79 -5.43 -0.14
CA CYS A 55 -2.80 -4.63 -0.81
C CYS A 55 -4.07 -5.45 -1.06
N ARG A 56 -5.11 -4.79 -1.56
CA ARG A 56 -6.37 -5.45 -1.84
C ARG A 56 -6.16 -6.66 -2.75
N GLN A 57 -5.56 -6.42 -3.91
CA GLN A 57 -5.30 -7.47 -4.87
C GLN A 57 -4.74 -8.71 -4.19
N CYS A 58 -3.88 -8.49 -3.20
CA CYS A 58 -3.27 -9.59 -2.46
C CYS A 58 -4.23 -10.12 -1.39
N VAL A 59 -4.49 -9.31 -0.38
CA VAL A 59 -5.38 -9.69 0.70
C VAL A 59 -6.60 -10.45 0.17
N PHE A 60 -7.02 -10.11 -1.04
CA PHE A 60 -8.17 -10.76 -1.67
C PHE A 60 -7.74 -12.06 -2.36
N ALA A 61 -6.58 -12.02 -3.00
CA ALA A 61 -6.06 -13.19 -3.70
C ALA A 61 -5.90 -14.37 -2.74
N THR A 62 -5.49 -14.08 -1.52
CA THR A 62 -5.30 -15.12 -0.51
C THR A 62 -6.62 -15.49 0.17
N THR A 63 -7.66 -15.65 -0.64
CA THR A 63 -8.97 -16.01 -0.11
C THR A 63 -8.89 -17.24 0.79
N THR A 64 -9.62 -17.20 1.90
CA THR A 64 -9.62 -18.31 2.84
C THR A 64 -10.63 -19.37 2.42
N LYS A 65 -10.16 -20.35 1.64
CA LYS A 65 -11.02 -21.43 1.18
C LYS A 65 -10.39 -22.79 1.44
N ARG A 66 -11.11 -23.85 1.13
CA ARG A 66 -10.62 -25.21 1.34
C ARG A 66 -11.44 -26.21 0.54
ZN ZN B . -2.64 7.92 -3.91
ZN ZN C . -0.23 -6.46 -3.29
N GLY A 1 23.85 6.63 -1.34
CA GLY A 1 22.75 7.07 -2.18
C GLY A 1 21.63 7.69 -1.37
N SER A 2 21.07 8.79 -1.89
CA SER A 2 19.99 9.49 -1.21
C SER A 2 18.68 8.71 -1.32
N SER A 3 18.32 8.35 -2.55
CA SER A 3 17.09 7.61 -2.80
C SER A 3 17.29 6.60 -3.93
N GLY A 4 16.64 5.45 -3.81
CA GLY A 4 16.75 4.43 -4.83
C GLY A 4 15.67 4.54 -5.89
N SER A 5 14.86 3.48 -6.03
CA SER A 5 13.79 3.46 -7.01
C SER A 5 12.76 4.54 -6.70
N SER A 6 11.76 4.67 -7.57
CA SER A 6 10.71 5.65 -7.40
C SER A 6 9.42 5.00 -6.91
N GLY A 7 9.33 4.81 -5.59
CA GLY A 7 8.14 4.19 -5.01
C GLY A 7 7.02 5.20 -4.79
N VAL A 8 6.16 5.36 -5.80
CA VAL A 8 5.05 6.28 -5.71
C VAL A 8 3.71 5.54 -5.70
N CYS A 9 2.66 6.23 -5.28
CA CYS A 9 1.33 5.64 -5.22
C CYS A 9 0.96 4.98 -6.54
N THR A 10 -0.07 4.15 -6.51
CA THR A 10 -0.53 3.45 -7.72
C THR A 10 -1.90 3.96 -8.16
N ILE A 11 -2.49 4.82 -7.34
CA ILE A 11 -3.80 5.38 -7.66
C ILE A 11 -3.69 6.84 -8.09
N CYS A 12 -3.10 7.65 -7.23
CA CYS A 12 -2.93 9.08 -7.51
C CYS A 12 -1.51 9.37 -8.00
N GLN A 13 -0.63 8.38 -7.86
CA GLN A 13 0.76 8.53 -8.29
C GLN A 13 1.42 9.71 -7.58
N GLU A 14 1.24 9.77 -6.27
CA GLU A 14 1.83 10.85 -5.47
C GLU A 14 2.80 10.29 -4.44
N GLU A 15 3.96 10.93 -4.33
CA GLU A 15 4.99 10.49 -3.38
C GLU A 15 4.72 11.06 -1.99
N TYR A 16 4.09 12.24 -1.96
CA TYR A 16 3.78 12.89 -0.68
C TYR A 16 2.97 11.96 0.22
N SER A 17 3.39 11.87 1.48
CA SER A 17 2.70 11.02 2.44
C SER A 17 2.50 11.76 3.77
N GLU A 18 1.24 11.93 4.15
CA GLU A 18 0.91 12.62 5.39
C GLU A 18 -0.37 12.06 6.01
N ALA A 19 -0.23 11.39 7.16
CA ALA A 19 -1.38 10.82 7.84
C ALA A 19 -2.45 11.86 8.10
N PRO A 20 -3.70 11.40 8.28
CA PRO A 20 -4.03 9.98 8.23
C PRO A 20 -3.92 9.41 6.82
N ASN A 21 -3.55 10.27 5.86
CA ASN A 21 -3.41 9.84 4.47
C ASN A 21 -1.97 9.45 4.17
N GLU A 22 -1.39 8.63 5.04
CA GLU A 22 -0.01 8.18 4.87
C GLU A 22 0.09 7.21 3.70
N MET A 23 1.32 6.75 3.43
CA MET A 23 1.56 5.81 2.35
C MET A 23 1.96 4.44 2.88
N VAL A 24 1.60 3.40 2.15
CA VAL A 24 1.92 2.03 2.56
C VAL A 24 2.35 1.19 1.35
N ILE A 25 3.51 0.56 1.46
CA ILE A 25 4.03 -0.28 0.39
C ILE A 25 3.65 -1.75 0.60
N CYS A 26 3.29 -2.41 -0.48
CA CYS A 26 2.90 -3.82 -0.41
C CYS A 26 4.13 -4.72 -0.32
N ASP A 27 4.04 -5.76 0.49
CA ASP A 27 5.15 -6.69 0.67
C ASP A 27 5.29 -7.59 -0.56
N LYS A 28 4.16 -7.94 -1.17
CA LYS A 28 4.16 -8.79 -2.35
C LYS A 28 4.54 -8.00 -3.60
N CYS A 29 3.62 -7.20 -4.09
CA CYS A 29 3.86 -6.39 -5.28
C CYS A 29 5.06 -5.46 -5.07
N GLY A 30 4.92 -4.51 -4.15
CA GLY A 30 5.99 -3.58 -3.86
C GLY A 30 5.58 -2.14 -4.08
N GLN A 31 4.43 -1.94 -4.70
CA GLN A 31 3.93 -0.60 -4.97
C GLN A 31 3.34 0.03 -3.71
N GLY A 32 3.15 1.34 -3.75
CA GLY A 32 2.60 2.04 -2.60
C GLY A 32 1.12 2.34 -2.75
N TYR A 33 0.44 2.48 -1.61
CA TYR A 33 -0.99 2.77 -1.62
C TYR A 33 -1.39 3.58 -0.39
N HIS A 34 -1.69 4.85 -0.61
CA HIS A 34 -2.10 5.74 0.48
C HIS A 34 -3.30 5.16 1.24
N GLN A 35 -3.63 5.77 2.37
CA GLN A 35 -4.74 5.31 3.19
C GLN A 35 -6.07 5.76 2.58
N LEU A 36 -6.06 6.94 1.96
CA LEU A 36 -7.27 7.49 1.35
C LEU A 36 -7.43 6.97 -0.08
N CYS A 37 -6.36 6.42 -0.63
CA CYS A 37 -6.38 5.89 -1.99
C CYS A 37 -6.76 4.40 -1.98
N HIS A 38 -5.92 3.59 -1.34
CA HIS A 38 -6.17 2.15 -1.26
C HIS A 38 -7.62 1.87 -0.93
N THR A 39 -8.04 0.62 -1.10
CA THR A 39 -9.41 0.21 -0.82
C THR A 39 -9.47 -1.24 -0.36
N PRO A 40 -9.97 -1.44 0.87
CA PRO A 40 -10.44 -0.34 1.72
C PRO A 40 -9.29 0.53 2.23
N HIS A 41 -9.63 1.62 2.91
CA HIS A 41 -8.63 2.53 3.45
C HIS A 41 -7.72 1.81 4.44
N ILE A 42 -6.41 1.93 4.22
CA ILE A 42 -5.44 1.29 5.10
C ILE A 42 -5.46 1.92 6.49
N ASP A 43 -5.47 1.06 7.50
CA ASP A 43 -5.49 1.53 8.89
C ASP A 43 -4.11 2.04 9.31
N SER A 44 -4.09 3.16 10.00
CA SER A 44 -2.84 3.76 10.46
C SER A 44 -2.02 2.75 11.26
N SER A 45 -2.68 2.05 12.17
CA SER A 45 -2.02 1.05 13.01
C SER A 45 -1.03 0.23 12.18
N VAL A 46 -1.49 -0.29 11.06
CA VAL A 46 -0.65 -1.10 10.19
C VAL A 46 0.67 -0.38 9.89
N ILE A 47 0.57 0.89 9.51
CA ILE A 47 1.75 1.69 9.20
C ILE A 47 2.65 1.83 10.42
N ASP A 48 2.11 2.39 11.49
CA ASP A 48 2.86 2.59 12.72
C ASP A 48 3.84 1.44 12.95
N SER A 49 3.30 0.22 12.96
CA SER A 49 4.12 -0.97 13.18
C SER A 49 4.78 -1.42 11.88
N ASP A 50 5.83 -2.24 12.00
CA ASP A 50 6.54 -2.74 10.84
C ASP A 50 5.96 -4.08 10.38
N GLU A 51 4.66 -4.25 10.60
CA GLU A 51 3.98 -5.47 10.20
C GLU A 51 3.90 -5.59 8.68
N LYS A 52 3.91 -6.82 8.18
CA LYS A 52 3.84 -7.06 6.74
C LYS A 52 2.43 -6.78 6.22
N TRP A 53 2.30 -5.70 5.45
CA TRP A 53 1.01 -5.33 4.89
C TRP A 53 0.90 -5.78 3.44
N LEU A 54 -0.34 -5.95 2.97
CA LEU A 54 -0.58 -6.39 1.60
C LEU A 54 -1.75 -5.63 0.99
N CYS A 55 -1.61 -5.26 -0.28
CA CYS A 55 -2.66 -4.53 -0.98
C CYS A 55 -3.93 -5.38 -1.11
N ARG A 56 -4.97 -4.78 -1.69
CA ARG A 56 -6.23 -5.49 -1.86
C ARG A 56 -6.07 -6.72 -2.76
N GLN A 57 -5.51 -6.51 -3.95
CA GLN A 57 -5.29 -7.59 -4.89
C GLN A 57 -4.67 -8.80 -4.19
N CYS A 58 -3.75 -8.54 -3.28
CA CYS A 58 -3.09 -9.61 -2.53
C CYS A 58 -3.97 -10.11 -1.40
N VAL A 59 -4.67 -9.20 -0.75
CA VAL A 59 -5.56 -9.55 0.36
C VAL A 59 -6.69 -10.47 -0.11
N PHE A 60 -7.46 -10.00 -1.08
CA PHE A 60 -8.56 -10.78 -1.62
C PHE A 60 -8.22 -12.27 -1.66
N ALA A 61 -6.96 -12.57 -1.95
CA ALA A 61 -6.50 -13.95 -2.03
C ALA A 61 -6.59 -14.62 -0.66
N THR A 62 -5.88 -14.07 0.32
CA THR A 62 -5.89 -14.63 1.67
C THR A 62 -7.23 -14.41 2.35
N THR A 63 -8.26 -15.10 1.87
CA THR A 63 -9.60 -14.98 2.42
C THR A 63 -9.71 -15.74 3.74
N THR A 64 -9.97 -15.00 4.83
CA THR A 64 -10.09 -15.60 6.14
C THR A 64 -11.19 -16.66 6.17
N LYS A 65 -10.80 -17.92 6.02
CA LYS A 65 -11.75 -19.03 6.02
C LYS A 65 -11.57 -19.91 7.24
N ARG A 66 -11.28 -19.29 8.38
CA ARG A 66 -11.07 -20.02 9.63
C ARG A 66 -12.17 -19.71 10.63
ZN ZN B . -2.45 7.87 -3.50
ZN ZN C . 0.20 -6.53 -3.30
N GLY A 1 16.05 4.28 -4.85
CA GLY A 1 16.67 5.34 -5.63
C GLY A 1 15.72 5.96 -6.63
N SER A 2 16.16 6.09 -7.87
CA SER A 2 15.35 6.68 -8.93
C SER A 2 15.10 5.68 -10.05
N SER A 3 16.18 5.21 -10.67
CA SER A 3 16.08 4.25 -11.75
C SER A 3 15.61 2.88 -11.24
N GLY A 4 14.79 2.20 -12.04
CA GLY A 4 14.30 0.89 -11.64
C GLY A 4 12.87 0.95 -11.13
N SER A 5 12.59 0.20 -10.07
CA SER A 5 11.25 0.17 -9.48
C SER A 5 10.82 1.56 -9.06
N SER A 6 9.54 1.87 -9.29
CA SER A 6 8.98 3.16 -8.93
C SER A 6 8.40 3.14 -7.53
N GLY A 7 8.62 4.21 -6.78
CA GLY A 7 8.11 4.30 -5.42
C GLY A 7 7.04 5.34 -5.27
N VAL A 8 6.00 5.25 -6.10
CA VAL A 8 4.89 6.20 -6.06
C VAL A 8 3.55 5.47 -6.00
N CYS A 9 2.51 6.21 -5.63
CA CYS A 9 1.17 5.63 -5.53
C CYS A 9 0.74 5.01 -6.86
N THR A 10 -0.34 4.25 -6.84
CA THR A 10 -0.85 3.59 -8.03
C THR A 10 -2.21 4.15 -8.43
N ILE A 11 -2.88 4.80 -7.48
CA ILE A 11 -4.19 5.39 -7.72
C ILE A 11 -4.06 6.81 -8.26
N CYS A 12 -3.25 7.61 -7.60
CA CYS A 12 -3.04 9.00 -8.01
C CYS A 12 -1.62 9.19 -8.57
N GLN A 13 -0.73 8.24 -8.28
CA GLN A 13 0.64 8.32 -8.75
C GLN A 13 1.34 9.54 -8.17
N GLU A 14 1.33 9.67 -6.86
CA GLU A 14 1.97 10.79 -6.19
C GLU A 14 2.87 10.31 -5.06
N GLU A 15 4.06 10.91 -4.95
CA GLU A 15 5.02 10.54 -3.92
C GLU A 15 4.73 11.30 -2.62
N TYR A 16 3.60 11.99 -2.59
CA TYR A 16 3.21 12.77 -1.41
C TYR A 16 2.72 11.85 -0.30
N SER A 17 3.39 11.91 0.85
CA SER A 17 3.02 11.08 1.99
C SER A 17 2.90 11.92 3.26
N GLU A 18 1.67 12.24 3.65
CA GLU A 18 1.43 13.04 4.84
C GLU A 18 0.33 12.43 5.69
N ALA A 19 0.72 11.81 6.81
CA ALA A 19 -0.23 11.19 7.71
C ALA A 19 -1.32 12.17 8.14
N PRO A 20 -2.49 11.63 8.52
CA PRO A 20 -2.73 10.19 8.54
C PRO A 20 -2.82 9.60 7.14
N ASN A 21 -2.66 10.46 6.13
CA ASN A 21 -2.72 10.02 4.74
C ASN A 21 -1.34 9.60 4.24
N GLU A 22 -0.67 8.76 5.03
CA GLU A 22 0.66 8.28 4.66
C GLU A 22 0.58 7.25 3.54
N MET A 23 1.74 6.90 2.99
CA MET A 23 1.80 5.91 1.92
C MET A 23 2.26 4.56 2.44
N VAL A 24 1.65 3.49 1.92
CA VAL A 24 2.00 2.14 2.33
C VAL A 24 2.38 1.28 1.14
N ILE A 25 3.52 0.59 1.24
CA ILE A 25 3.99 -0.27 0.16
C ILE A 25 3.59 -1.72 0.41
N CYS A 26 3.22 -2.41 -0.67
CA CYS A 26 2.80 -3.80 -0.58
C CYS A 26 4.01 -4.72 -0.61
N ASP A 27 4.00 -5.74 0.25
CA ASP A 27 5.10 -6.71 0.32
C ASP A 27 5.16 -7.56 -0.94
N LYS A 28 3.98 -7.95 -1.44
CA LYS A 28 3.90 -8.77 -2.64
C LYS A 28 4.21 -7.94 -3.89
N CYS A 29 3.24 -7.12 -4.30
CA CYS A 29 3.40 -6.28 -5.47
C CYS A 29 4.62 -5.37 -5.33
N GLY A 30 4.57 -4.46 -4.36
CA GLY A 30 5.67 -3.55 -4.14
C GLY A 30 5.30 -2.10 -4.40
N GLN A 31 4.08 -1.89 -4.90
CA GLN A 31 3.61 -0.55 -5.19
C GLN A 31 3.01 0.10 -3.95
N GLY A 32 3.12 1.43 -3.86
CA GLY A 32 2.59 2.15 -2.73
C GLY A 32 1.12 2.49 -2.89
N TYR A 33 0.41 2.63 -1.78
CA TYR A 33 -1.01 2.96 -1.80
C TYR A 33 -1.39 3.83 -0.62
N HIS A 34 -1.60 5.13 -0.89
CA HIS A 34 -1.97 6.06 0.16
C HIS A 34 -3.13 5.53 1.00
N GLN A 35 -3.28 6.07 2.20
CA GLN A 35 -4.35 5.65 3.10
C GLN A 35 -5.71 6.11 2.58
N LEU A 36 -5.71 7.22 1.87
CA LEU A 36 -6.95 7.77 1.32
C LEU A 36 -7.23 7.22 -0.06
N CYS A 37 -6.22 6.62 -0.66
CA CYS A 37 -6.34 6.03 -2.00
C CYS A 37 -6.78 4.58 -1.92
N HIS A 38 -6.00 3.77 -1.21
CA HIS A 38 -6.31 2.35 -1.06
C HIS A 38 -7.73 2.16 -0.53
N THR A 39 -8.43 1.17 -1.07
CA THR A 39 -9.80 0.88 -0.67
C THR A 39 -9.94 -0.55 -0.18
N PRO A 40 -10.38 -0.71 1.07
CA PRO A 40 -10.72 0.41 1.94
C PRO A 40 -9.49 1.20 2.38
N HIS A 41 -9.72 2.34 3.03
CA HIS A 41 -8.62 3.18 3.50
C HIS A 41 -7.77 2.45 4.53
N ILE A 42 -6.52 2.16 4.16
CA ILE A 42 -5.62 1.46 5.05
C ILE A 42 -5.66 2.03 6.46
N ASP A 43 -5.58 1.16 7.46
CA ASP A 43 -5.61 1.59 8.85
C ASP A 43 -4.22 2.00 9.32
N SER A 44 -4.16 3.14 10.01
CA SER A 44 -2.89 3.66 10.52
C SER A 44 -2.14 2.58 11.29
N SER A 45 -2.84 1.92 12.19
CA SER A 45 -2.25 0.88 13.02
C SER A 45 -1.21 0.09 12.21
N VAL A 46 -1.61 -0.35 11.02
CA VAL A 46 -0.72 -1.12 10.15
C VAL A 46 0.63 -0.44 10.01
N ILE A 47 0.61 0.85 9.66
CA ILE A 47 1.83 1.61 9.49
C ILE A 47 2.66 1.62 10.77
N ASP A 48 2.11 2.19 11.83
CA ASP A 48 2.80 2.25 13.12
C ASP A 48 3.47 0.93 13.43
N SER A 49 2.72 -0.17 13.27
CA SER A 49 3.24 -1.50 13.54
C SER A 49 4.28 -1.90 12.51
N ASP A 50 5.32 -2.60 12.96
CA ASP A 50 6.39 -3.04 12.07
C ASP A 50 6.01 -4.34 11.37
N GLU A 51 4.75 -4.42 10.93
CA GLU A 51 4.27 -5.62 10.25
C GLU A 51 4.20 -5.39 8.74
N LYS A 52 4.07 -6.48 7.99
CA LYS A 52 4.00 -6.40 6.54
C LYS A 52 2.56 -6.18 6.09
N TRP A 53 2.37 -5.16 5.24
CA TRP A 53 1.05 -4.83 4.74
C TRP A 53 0.88 -5.33 3.30
N LEU A 54 -0.33 -5.77 2.97
CA LEU A 54 -0.62 -6.26 1.62
C LEU A 54 -1.83 -5.56 1.03
N CYS A 55 -1.72 -5.12 -0.21
CA CYS A 55 -2.81 -4.44 -0.90
C CYS A 55 -4.00 -5.36 -1.07
N ARG A 56 -5.15 -4.78 -1.41
CA ARG A 56 -6.37 -5.55 -1.60
C ARG A 56 -6.13 -6.72 -2.55
N GLN A 57 -5.73 -6.42 -3.78
CA GLN A 57 -5.46 -7.45 -4.77
C GLN A 57 -4.86 -8.69 -4.12
N CYS A 58 -3.99 -8.48 -3.14
CA CYS A 58 -3.34 -9.58 -2.44
C CYS A 58 -4.23 -10.10 -1.32
N VAL A 59 -4.61 -9.21 -0.41
CA VAL A 59 -5.46 -9.58 0.72
C VAL A 59 -6.65 -10.41 0.26
N PHE A 60 -6.97 -10.32 -1.02
CA PHE A 60 -8.09 -11.06 -1.59
C PHE A 60 -7.64 -12.45 -2.04
N ALA A 61 -6.43 -12.53 -2.58
CA ALA A 61 -5.89 -13.80 -3.06
C ALA A 61 -5.09 -14.49 -1.95
N THR A 62 -5.80 -15.05 -0.97
CA THR A 62 -5.16 -15.75 0.13
C THR A 62 -6.19 -16.42 1.04
N THR A 63 -5.83 -17.57 1.58
CA THR A 63 -6.73 -18.31 2.47
C THR A 63 -6.41 -18.04 3.93
N THR A 64 -6.57 -16.79 4.34
CA THR A 64 -6.31 -16.40 5.72
C THR A 64 -7.51 -15.70 6.33
N LYS A 65 -8.70 -16.24 6.08
CA LYS A 65 -9.94 -15.68 6.61
C LYS A 65 -10.75 -16.75 7.34
N ARG A 66 -10.07 -17.61 8.07
CA ARG A 66 -10.73 -18.68 8.82
C ARG A 66 -10.88 -18.31 10.29
ZN ZN B . -2.54 8.09 -3.95
ZN ZN C . -0.20 -6.49 -3.34
N GLY A 1 4.69 2.49 -20.60
CA GLY A 1 5.94 2.12 -19.97
C GLY A 1 5.90 0.73 -19.37
N SER A 2 6.91 -0.08 -19.68
CA SER A 2 6.98 -1.44 -19.17
C SER A 2 7.15 -1.44 -17.66
N SER A 3 6.83 -2.58 -17.04
CA SER A 3 6.95 -2.73 -15.58
C SER A 3 8.12 -1.91 -15.05
N GLY A 4 7.90 -1.19 -13.96
CA GLY A 4 8.96 -0.40 -13.37
C GLY A 4 8.42 0.82 -12.64
N SER A 5 8.26 0.70 -11.32
CA SER A 5 7.75 1.80 -10.51
C SER A 5 8.89 2.54 -9.81
N SER A 6 8.70 3.83 -9.59
CA SER A 6 9.71 4.65 -8.93
C SER A 6 9.33 4.92 -7.48
N GLY A 7 8.84 3.89 -6.80
CA GLY A 7 8.45 4.04 -5.42
C GLY A 7 7.37 5.09 -5.23
N VAL A 8 6.38 5.10 -6.11
CA VAL A 8 5.29 6.07 -6.04
C VAL A 8 3.94 5.37 -5.92
N CYS A 9 2.90 6.15 -5.67
CA CYS A 9 1.55 5.61 -5.54
C CYS A 9 1.10 4.94 -6.84
N THR A 10 -0.02 4.25 -6.78
CA THR A 10 -0.57 3.56 -7.94
C THR A 10 -1.92 4.14 -8.35
N ILE A 11 -2.58 4.79 -7.41
CA ILE A 11 -3.88 5.39 -7.68
C ILE A 11 -3.73 6.80 -8.24
N CYS A 12 -2.88 7.60 -7.62
CA CYS A 12 -2.64 8.97 -8.06
C CYS A 12 -1.21 9.12 -8.57
N GLN A 13 -0.36 8.16 -8.26
CA GLN A 13 1.03 8.20 -8.70
C GLN A 13 1.74 9.44 -8.14
N GLU A 14 1.66 9.61 -6.82
CA GLU A 14 2.30 10.75 -6.17
C GLU A 14 3.25 10.27 -5.06
N GLU A 15 4.47 10.80 -5.08
CA GLU A 15 5.47 10.44 -4.08
C GLU A 15 5.17 11.11 -2.74
N TYR A 16 4.55 12.29 -2.79
CA TYR A 16 4.22 13.04 -1.60
C TYR A 16 3.30 12.21 -0.69
N SER A 17 3.76 11.94 0.53
CA SER A 17 2.99 11.17 1.49
C SER A 17 3.00 11.84 2.86
N GLU A 18 1.85 12.39 3.25
CA GLU A 18 1.73 13.06 4.55
C GLU A 18 0.46 12.60 5.28
N ALA A 19 0.65 12.03 6.46
CA ALA A 19 -0.46 11.55 7.26
C ALA A 19 -1.47 12.67 7.53
N PRO A 20 -2.73 12.29 7.76
CA PRO A 20 -3.15 10.88 7.78
C PRO A 20 -3.11 10.26 6.40
N ASN A 21 -2.73 11.04 5.40
CA ASN A 21 -2.66 10.57 4.02
C ASN A 21 -1.27 10.02 3.70
N GLU A 22 -0.75 9.18 4.59
CA GLU A 22 0.57 8.58 4.41
C GLU A 22 0.55 7.55 3.29
N MET A 23 1.72 6.99 2.99
CA MET A 23 1.83 5.98 1.94
C MET A 23 2.09 4.60 2.53
N VAL A 24 1.78 3.57 1.76
CA VAL A 24 1.97 2.19 2.22
C VAL A 24 2.36 1.28 1.06
N ILE A 25 3.56 0.69 1.15
CA ILE A 25 4.06 -0.20 0.12
C ILE A 25 3.64 -1.64 0.39
N CYS A 26 3.34 -2.38 -0.68
CA CYS A 26 2.94 -3.77 -0.55
C CYS A 26 4.15 -4.69 -0.50
N ASP A 27 4.05 -5.75 0.28
CA ASP A 27 5.14 -6.71 0.43
C ASP A 27 5.21 -7.64 -0.78
N LYS A 28 4.04 -8.03 -1.29
CA LYS A 28 3.96 -8.92 -2.45
C LYS A 28 4.33 -8.17 -3.73
N CYS A 29 3.43 -7.31 -4.19
CA CYS A 29 3.66 -6.54 -5.40
C CYS A 29 4.85 -5.61 -5.23
N GLY A 30 4.73 -4.65 -4.33
CA GLY A 30 5.80 -3.70 -4.08
C GLY A 30 5.43 -2.28 -4.48
N GLN A 31 4.13 -2.02 -4.56
CA GLN A 31 3.65 -0.69 -4.94
C GLN A 31 3.12 0.05 -3.72
N GLY A 32 3.08 1.39 -3.82
CA GLY A 32 2.59 2.19 -2.72
C GLY A 32 1.13 2.58 -2.89
N TYR A 33 0.43 2.72 -1.78
CA TYR A 33 -0.98 3.09 -1.80
C TYR A 33 -1.34 4.00 -0.63
N HIS A 34 -1.52 5.28 -0.93
CA HIS A 34 -1.87 6.26 0.09
C HIS A 34 -3.06 5.79 0.92
N GLN A 35 -3.21 6.37 2.11
CA GLN A 35 -4.31 6.01 2.99
C GLN A 35 -5.65 6.46 2.41
N LEU A 36 -5.61 7.51 1.59
CA LEU A 36 -6.82 8.04 0.97
C LEU A 36 -6.91 7.61 -0.49
N CYS A 37 -6.14 6.59 -0.85
CA CYS A 37 -6.13 6.10 -2.22
C CYS A 37 -6.56 4.63 -2.27
N HIS A 38 -6.07 3.84 -1.31
CA HIS A 38 -6.41 2.43 -1.24
C HIS A 38 -7.84 2.24 -0.73
N THR A 39 -8.53 1.26 -1.31
CA THR A 39 -9.91 0.98 -0.92
C THR A 39 -10.07 -0.48 -0.50
N PRO A 40 -10.50 -0.68 0.76
CA PRO A 40 -10.81 0.41 1.68
C PRO A 40 -9.55 1.15 2.13
N HIS A 41 -9.75 2.30 2.78
CA HIS A 41 -8.63 3.10 3.27
C HIS A 41 -7.79 2.31 4.26
N ILE A 42 -6.48 2.52 4.21
CA ILE A 42 -5.57 1.83 5.12
C ILE A 42 -5.62 2.43 6.52
N ASP A 43 -5.49 1.58 7.53
CA ASP A 43 -5.53 2.02 8.92
C ASP A 43 -4.12 2.35 9.42
N SER A 44 -4.00 3.43 10.18
CA SER A 44 -2.72 3.85 10.71
C SER A 44 -2.02 2.70 11.42
N SER A 45 -2.74 2.02 12.31
CA SER A 45 -2.19 0.90 13.05
C SER A 45 -1.16 0.14 12.21
N VAL A 46 -1.63 -0.43 11.11
CA VAL A 46 -0.76 -1.19 10.21
C VAL A 46 0.61 -0.52 10.08
N ILE A 47 0.60 0.76 9.74
CA ILE A 47 1.84 1.52 9.60
C ILE A 47 2.61 1.58 10.90
N ASP A 48 1.96 2.08 11.95
CA ASP A 48 2.59 2.18 13.26
C ASP A 48 3.47 0.97 13.55
N SER A 49 2.89 -0.22 13.44
CA SER A 49 3.62 -1.46 13.68
C SER A 49 4.60 -1.73 12.56
N ASP A 50 5.55 -2.63 12.83
CA ASP A 50 6.57 -2.99 11.83
C ASP A 50 6.15 -4.25 11.07
N GLU A 51 4.85 -4.45 10.93
CA GLU A 51 4.32 -5.62 10.24
C GLU A 51 4.22 -5.36 8.74
N LYS A 52 4.04 -6.42 7.96
CA LYS A 52 3.92 -6.30 6.51
C LYS A 52 2.46 -6.22 6.09
N TRP A 53 2.15 -5.25 5.24
CA TRP A 53 0.78 -5.06 4.76
C TRP A 53 0.67 -5.46 3.29
N LEU A 54 -0.51 -5.96 2.91
CA LEU A 54 -0.75 -6.38 1.54
C LEU A 54 -1.90 -5.59 0.93
N CYS A 55 -1.86 -5.41 -0.39
CA CYS A 55 -2.90 -4.69 -1.10
C CYS A 55 -4.11 -5.59 -1.38
N ARG A 56 -5.27 -4.97 -1.59
CA ARG A 56 -6.49 -5.71 -1.86
C ARG A 56 -6.20 -6.92 -2.77
N GLN A 57 -5.78 -6.65 -3.99
CA GLN A 57 -5.47 -7.70 -4.95
C GLN A 57 -4.81 -8.88 -4.25
N CYS A 58 -4.00 -8.59 -3.25
CA CYS A 58 -3.29 -9.63 -2.50
C CYS A 58 -4.17 -10.19 -1.39
N VAL A 59 -4.55 -9.31 -0.46
CA VAL A 59 -5.39 -9.72 0.67
C VAL A 59 -6.53 -10.64 0.20
N PHE A 60 -7.20 -10.25 -0.87
CA PHE A 60 -8.30 -11.03 -1.41
C PHE A 60 -7.83 -12.44 -1.78
N ALA A 61 -6.84 -12.51 -2.67
CA ALA A 61 -6.31 -13.79 -3.11
C ALA A 61 -5.61 -14.52 -1.96
N THR A 62 -6.34 -15.41 -1.30
CA THR A 62 -5.80 -16.17 -0.18
C THR A 62 -6.77 -17.24 0.28
N THR A 63 -6.31 -18.49 0.30
CA THR A 63 -7.14 -19.61 0.73
C THR A 63 -6.56 -20.30 1.95
N THR A 64 -6.04 -19.50 2.89
CA THR A 64 -5.46 -20.03 4.10
C THR A 64 -6.53 -20.38 5.13
N LYS A 65 -7.50 -19.49 5.29
CA LYS A 65 -8.59 -19.71 6.24
C LYS A 65 -9.94 -19.51 5.56
N ARG A 66 -10.94 -20.28 6.01
CA ARG A 66 -12.28 -20.19 5.44
C ARG A 66 -13.05 -19.02 6.04
ZN ZN B . -2.17 8.15 -3.99
ZN ZN C . 0.01 -6.55 -3.33
N GLY A 1 11.04 9.80 -23.35
CA GLY A 1 10.44 9.10 -22.22
C GLY A 1 11.42 8.90 -21.09
N SER A 2 10.95 9.16 -19.86
CA SER A 2 11.79 9.02 -18.68
C SER A 2 11.54 7.68 -18.00
N SER A 3 12.16 6.63 -18.53
CA SER A 3 12.02 5.29 -17.98
C SER A 3 12.50 5.25 -16.53
N GLY A 4 11.62 4.82 -15.63
CA GLY A 4 11.97 4.73 -14.23
C GLY A 4 10.79 4.97 -13.32
N SER A 5 10.98 4.72 -12.02
CA SER A 5 9.92 4.90 -11.04
C SER A 5 10.47 4.85 -9.62
N SER A 6 10.08 5.83 -8.81
CA SER A 6 10.54 5.91 -7.43
C SER A 6 9.41 5.56 -6.47
N GLY A 7 9.01 4.28 -6.45
CA GLY A 7 7.95 3.84 -5.58
C GLY A 7 6.86 4.87 -5.43
N VAL A 8 6.03 5.02 -6.46
CA VAL A 8 4.93 5.98 -6.44
C VAL A 8 3.58 5.28 -6.31
N CYS A 9 2.59 6.01 -5.83
CA CYS A 9 1.25 5.46 -5.66
C CYS A 9 0.74 4.85 -6.96
N THR A 10 -0.38 4.15 -6.88
CA THR A 10 -0.97 3.51 -8.05
C THR A 10 -2.32 4.12 -8.39
N ILE A 11 -2.92 4.79 -7.42
CA ILE A 11 -4.22 5.43 -7.61
C ILE A 11 -4.05 6.87 -8.07
N CYS A 12 -3.21 7.62 -7.37
CA CYS A 12 -2.97 9.02 -7.70
C CYS A 12 -1.58 9.19 -8.30
N GLN A 13 -0.73 8.19 -8.12
CA GLN A 13 0.64 8.23 -8.64
C GLN A 13 1.42 9.38 -8.02
N GLU A 14 1.38 9.47 -6.69
CA GLU A 14 2.09 10.53 -5.97
C GLU A 14 3.16 9.94 -5.06
N GLU A 15 4.37 10.50 -5.15
CA GLU A 15 5.48 10.03 -4.33
C GLU A 15 5.34 10.52 -2.89
N TYR A 16 4.82 11.73 -2.73
CA TYR A 16 4.64 12.31 -1.41
C TYR A 16 3.89 11.37 -0.49
N SER A 17 4.14 11.48 0.80
CA SER A 17 3.49 10.64 1.80
C SER A 17 3.42 11.33 3.15
N GLU A 18 2.20 11.61 3.60
CA GLU A 18 1.99 12.28 4.88
C GLU A 18 0.65 11.92 5.47
N ALA A 19 0.64 11.53 6.75
CA ALA A 19 -0.59 11.16 7.43
C ALA A 19 -1.52 12.36 7.59
N PRO A 20 -2.82 12.08 7.77
CA PRO A 20 -3.34 10.71 7.82
C PRO A 20 -3.27 10.02 6.45
N ASN A 21 -2.79 10.75 5.46
CA ASN A 21 -2.67 10.20 4.11
C ASN A 21 -1.27 9.66 3.85
N GLU A 22 -0.80 8.80 4.74
CA GLU A 22 0.53 8.22 4.61
C GLU A 22 0.58 7.23 3.45
N MET A 23 1.78 6.80 3.10
CA MET A 23 1.97 5.85 2.00
C MET A 23 2.25 4.45 2.54
N VAL A 24 1.81 3.44 1.79
CA VAL A 24 2.01 2.05 2.18
C VAL A 24 2.41 1.19 1.00
N ILE A 25 3.60 0.59 1.08
CA ILE A 25 4.11 -0.25 0.01
C ILE A 25 3.74 -1.72 0.25
N CYS A 26 3.29 -2.38 -0.81
CA CYS A 26 2.91 -3.79 -0.72
C CYS A 26 4.13 -4.70 -0.86
N ASP A 27 4.34 -5.55 0.14
CA ASP A 27 5.46 -6.48 0.13
C ASP A 27 5.44 -7.35 -1.13
N LYS A 28 4.25 -7.78 -1.51
CA LYS A 28 4.08 -8.62 -2.69
C LYS A 28 4.29 -7.82 -3.98
N CYS A 29 3.31 -7.01 -4.33
CA CYS A 29 3.39 -6.18 -5.52
C CYS A 29 4.59 -5.24 -5.46
N GLY A 30 4.58 -4.34 -4.48
CA GLY A 30 5.68 -3.40 -4.33
C GLY A 30 5.25 -1.96 -4.57
N GLN A 31 4.03 -1.79 -5.09
CA GLN A 31 3.51 -0.46 -5.36
C GLN A 31 2.93 0.17 -4.09
N GLY A 32 3.13 1.48 -3.95
CA GLY A 32 2.62 2.18 -2.79
C GLY A 32 1.15 2.50 -2.90
N TYR A 33 0.47 2.59 -1.75
CA TYR A 33 -0.95 2.89 -1.73
C TYR A 33 -1.31 3.76 -0.53
N HIS A 34 -1.59 5.03 -0.78
CA HIS A 34 -1.94 5.97 0.28
C HIS A 34 -3.17 5.48 1.05
N GLN A 35 -3.28 5.91 2.30
CA GLN A 35 -4.40 5.51 3.14
C GLN A 35 -5.72 6.04 2.57
N LEU A 36 -5.68 7.21 1.96
CA LEU A 36 -6.85 7.83 1.38
C LEU A 36 -7.12 7.28 -0.03
N CYS A 37 -6.12 6.61 -0.59
CA CYS A 37 -6.24 6.04 -1.92
C CYS A 37 -6.72 4.59 -1.85
N HIS A 38 -5.99 3.76 -1.11
CA HIS A 38 -6.35 2.36 -0.96
C HIS A 38 -7.77 2.22 -0.41
N THR A 39 -8.46 1.17 -0.84
CA THR A 39 -9.82 0.91 -0.39
C THR A 39 -10.00 -0.54 0.01
N PRO A 40 -10.48 -0.76 1.24
CA PRO A 40 -10.78 0.32 2.18
C PRO A 40 -9.54 1.05 2.66
N HIS A 41 -9.71 2.31 3.06
CA HIS A 41 -8.59 3.11 3.55
C HIS A 41 -7.76 2.32 4.56
N ILE A 42 -6.46 2.24 4.31
CA ILE A 42 -5.55 1.53 5.20
C ILE A 42 -5.48 2.18 6.57
N ASP A 43 -5.71 1.39 7.61
CA ASP A 43 -5.67 1.89 8.97
C ASP A 43 -4.25 2.29 9.37
N SER A 44 -4.13 3.21 10.32
CA SER A 44 -2.83 3.67 10.78
C SER A 44 -2.08 2.55 11.50
N SER A 45 -2.77 1.85 12.38
CA SER A 45 -2.18 0.75 13.13
C SER A 45 -1.15 0.01 12.29
N VAL A 46 -1.58 -0.50 11.15
CA VAL A 46 -0.71 -1.23 10.24
C VAL A 46 0.60 -0.46 10.00
N ILE A 47 0.46 0.81 9.67
CA ILE A 47 1.62 1.65 9.41
C ILE A 47 2.45 1.85 10.67
N ASP A 48 1.82 2.36 11.72
CA ASP A 48 2.50 2.59 12.99
C ASP A 48 3.53 1.51 13.25
N SER A 49 3.11 0.25 13.13
CA SER A 49 3.99 -0.89 13.37
C SER A 49 4.85 -1.17 12.14
N ASP A 50 5.93 -1.91 12.34
CA ASP A 50 6.83 -2.25 11.24
C ASP A 50 6.46 -3.60 10.64
N GLU A 51 5.18 -3.96 10.74
CA GLU A 51 4.70 -5.23 10.19
C GLU A 51 4.42 -5.11 8.70
N LYS A 52 4.56 -6.22 7.98
CA LYS A 52 4.32 -6.24 6.55
C LYS A 52 2.84 -6.08 6.24
N TRP A 53 2.54 -5.40 5.15
CA TRP A 53 1.15 -5.17 4.74
C TRP A 53 0.94 -5.57 3.28
N LEU A 54 -0.28 -5.97 2.95
CA LEU A 54 -0.62 -6.38 1.59
C LEU A 54 -1.78 -5.56 1.04
N CYS A 55 -1.80 -5.37 -0.27
CA CYS A 55 -2.86 -4.61 -0.91
C CYS A 55 -4.08 -5.49 -1.17
N ARG A 56 -5.23 -4.85 -1.39
CA ARG A 56 -6.46 -5.58 -1.65
C ARG A 56 -6.23 -6.73 -2.62
N GLN A 57 -5.69 -6.41 -3.80
CA GLN A 57 -5.42 -7.42 -4.81
C GLN A 57 -4.78 -8.66 -4.19
N CYS A 58 -3.91 -8.43 -3.21
CA CYS A 58 -3.24 -9.53 -2.52
C CYS A 58 -4.12 -10.15 -1.45
N VAL A 59 -4.51 -9.32 -0.47
CA VAL A 59 -5.37 -9.78 0.61
C VAL A 59 -6.50 -10.64 0.09
N PHE A 60 -7.22 -10.13 -0.90
CA PHE A 60 -8.34 -10.86 -1.50
C PHE A 60 -7.93 -12.28 -1.88
N ALA A 61 -6.74 -12.40 -2.46
CA ALA A 61 -6.23 -13.71 -2.88
C ALA A 61 -5.24 -14.26 -1.86
N THR A 62 -5.74 -14.61 -0.68
CA THR A 62 -4.91 -15.16 0.38
C THR A 62 -5.05 -16.67 0.48
N THR A 63 -6.26 -17.16 0.23
CA THR A 63 -6.53 -18.59 0.29
C THR A 63 -5.56 -19.37 -0.59
N THR A 64 -4.57 -20.00 0.05
CA THR A 64 -3.58 -20.78 -0.68
C THR A 64 -3.58 -22.23 -0.22
N LYS A 65 -3.47 -22.44 1.08
CA LYS A 65 -3.45 -23.78 1.66
C LYS A 65 -4.25 -23.83 2.95
N ARG A 66 -5.08 -24.85 3.10
CA ARG A 66 -5.89 -25.02 4.29
C ARG A 66 -5.14 -24.56 5.54
ZN ZN B . -2.28 7.92 -3.69
ZN ZN C . -0.20 -6.39 -3.40
N GLY A 1 6.94 6.67 -20.05
CA GLY A 1 7.95 5.63 -20.02
C GLY A 1 7.34 4.24 -20.02
N SER A 2 8.20 3.22 -19.90
CA SER A 2 7.75 1.84 -19.89
C SER A 2 7.39 1.40 -18.47
N SER A 3 8.36 1.50 -17.57
CA SER A 3 8.15 1.10 -16.18
C SER A 3 8.68 2.17 -15.23
N GLY A 4 7.83 3.14 -14.91
CA GLY A 4 8.23 4.21 -14.01
C GLY A 4 7.49 4.16 -12.69
N SER A 5 8.09 3.48 -11.71
CA SER A 5 7.48 3.36 -10.39
C SER A 5 8.04 4.39 -9.43
N SER A 6 9.34 4.63 -9.53
CA SER A 6 10.02 5.59 -8.66
C SER A 6 9.38 5.60 -7.26
N GLY A 7 8.95 4.42 -6.82
CA GLY A 7 8.34 4.32 -5.51
C GLY A 7 7.26 5.36 -5.27
N VAL A 8 6.24 5.35 -6.13
CA VAL A 8 5.14 6.30 -6.01
C VAL A 8 3.80 5.60 -5.94
N CYS A 9 2.75 6.35 -5.62
CA CYS A 9 1.41 5.79 -5.52
C CYS A 9 0.97 5.17 -6.84
N THR A 10 -0.11 4.39 -6.80
CA THR A 10 -0.62 3.73 -7.99
C THR A 10 -1.99 4.26 -8.37
N ILE A 11 -2.56 5.09 -7.49
CA ILE A 11 -3.88 5.67 -7.74
C ILE A 11 -3.76 7.13 -8.16
N CYS A 12 -2.92 7.88 -7.45
CA CYS A 12 -2.71 9.29 -7.76
C CYS A 12 -1.30 9.53 -8.29
N GLN A 13 -0.42 8.56 -8.08
CA GLN A 13 0.96 8.67 -8.53
C GLN A 13 1.66 9.85 -7.86
N GLU A 14 1.53 9.91 -6.53
CA GLU A 14 2.16 10.99 -5.77
C GLU A 14 3.15 10.44 -4.76
N GLU A 15 4.37 10.98 -4.76
CA GLU A 15 5.41 10.54 -3.85
C GLU A 15 5.16 11.08 -2.45
N TYR A 16 4.47 12.21 -2.36
CA TYR A 16 4.17 12.84 -1.08
C TYR A 16 3.47 11.85 -0.14
N SER A 17 3.86 11.87 1.13
CA SER A 17 3.28 10.98 2.13
C SER A 17 3.10 11.70 3.46
N GLU A 18 1.84 12.01 3.78
CA GLU A 18 1.53 12.70 5.02
C GLU A 18 0.16 12.29 5.55
N ALA A 19 0.15 11.70 6.75
CA ALA A 19 -1.10 11.25 7.37
C ALA A 19 -2.08 12.41 7.52
N PRO A 20 -3.38 12.09 7.57
CA PRO A 20 -3.85 10.70 7.49
C PRO A 20 -3.66 10.12 6.10
N ASN A 21 -3.13 10.92 5.19
CA ASN A 21 -2.88 10.47 3.81
C ASN A 21 -1.48 9.92 3.65
N GLU A 22 -1.10 9.02 4.56
CA GLU A 22 0.23 8.41 4.53
C GLU A 22 0.33 7.41 3.37
N MET A 23 1.54 6.91 3.14
CA MET A 23 1.78 5.94 2.07
C MET A 23 2.08 4.57 2.64
N VAL A 24 1.78 3.53 1.86
CA VAL A 24 2.02 2.16 2.29
C VAL A 24 2.40 1.27 1.11
N ILE A 25 3.59 0.68 1.17
CA ILE A 25 4.08 -0.19 0.10
C ILE A 25 3.66 -1.63 0.35
N CYS A 26 3.37 -2.35 -0.73
CA CYS A 26 2.96 -3.76 -0.63
C CYS A 26 4.17 -4.67 -0.77
N ASP A 27 4.37 -5.52 0.23
CA ASP A 27 5.49 -6.46 0.22
C ASP A 27 5.44 -7.34 -1.03
N LYS A 28 4.27 -7.89 -1.33
CA LYS A 28 4.10 -8.74 -2.49
C LYS A 28 4.30 -7.96 -3.79
N CYS A 29 3.35 -7.08 -4.11
CA CYS A 29 3.44 -6.27 -5.31
C CYS A 29 4.69 -5.38 -5.29
N GLY A 30 4.75 -4.50 -4.29
CA GLY A 30 5.88 -3.60 -4.17
C GLY A 30 5.51 -2.15 -4.40
N GLN A 31 4.33 -1.93 -4.96
CA GLN A 31 3.85 -0.58 -5.24
C GLN A 31 3.36 0.10 -3.96
N GLY A 32 3.10 1.41 -4.05
CA GLY A 32 2.64 2.14 -2.89
C GLY A 32 1.18 2.53 -3.00
N TYR A 33 0.48 2.54 -1.86
CA TYR A 33 -0.93 2.88 -1.83
C TYR A 33 -1.25 3.76 -0.63
N HIS A 34 -1.56 5.03 -0.89
CA HIS A 34 -1.89 5.98 0.16
C HIS A 34 -3.08 5.49 0.97
N GLN A 35 -3.28 6.09 2.15
CA GLN A 35 -4.38 5.71 3.03
C GLN A 35 -5.72 6.19 2.45
N LEU A 36 -5.71 7.38 1.88
CA LEU A 36 -6.92 7.96 1.29
C LEU A 36 -7.17 7.41 -0.10
N CYS A 37 -6.13 6.81 -0.70
CA CYS A 37 -6.23 6.24 -2.03
C CYS A 37 -6.66 4.78 -1.96
N HIS A 38 -5.89 3.98 -1.22
CA HIS A 38 -6.19 2.56 -1.07
C HIS A 38 -7.62 2.35 -0.57
N THR A 39 -8.27 1.32 -1.06
CA THR A 39 -9.64 1.01 -0.67
C THR A 39 -9.78 -0.44 -0.21
N PRO A 40 -10.22 -0.63 1.04
CA PRO A 40 -10.57 0.47 1.93
C PRO A 40 -9.35 1.26 2.38
N HIS A 41 -9.59 2.40 3.03
CA HIS A 41 -8.51 3.24 3.53
C HIS A 41 -7.67 2.51 4.57
N ILE A 42 -6.41 2.22 4.23
CA ILE A 42 -5.52 1.53 5.14
C ILE A 42 -5.62 2.09 6.56
N ASP A 43 -5.49 1.22 7.54
CA ASP A 43 -5.55 1.64 8.94
C ASP A 43 -4.17 1.97 9.47
N SER A 44 -4.02 3.19 10.00
CA SER A 44 -2.74 3.64 10.54
C SER A 44 -2.06 2.53 11.32
N SER A 45 -2.84 1.84 12.15
CA SER A 45 -2.31 0.76 12.97
C SER A 45 -1.22 -0.01 12.22
N VAL A 46 -1.58 -0.58 11.08
CA VAL A 46 -0.63 -1.34 10.26
C VAL A 46 0.66 -0.55 10.05
N ILE A 47 0.51 0.73 9.70
CA ILE A 47 1.66 1.59 9.46
C ILE A 47 2.51 1.74 10.73
N ASP A 48 1.89 2.28 11.78
CA ASP A 48 2.58 2.48 13.04
C ASP A 48 3.57 1.35 13.30
N SER A 49 3.11 0.12 13.19
CA SER A 49 3.97 -1.04 13.42
C SER A 49 4.83 -1.33 12.19
N ASP A 50 5.89 -2.11 12.40
CA ASP A 50 6.80 -2.46 11.31
C ASP A 50 6.43 -3.81 10.71
N GLU A 51 5.17 -4.20 10.86
CA GLU A 51 4.69 -5.47 10.33
C GLU A 51 4.46 -5.38 8.82
N LYS A 52 4.50 -6.52 8.16
CA LYS A 52 4.29 -6.57 6.72
C LYS A 52 2.82 -6.38 6.37
N TRP A 53 2.55 -5.56 5.37
CA TRP A 53 1.19 -5.28 4.94
C TRP A 53 0.98 -5.71 3.49
N LEU A 54 -0.27 -6.02 3.15
CA LEU A 54 -0.60 -6.43 1.79
C LEU A 54 -1.75 -5.61 1.23
N CYS A 55 -1.72 -5.37 -0.08
CA CYS A 55 -2.76 -4.59 -0.74
C CYS A 55 -3.99 -5.45 -1.04
N ARG A 56 -5.13 -4.80 -1.19
CA ARG A 56 -6.38 -5.51 -1.48
C ARG A 56 -6.14 -6.66 -2.45
N GLN A 57 -5.67 -6.32 -3.65
CA GLN A 57 -5.40 -7.32 -4.66
C GLN A 57 -4.78 -8.58 -4.05
N CYS A 58 -3.88 -8.37 -3.10
CA CYS A 58 -3.21 -9.49 -2.43
C CYS A 58 -4.13 -10.12 -1.39
N VAL A 59 -4.61 -9.30 -0.45
CA VAL A 59 -5.49 -9.78 0.60
C VAL A 59 -6.59 -10.67 0.04
N PHE A 60 -7.27 -10.19 -1.00
CA PHE A 60 -8.34 -10.95 -1.63
C PHE A 60 -7.93 -12.40 -1.83
N ALA A 61 -6.71 -12.61 -2.31
CA ALA A 61 -6.19 -13.95 -2.54
C ALA A 61 -5.69 -14.59 -1.26
N THR A 62 -6.60 -15.09 -0.45
CA THR A 62 -6.24 -15.72 0.82
C THR A 62 -7.00 -17.03 1.02
N THR A 63 -6.39 -17.96 1.75
CA THR A 63 -7.01 -19.26 2.01
C THR A 63 -7.75 -19.25 3.35
N THR A 64 -8.48 -20.31 3.61
CA THR A 64 -9.24 -20.44 4.85
C THR A 64 -9.88 -19.10 5.22
N LYS A 65 -10.40 -18.40 4.23
CA LYS A 65 -11.05 -17.11 4.47
C LYS A 65 -12.00 -17.18 5.65
N ARG A 66 -12.06 -16.10 6.42
CA ARG A 66 -12.93 -16.04 7.59
C ARG A 66 -14.27 -15.40 7.23
ZN ZN B . -2.25 8.20 -3.70
ZN ZN C . -0.15 -6.42 -3.29
N GLY A 1 24.25 6.99 -9.98
CA GLY A 1 22.93 7.54 -9.73
C GLY A 1 22.34 7.07 -8.42
N SER A 2 23.08 7.22 -7.34
CA SER A 2 22.61 6.80 -6.02
C SER A 2 21.27 7.45 -5.68
N SER A 3 20.67 7.01 -4.58
CA SER A 3 19.38 7.55 -4.14
C SER A 3 18.34 7.40 -5.24
N GLY A 4 18.35 6.26 -5.92
CA GLY A 4 17.41 6.01 -6.98
C GLY A 4 16.34 4.99 -6.59
N SER A 5 15.12 5.46 -6.39
CA SER A 5 14.02 4.59 -6.00
C SER A 5 12.68 5.16 -6.46
N SER A 6 12.08 4.52 -7.46
CA SER A 6 10.80 4.97 -7.99
C SER A 6 9.64 4.22 -7.34
N GLY A 7 9.24 4.68 -6.16
CA GLY A 7 8.15 4.04 -5.45
C GLY A 7 7.04 5.01 -5.10
N VAL A 8 6.44 5.61 -6.12
CA VAL A 8 5.36 6.56 -5.92
C VAL A 8 4.00 5.87 -5.91
N CYS A 9 2.97 6.59 -5.47
CA CYS A 9 1.62 6.04 -5.41
C CYS A 9 1.21 5.48 -6.77
N THR A 10 0.11 4.74 -6.79
CA THR A 10 -0.40 4.14 -8.02
C THR A 10 -1.75 4.73 -8.39
N ILE A 11 -2.33 5.51 -7.48
CA ILE A 11 -3.63 6.12 -7.71
C ILE A 11 -3.48 7.58 -8.14
N CYS A 12 -2.78 8.36 -7.31
CA CYS A 12 -2.57 9.77 -7.60
C CYS A 12 -1.15 10.02 -8.08
N GLN A 13 -0.29 9.02 -7.90
CA GLN A 13 1.11 9.13 -8.32
C GLN A 13 1.82 10.26 -7.57
N GLU A 14 1.66 10.26 -6.25
CA GLU A 14 2.28 11.29 -5.43
C GLU A 14 3.19 10.66 -4.37
N GLU A 15 4.40 11.19 -4.24
CA GLU A 15 5.36 10.68 -3.26
C GLU A 15 5.08 11.25 -1.87
N TYR A 16 4.54 12.46 -1.83
CA TYR A 16 4.23 13.11 -0.57
C TYR A 16 3.33 12.23 0.29
N SER A 17 3.74 12.05 1.55
CA SER A 17 2.99 11.22 2.48
C SER A 17 2.83 11.92 3.83
N GLU A 18 1.60 12.02 4.31
CA GLU A 18 1.31 12.67 5.58
C GLU A 18 0.02 12.14 6.18
N ALA A 19 0.14 11.38 7.27
CA ALA A 19 -1.02 10.82 7.94
C ALA A 19 -2.06 11.89 8.24
N PRO A 20 -3.33 11.48 8.34
CA PRO A 20 -3.72 10.07 8.18
C PRO A 20 -3.58 9.59 6.74
N ASN A 21 -3.15 10.49 5.87
CA ASN A 21 -2.98 10.15 4.46
C ASN A 21 -1.54 9.74 4.17
N GLU A 22 -1.07 8.70 4.85
CA GLU A 22 0.29 8.21 4.67
C GLU A 22 0.37 7.24 3.49
N MET A 23 1.57 6.80 3.19
CA MET A 23 1.79 5.87 2.08
C MET A 23 2.16 4.48 2.60
N VAL A 24 1.76 3.45 1.87
CA VAL A 24 2.05 2.07 2.24
C VAL A 24 2.43 1.23 1.03
N ILE A 25 3.58 0.58 1.11
CA ILE A 25 4.05 -0.26 0.02
C ILE A 25 3.67 -1.72 0.25
N CYS A 26 3.23 -2.38 -0.82
CA CYS A 26 2.84 -3.78 -0.74
C CYS A 26 4.07 -4.69 -0.74
N ASP A 27 4.08 -5.66 0.18
CA ASP A 27 5.19 -6.59 0.28
C ASP A 27 5.27 -7.48 -0.96
N LYS A 28 4.12 -7.77 -1.56
CA LYS A 28 4.07 -8.60 -2.74
C LYS A 28 4.39 -7.79 -4.00
N CYS A 29 3.44 -6.95 -4.42
CA CYS A 29 3.63 -6.11 -5.60
C CYS A 29 4.85 -5.23 -5.44
N GLY A 30 4.78 -4.28 -4.51
CA GLY A 30 5.89 -3.38 -4.28
C GLY A 30 5.50 -1.92 -4.47
N GLN A 31 4.32 -1.70 -5.03
CA GLN A 31 3.83 -0.35 -5.27
C GLN A 31 3.24 0.25 -3.99
N GLY A 32 3.21 1.59 -3.94
CA GLY A 32 2.66 2.27 -2.78
C GLY A 32 1.21 2.66 -2.95
N TYR A 33 0.47 2.69 -1.86
CA TYR A 33 -0.94 3.06 -1.90
C TYR A 33 -1.33 3.88 -0.67
N HIS A 34 -1.56 5.17 -0.90
CA HIS A 34 -1.94 6.09 0.18
C HIS A 34 -3.16 5.55 0.93
N GLN A 35 -3.32 5.99 2.18
CA GLN A 35 -4.44 5.57 2.99
C GLN A 35 -5.76 6.07 2.43
N LEU A 36 -5.71 7.25 1.79
CA LEU A 36 -6.91 7.84 1.19
C LEU A 36 -7.11 7.34 -0.23
N CYS A 37 -6.07 6.75 -0.80
CA CYS A 37 -6.14 6.22 -2.16
C CYS A 37 -6.55 4.75 -2.16
N HIS A 38 -5.76 3.92 -1.49
CA HIS A 38 -6.05 2.48 -1.41
C HIS A 38 -7.52 2.25 -1.06
N THR A 39 -8.03 1.09 -1.45
CA THR A 39 -9.42 0.74 -1.19
C THR A 39 -9.54 -0.71 -0.72
N PRO A 40 -10.10 -0.90 0.48
CA PRO A 40 -10.58 0.20 1.31
C PRO A 40 -9.44 1.05 1.88
N HIS A 41 -9.79 2.10 2.61
CA HIS A 41 -8.79 2.98 3.19
C HIS A 41 -7.94 2.23 4.22
N ILE A 42 -6.63 2.21 3.99
CA ILE A 42 -5.71 1.51 4.89
C ILE A 42 -5.75 2.15 6.28
N ASP A 43 -5.57 1.31 7.30
CA ASP A 43 -5.57 1.77 8.69
C ASP A 43 -4.18 2.22 9.12
N SER A 44 -4.12 3.18 10.03
CA SER A 44 -2.86 3.70 10.52
C SER A 44 -2.12 2.66 11.35
N SER A 45 -2.85 2.02 12.28
CA SER A 45 -2.27 1.01 13.14
C SER A 45 -1.28 0.14 12.37
N VAL A 46 -1.71 -0.32 11.19
CA VAL A 46 -0.86 -1.16 10.34
C VAL A 46 0.51 -0.52 10.11
N ILE A 47 0.49 0.75 9.71
CA ILE A 47 1.73 1.49 9.45
C ILE A 47 2.59 1.57 10.71
N ASP A 48 2.03 2.14 11.76
CA ASP A 48 2.74 2.27 13.04
C ASP A 48 3.58 1.03 13.32
N SER A 49 2.93 -0.13 13.29
CA SER A 49 3.61 -1.39 13.55
C SER A 49 4.52 -1.77 12.39
N ASP A 50 5.50 -2.64 12.66
CA ASP A 50 6.43 -3.08 11.65
C ASP A 50 5.94 -4.36 10.99
N GLU A 51 4.62 -4.54 10.93
CA GLU A 51 4.03 -5.72 10.33
C GLU A 51 4.02 -5.62 8.81
N LYS A 52 3.88 -6.75 8.14
CA LYS A 52 3.85 -6.78 6.68
C LYS A 52 2.43 -6.58 6.16
N TRP A 53 2.24 -5.53 5.37
CA TRP A 53 0.93 -5.23 4.80
C TRP A 53 0.85 -5.66 3.34
N LEU A 54 -0.36 -5.99 2.89
CA LEU A 54 -0.56 -6.42 1.51
C LEU A 54 -1.78 -5.73 0.91
N CYS A 55 -1.63 -5.24 -0.32
CA CYS A 55 -2.72 -4.57 -1.01
C CYS A 55 -3.91 -5.49 -1.20
N ARG A 56 -5.10 -4.91 -1.31
CA ARG A 56 -6.32 -5.69 -1.48
C ARG A 56 -6.10 -6.83 -2.47
N GLN A 57 -5.81 -6.48 -3.72
CA GLN A 57 -5.57 -7.47 -4.76
C GLN A 57 -4.87 -8.70 -4.18
N CYS A 58 -3.91 -8.46 -3.29
CA CYS A 58 -3.15 -9.54 -2.67
C CYS A 58 -3.94 -10.17 -1.53
N VAL A 59 -4.45 -9.33 -0.63
CA VAL A 59 -5.22 -9.80 0.51
C VAL A 59 -6.39 -10.67 0.07
N PHE A 60 -7.26 -10.11 -0.77
CA PHE A 60 -8.42 -10.83 -1.27
C PHE A 60 -8.04 -12.27 -1.65
N ALA A 61 -6.92 -12.41 -2.34
CA ALA A 61 -6.45 -13.72 -2.76
C ALA A 61 -5.82 -14.48 -1.60
N THR A 62 -6.58 -14.64 -0.52
CA THR A 62 -6.10 -15.34 0.66
C THR A 62 -6.93 -16.60 0.93
N THR A 63 -7.32 -17.28 -0.14
CA THR A 63 -8.11 -18.50 -0.02
C THR A 63 -7.40 -19.69 -0.64
N THR A 64 -7.96 -20.88 -0.45
CA THR A 64 -7.38 -22.10 -0.99
C THR A 64 -8.02 -22.46 -2.33
N LYS A 65 -7.37 -22.05 -3.42
CA LYS A 65 -7.87 -22.33 -4.76
C LYS A 65 -6.88 -23.19 -5.54
N ARG A 66 -7.25 -23.55 -6.76
CA ARG A 66 -6.38 -24.37 -7.62
C ARG A 66 -5.11 -23.62 -7.97
ZN ZN B . -2.10 8.43 -3.73
ZN ZN C . -0.05 -6.42 -3.66
N GLY A 1 11.89 4.14 -23.26
CA GLY A 1 11.29 2.94 -22.71
C GLY A 1 10.72 3.16 -21.33
N SER A 2 11.48 3.83 -20.47
CA SER A 2 11.03 4.10 -19.11
C SER A 2 10.41 5.49 -19.00
N SER A 3 9.29 5.57 -18.31
CA SER A 3 8.59 6.85 -18.13
C SER A 3 9.22 7.66 -17.01
N GLY A 4 9.25 7.09 -15.81
CA GLY A 4 9.83 7.78 -14.67
C GLY A 4 8.96 7.71 -13.44
N SER A 5 8.46 6.51 -13.15
CA SER A 5 7.60 6.30 -11.98
C SER A 5 8.19 5.25 -11.05
N SER A 6 9.08 5.68 -10.16
CA SER A 6 9.72 4.78 -9.22
C SER A 6 9.27 5.07 -7.79
N GLY A 7 8.84 4.02 -7.08
CA GLY A 7 8.38 4.18 -5.72
C GLY A 7 7.30 5.24 -5.60
N VAL A 8 6.19 5.04 -6.29
CA VAL A 8 5.08 5.98 -6.25
C VAL A 8 3.74 5.25 -6.16
N CYS A 9 2.71 5.98 -5.78
CA CYS A 9 1.36 5.41 -5.66
C CYS A 9 0.97 4.68 -6.94
N THR A 10 -0.15 3.97 -6.88
CA THR A 10 -0.65 3.22 -8.03
C THR A 10 -2.02 3.71 -8.46
N ILE A 11 -2.63 4.55 -7.62
CA ILE A 11 -3.96 5.09 -7.91
C ILE A 11 -3.85 6.50 -8.50
N CYS A 12 -3.09 7.36 -7.82
CA CYS A 12 -2.91 8.72 -8.27
C CYS A 12 -1.49 8.94 -8.81
N GLN A 13 -0.61 7.99 -8.52
CA GLN A 13 0.77 8.08 -8.98
C GLN A 13 1.47 9.29 -8.37
N GLU A 14 1.36 9.43 -7.05
CA GLU A 14 1.98 10.54 -6.35
C GLU A 14 2.90 10.05 -5.25
N GLU A 15 4.07 10.66 -5.14
CA GLU A 15 5.05 10.28 -4.12
C GLU A 15 4.73 10.93 -2.78
N TYR A 16 4.21 12.15 -2.84
CA TYR A 16 3.86 12.89 -1.63
C TYR A 16 3.11 11.99 -0.65
N SER A 17 3.57 12.00 0.61
CA SER A 17 2.95 11.18 1.65
C SER A 17 2.89 11.95 2.97
N GLU A 18 1.72 11.93 3.60
CA GLU A 18 1.53 12.62 4.86
C GLU A 18 0.29 12.10 5.60
N ALA A 19 0.51 11.54 6.78
CA ALA A 19 -0.59 10.99 7.58
C ALA A 19 -1.63 12.06 7.88
N PRO A 20 -2.87 11.62 8.15
CA PRO A 20 -3.21 10.20 8.16
C PRO A 20 -3.19 9.59 6.75
N ASN A 21 -2.89 10.42 5.76
CA ASN A 21 -2.83 9.96 4.37
C ASN A 21 -1.42 9.55 4.00
N GLU A 22 -0.80 8.73 4.84
CA GLU A 22 0.55 8.26 4.59
C GLU A 22 0.59 7.26 3.44
N MET A 23 1.79 6.84 3.05
CA MET A 23 1.95 5.89 1.96
C MET A 23 2.33 4.51 2.50
N VAL A 24 1.76 3.46 1.90
CA VAL A 24 2.03 2.10 2.31
C VAL A 24 2.41 1.23 1.11
N ILE A 25 3.62 0.66 1.16
CA ILE A 25 4.09 -0.19 0.08
C ILE A 25 3.76 -1.66 0.35
N CYS A 26 3.36 -2.36 -0.70
CA CYS A 26 3.00 -3.77 -0.58
C CYS A 26 4.26 -4.64 -0.52
N ASP A 27 4.17 -5.73 0.24
CA ASP A 27 5.30 -6.65 0.39
C ASP A 27 5.38 -7.60 -0.81
N LYS A 28 4.21 -8.04 -1.30
CA LYS A 28 4.16 -8.94 -2.44
C LYS A 28 4.52 -8.22 -3.73
N CYS A 29 3.58 -7.41 -4.22
CA CYS A 29 3.80 -6.66 -5.45
C CYS A 29 4.97 -5.70 -5.31
N GLY A 30 4.82 -4.71 -4.43
CA GLY A 30 5.88 -3.74 -4.22
C GLY A 30 5.48 -2.34 -4.63
N GLN A 31 4.18 -2.05 -4.56
CA GLN A 31 3.66 -0.74 -4.93
C GLN A 31 3.09 -0.01 -3.72
N GLY A 32 3.00 1.31 -3.83
CA GLY A 32 2.47 2.11 -2.73
C GLY A 32 1.02 2.47 -2.93
N TYR A 33 0.28 2.57 -1.82
CA TYR A 33 -1.14 2.90 -1.88
C TYR A 33 -1.53 3.83 -0.74
N HIS A 34 -1.75 5.10 -1.07
CA HIS A 34 -2.13 6.10 -0.07
C HIS A 34 -3.36 5.65 0.70
N GLN A 35 -3.35 5.87 2.01
CA GLN A 35 -4.47 5.49 2.86
C GLN A 35 -5.78 6.05 2.33
N LEU A 36 -5.69 7.15 1.59
CA LEU A 36 -6.87 7.79 1.01
C LEU A 36 -7.18 7.20 -0.36
N CYS A 37 -6.20 6.56 -0.97
CA CYS A 37 -6.37 5.96 -2.28
C CYS A 37 -6.86 4.52 -2.16
N HIS A 38 -6.14 3.72 -1.36
CA HIS A 38 -6.50 2.32 -1.16
C HIS A 38 -7.92 2.20 -0.60
N THR A 39 -8.69 1.27 -1.17
CA THR A 39 -10.05 1.05 -0.72
C THR A 39 -10.27 -0.40 -0.28
N PRO A 40 -10.71 -0.57 0.98
CA PRO A 40 -10.98 0.55 1.88
C PRO A 40 -9.70 1.25 2.33
N HIS A 41 -9.86 2.41 2.96
CA HIS A 41 -8.72 3.18 3.44
C HIS A 41 -7.91 2.38 4.45
N ILE A 42 -6.65 2.11 4.11
CA ILE A 42 -5.77 1.35 4.99
C ILE A 42 -5.72 1.97 6.39
N ASP A 43 -5.74 1.11 7.42
CA ASP A 43 -5.70 1.56 8.79
C ASP A 43 -4.29 2.00 9.19
N SER A 44 -4.21 3.02 10.02
CA SER A 44 -2.92 3.54 10.48
C SER A 44 -2.16 2.49 11.29
N SER A 45 -2.88 1.81 12.18
CA SER A 45 -2.29 0.79 13.03
C SER A 45 -1.23 0.00 12.26
N VAL A 46 -1.66 -0.61 11.15
CA VAL A 46 -0.76 -1.40 10.33
C VAL A 46 0.55 -0.67 10.09
N ILE A 47 0.45 0.59 9.67
CA ILE A 47 1.63 1.41 9.41
C ILE A 47 2.52 1.51 10.65
N ASP A 48 1.99 2.11 11.71
CA ASP A 48 2.72 2.26 12.95
C ASP A 48 3.52 1.00 13.28
N SER A 49 2.89 -0.15 13.06
CA SER A 49 3.55 -1.43 13.34
C SER A 49 4.57 -1.76 12.25
N ASP A 50 5.51 -2.64 12.58
CA ASP A 50 6.54 -3.05 11.64
C ASP A 50 6.14 -4.32 10.90
N GLU A 51 4.84 -4.51 10.73
CA GLU A 51 4.33 -5.69 10.05
C GLU A 51 4.22 -5.44 8.55
N LYS A 52 4.25 -6.52 7.77
CA LYS A 52 4.16 -6.43 6.32
C LYS A 52 2.71 -6.30 5.87
N TRP A 53 2.39 -5.19 5.21
CA TRP A 53 1.02 -4.95 4.73
C TRP A 53 0.87 -5.41 3.28
N LEU A 54 -0.32 -5.87 2.93
CA LEU A 54 -0.60 -6.34 1.58
C LEU A 54 -1.71 -5.50 0.93
N CYS A 55 -1.65 -5.39 -0.40
CA CYS A 55 -2.64 -4.62 -1.13
C CYS A 55 -3.93 -5.43 -1.31
N ARG A 56 -5.03 -4.73 -1.57
CA ARG A 56 -6.32 -5.38 -1.76
C ARG A 56 -6.19 -6.59 -2.67
N GLN A 57 -5.48 -6.43 -3.78
CA GLN A 57 -5.28 -7.52 -4.72
C GLN A 57 -4.73 -8.76 -4.02
N CYS A 58 -3.76 -8.55 -3.14
CA CYS A 58 -3.14 -9.64 -2.39
C CYS A 58 -4.04 -10.10 -1.25
N VAL A 59 -4.32 -9.18 -0.33
CA VAL A 59 -5.17 -9.48 0.81
C VAL A 59 -6.41 -10.25 0.39
N PHE A 60 -7.07 -9.76 -0.65
CA PHE A 60 -8.28 -10.40 -1.16
C PHE A 60 -7.99 -11.83 -1.61
N ALA A 61 -6.86 -12.02 -2.27
CA ALA A 61 -6.47 -13.34 -2.75
C ALA A 61 -5.86 -14.18 -1.62
N THR A 62 -6.51 -14.16 -0.46
CA THR A 62 -6.04 -14.91 0.69
C THR A 62 -6.68 -16.30 0.73
N THR A 63 -6.13 -17.21 -0.06
CA THR A 63 -6.64 -18.58 -0.11
C THR A 63 -5.51 -19.58 -0.21
N THR A 64 -5.82 -20.85 0.07
CA THR A 64 -4.82 -21.91 0.02
C THR A 64 -5.08 -22.85 -1.15
N LYS A 65 -4.02 -23.28 -1.81
CA LYS A 65 -4.13 -24.18 -2.96
C LYS A 65 -4.26 -25.64 -2.49
N ARG A 66 -4.93 -26.45 -3.30
CA ARG A 66 -5.12 -27.86 -2.97
C ARG A 66 -3.78 -28.60 -2.94
ZN ZN B . -2.36 7.94 -4.20
ZN ZN C . 0.23 -6.73 -3.31
N GLY A 1 9.29 5.95 -16.29
CA GLY A 1 10.11 4.76 -16.31
C GLY A 1 10.57 4.35 -14.93
N SER A 2 11.83 3.92 -14.83
CA SER A 2 12.38 3.49 -13.55
C SER A 2 13.75 4.14 -13.31
N SER A 3 13.84 4.95 -12.27
CA SER A 3 15.08 5.62 -11.94
C SER A 3 15.05 6.16 -10.51
N GLY A 4 15.95 5.63 -9.67
CA GLY A 4 16.00 6.06 -8.28
C GLY A 4 14.82 5.56 -7.47
N SER A 5 15.06 5.27 -6.20
CA SER A 5 14.01 4.77 -5.31
C SER A 5 12.95 5.85 -5.07
N SER A 6 11.96 5.89 -5.95
CA SER A 6 10.88 6.88 -5.82
C SER A 6 9.62 6.24 -5.24
N GLY A 7 9.22 5.11 -5.81
CA GLY A 7 8.03 4.42 -5.33
C GLY A 7 6.90 5.37 -5.01
N VAL A 8 6.18 5.79 -6.05
CA VAL A 8 5.06 6.72 -5.88
C VAL A 8 3.74 5.96 -5.84
N CYS A 9 2.69 6.64 -5.39
CA CYS A 9 1.37 6.05 -5.32
C CYS A 9 0.96 5.44 -6.66
N THR A 10 -0.11 4.65 -6.65
CA THR A 10 -0.61 4.01 -7.86
C THR A 10 -2.01 4.52 -8.22
N ILE A 11 -2.56 5.35 -7.36
CA ILE A 11 -3.90 5.91 -7.58
C ILE A 11 -3.82 7.37 -8.00
N CYS A 12 -3.10 8.17 -7.21
CA CYS A 12 -2.95 9.59 -7.50
C CYS A 12 -1.54 9.90 -8.00
N GLN A 13 -0.64 8.92 -7.86
CA GLN A 13 0.74 9.09 -8.30
C GLN A 13 1.41 10.25 -7.57
N GLU A 14 1.36 10.23 -6.24
CA GLU A 14 1.95 11.28 -5.43
C GLU A 14 2.94 10.70 -4.43
N GLU A 15 4.13 11.30 -4.35
CA GLU A 15 5.16 10.84 -3.44
C GLU A 15 4.88 11.33 -2.02
N TYR A 16 4.19 12.47 -1.92
CA TYR A 16 3.86 13.05 -0.63
C TYR A 16 3.17 12.03 0.27
N SER A 17 3.65 11.93 1.52
CA SER A 17 3.09 10.99 2.48
C SER A 17 3.03 11.61 3.87
N GLU A 18 1.82 11.90 4.34
CA GLU A 18 1.63 12.49 5.66
C GLU A 18 0.41 11.89 6.36
N ALA A 19 0.65 11.23 7.48
CA ALA A 19 -0.44 10.62 8.25
C ALA A 19 -1.48 11.64 8.64
N PRO A 20 -2.73 11.18 8.83
CA PRO A 20 -3.08 9.77 8.68
C PRO A 20 -3.03 9.32 7.22
N ASN A 21 -2.69 10.24 6.33
CA ASN A 21 -2.60 9.93 4.91
C ASN A 21 -1.19 9.54 4.52
N GLU A 22 -0.67 8.50 5.16
CA GLU A 22 0.68 8.02 4.88
C GLU A 22 0.68 7.07 3.69
N MET A 23 1.87 6.64 3.29
CA MET A 23 2.01 5.72 2.16
C MET A 23 2.35 4.31 2.65
N VAL A 24 1.69 3.32 2.07
CA VAL A 24 1.92 1.93 2.44
C VAL A 24 2.31 1.09 1.22
N ILE A 25 3.46 0.45 1.30
CA ILE A 25 3.95 -0.39 0.21
C ILE A 25 3.53 -1.84 0.40
N CYS A 26 3.08 -2.47 -0.69
CA CYS A 26 2.64 -3.85 -0.65
C CYS A 26 3.84 -4.80 -0.65
N ASP A 27 3.86 -5.72 0.29
CA ASP A 27 4.95 -6.70 0.39
C ASP A 27 5.09 -7.49 -0.91
N LYS A 28 3.96 -7.90 -1.46
CA LYS A 28 3.94 -8.68 -2.70
C LYS A 28 4.18 -7.77 -3.91
N CYS A 29 3.15 -7.02 -4.29
CA CYS A 29 3.24 -6.12 -5.42
C CYS A 29 4.49 -5.25 -5.33
N GLY A 30 4.58 -4.46 -4.26
CA GLY A 30 5.73 -3.59 -4.06
C GLY A 30 5.39 -2.13 -4.26
N GLN A 31 4.19 -1.87 -4.75
CA GLN A 31 3.74 -0.50 -4.99
C GLN A 31 3.20 0.12 -3.71
N GLY A 32 3.08 1.45 -3.71
CA GLY A 32 2.58 2.15 -2.54
C GLY A 32 1.17 2.65 -2.73
N TYR A 33 0.39 2.66 -1.64
CA TYR A 33 -0.99 3.13 -1.69
C TYR A 33 -1.33 3.98 -0.47
N HIS A 34 -1.73 5.21 -0.72
CA HIS A 34 -2.10 6.13 0.36
C HIS A 34 -3.29 5.60 1.15
N GLN A 35 -3.33 5.91 2.45
CA GLN A 35 -4.42 5.46 3.30
C GLN A 35 -5.76 5.97 2.80
N LEU A 36 -5.72 7.05 2.02
CA LEU A 36 -6.93 7.64 1.47
C LEU A 36 -7.19 7.14 0.05
N CYS A 37 -6.15 6.60 -0.57
CA CYS A 37 -6.27 6.09 -1.93
C CYS A 37 -6.65 4.61 -1.92
N HIS A 38 -5.87 3.80 -1.22
CA HIS A 38 -6.13 2.37 -1.12
C HIS A 38 -7.56 2.11 -0.66
N THR A 39 -8.23 1.18 -1.33
CA THR A 39 -9.61 0.84 -0.99
C THR A 39 -9.73 -0.63 -0.62
N PRO A 40 -10.24 -0.90 0.59
CA PRO A 40 -10.65 0.15 1.54
C PRO A 40 -9.45 0.92 2.08
N HIS A 41 -9.73 2.05 2.73
CA HIS A 41 -8.69 2.88 3.31
C HIS A 41 -7.86 2.09 4.33
N ILE A 42 -6.54 2.11 4.14
CA ILE A 42 -5.64 1.40 5.04
C ILE A 42 -5.63 2.03 6.43
N ASP A 43 -5.64 1.19 7.45
CA ASP A 43 -5.62 1.66 8.84
C ASP A 43 -4.23 2.13 9.24
N SER A 44 -4.17 3.28 9.90
CA SER A 44 -2.90 3.84 10.35
C SER A 44 -2.11 2.83 11.17
N SER A 45 -2.78 2.24 12.15
CA SER A 45 -2.14 1.25 13.03
C SER A 45 -1.12 0.43 12.24
N VAL A 46 -1.59 -0.19 11.16
CA VAL A 46 -0.72 -1.02 10.32
C VAL A 46 0.64 -0.35 10.11
N ILE A 47 0.61 0.89 9.66
CA ILE A 47 1.83 1.66 9.41
C ILE A 47 2.69 1.72 10.67
N ASP A 48 2.13 2.30 11.72
CA ASP A 48 2.85 2.44 12.99
C ASP A 48 3.76 1.24 13.23
N SER A 49 3.17 0.04 13.22
CA SER A 49 3.92 -1.18 13.44
C SER A 49 4.70 -1.58 12.19
N ASP A 50 5.90 -2.12 12.38
CA ASP A 50 6.73 -2.54 11.27
C ASP A 50 6.32 -3.93 10.77
N GLU A 51 5.02 -4.12 10.59
CA GLU A 51 4.50 -5.40 10.12
C GLU A 51 4.39 -5.42 8.60
N LYS A 52 4.07 -6.58 8.05
CA LYS A 52 3.93 -6.74 6.60
C LYS A 52 2.49 -6.56 6.18
N TRP A 53 2.22 -5.52 5.41
CA TRP A 53 0.87 -5.23 4.93
C TRP A 53 0.74 -5.58 3.45
N LEU A 54 -0.41 -6.15 3.08
CA LEU A 54 -0.66 -6.53 1.69
C LEU A 54 -1.87 -5.77 1.13
N CYS A 55 -1.77 -5.35 -0.12
CA CYS A 55 -2.85 -4.63 -0.77
C CYS A 55 -4.05 -5.55 -1.03
N ARG A 56 -5.22 -4.95 -1.22
CA ARG A 56 -6.43 -5.72 -1.46
C ARG A 56 -6.18 -6.80 -2.50
N GLN A 57 -5.83 -6.39 -3.71
CA GLN A 57 -5.56 -7.33 -4.80
C GLN A 57 -4.94 -8.61 -4.26
N CYS A 58 -4.01 -8.47 -3.32
CA CYS A 58 -3.33 -9.61 -2.72
C CYS A 58 -4.19 -10.25 -1.63
N VAL A 59 -4.58 -9.45 -0.65
CA VAL A 59 -5.41 -9.94 0.45
C VAL A 59 -6.53 -10.83 -0.07
N PHE A 60 -7.10 -10.46 -1.20
CA PHE A 60 -8.19 -11.23 -1.80
C PHE A 60 -7.70 -12.58 -2.27
N ALA A 61 -6.57 -12.60 -2.96
CA ALA A 61 -5.98 -13.84 -3.46
C ALA A 61 -5.21 -14.56 -2.37
N THR A 62 -5.81 -14.65 -1.18
CA THR A 62 -5.18 -15.32 -0.05
C THR A 62 -5.61 -16.78 0.04
N THR A 63 -4.68 -17.65 0.41
CA THR A 63 -4.95 -19.08 0.53
C THR A 63 -5.65 -19.38 1.85
N THR A 64 -6.97 -19.46 1.81
CA THR A 64 -7.76 -19.75 3.00
C THR A 64 -8.93 -20.68 2.69
N LYS A 65 -9.14 -21.67 3.54
CA LYS A 65 -10.22 -22.62 3.35
C LYS A 65 -11.58 -21.95 3.47
N ARG A 66 -12.49 -22.25 2.55
CA ARG A 66 -13.82 -21.66 2.57
C ARG A 66 -13.77 -20.21 3.02
ZN ZN B . -2.38 8.33 -3.57
ZN ZN C . -0.30 -6.44 -3.44
N GLY A 1 6.77 2.66 -23.61
CA GLY A 1 7.38 3.58 -22.67
C GLY A 1 8.82 3.19 -22.34
N SER A 2 9.01 1.95 -21.92
CA SER A 2 10.34 1.46 -21.57
C SER A 2 10.92 2.27 -20.42
N SER A 3 10.09 2.55 -19.42
CA SER A 3 10.52 3.31 -18.26
C SER A 3 10.41 2.49 -16.99
N GLY A 4 11.39 2.62 -16.10
CA GLY A 4 11.38 1.88 -14.86
C GLY A 4 10.24 2.29 -13.94
N SER A 5 10.21 1.72 -12.74
CA SER A 5 9.16 2.03 -11.78
C SER A 5 9.70 2.89 -10.64
N SER A 6 8.81 3.55 -9.92
CA SER A 6 9.20 4.41 -8.80
C SER A 6 8.40 4.06 -7.55
N GLY A 7 8.85 4.57 -6.41
CA GLY A 7 8.16 4.30 -5.15
C GLY A 7 7.02 5.27 -4.91
N VAL A 8 6.23 5.53 -5.95
CA VAL A 8 5.10 6.43 -5.84
C VAL A 8 3.79 5.66 -5.78
N CYS A 9 2.70 6.37 -5.47
CA CYS A 9 1.39 5.76 -5.38
C CYS A 9 0.99 5.11 -6.71
N THR A 10 -0.05 4.30 -6.67
CA THR A 10 -0.52 3.61 -7.86
C THR A 10 -1.91 4.10 -8.27
N ILE A 11 -2.53 4.90 -7.40
CA ILE A 11 -3.85 5.43 -7.66
C ILE A 11 -3.77 6.87 -8.18
N CYS A 12 -3.08 7.71 -7.43
CA CYS A 12 -2.93 9.12 -7.80
C CYS A 12 -1.50 9.39 -8.29
N GLN A 13 -0.60 8.44 -8.06
CA GLN A 13 0.79 8.57 -8.46
C GLN A 13 1.42 9.79 -7.81
N GLU A 14 1.31 9.87 -6.48
CA GLU A 14 1.88 10.99 -5.75
C GLU A 14 2.81 10.50 -4.64
N GLU A 15 4.00 11.08 -4.58
CA GLU A 15 4.98 10.69 -3.57
C GLU A 15 4.62 11.28 -2.20
N TYR A 16 4.00 12.45 -2.21
CA TYR A 16 3.60 13.11 -0.98
C TYR A 16 2.81 12.17 -0.08
N SER A 17 3.24 12.05 1.17
CA SER A 17 2.57 11.18 2.13
C SER A 17 2.54 11.82 3.52
N GLU A 18 1.36 12.23 3.94
CA GLU A 18 1.19 12.86 5.24
C GLU A 18 -0.03 12.31 5.97
N ALA A 19 0.20 11.52 7.01
CA ALA A 19 -0.88 10.93 7.78
C ALA A 19 -1.96 11.95 8.10
N PRO A 20 -3.19 11.47 8.31
CA PRO A 20 -3.51 10.04 8.24
C PRO A 20 -3.43 9.49 6.83
N ASN A 21 -3.10 10.36 5.87
CA ASN A 21 -3.00 9.96 4.48
C ASN A 21 -1.58 9.48 4.15
N GLU A 22 -1.01 8.69 5.05
CA GLU A 22 0.34 8.16 4.86
C GLU A 22 0.38 7.17 3.70
N MET A 23 1.58 6.73 3.35
CA MET A 23 1.76 5.78 2.26
C MET A 23 2.17 4.42 2.79
N VAL A 24 1.77 3.37 2.08
CA VAL A 24 2.10 2.00 2.48
C VAL A 24 2.45 1.14 1.27
N ILE A 25 3.63 0.56 1.29
CA ILE A 25 4.09 -0.29 0.20
C ILE A 25 3.69 -1.75 0.43
N CYS A 26 3.30 -2.42 -0.64
CA CYS A 26 2.91 -3.82 -0.55
C CYS A 26 4.13 -4.74 -0.46
N ASP A 27 3.95 -5.88 0.18
CA ASP A 27 5.04 -6.84 0.35
C ASP A 27 5.20 -7.70 -0.92
N LYS A 28 4.06 -8.10 -1.48
CA LYS A 28 4.08 -8.93 -2.69
C LYS A 28 4.46 -8.09 -3.91
N CYS A 29 3.52 -7.28 -4.38
CA CYS A 29 3.76 -6.42 -5.55
C CYS A 29 4.96 -5.51 -5.31
N GLY A 30 4.81 -4.60 -4.35
CA GLY A 30 5.88 -3.67 -4.05
C GLY A 30 5.54 -2.24 -4.43
N GLN A 31 4.25 -1.91 -4.39
CA GLN A 31 3.78 -0.57 -4.73
C GLN A 31 3.15 0.11 -3.52
N GLY A 32 3.14 1.43 -3.53
CA GLY A 32 2.55 2.18 -2.43
C GLY A 32 1.10 2.53 -2.68
N TYR A 33 0.33 2.63 -1.60
CA TYR A 33 -1.08 2.96 -1.70
C TYR A 33 -1.53 3.83 -0.53
N HIS A 34 -1.77 5.11 -0.80
CA HIS A 34 -2.20 6.04 0.22
C HIS A 34 -3.42 5.50 0.97
N GLN A 35 -3.51 5.82 2.26
CA GLN A 35 -4.62 5.37 3.09
C GLN A 35 -5.95 5.86 2.52
N LEU A 36 -5.91 6.99 1.82
CA LEU A 36 -7.11 7.56 1.23
C LEU A 36 -7.36 7.00 -0.16
N CYS A 37 -6.33 6.42 -0.75
CA CYS A 37 -6.43 5.83 -2.08
C CYS A 37 -6.85 4.37 -2.00
N HIS A 38 -6.10 3.58 -1.24
CA HIS A 38 -6.39 2.16 -1.07
C HIS A 38 -7.81 1.95 -0.55
N THR A 39 -8.61 1.22 -1.32
CA THR A 39 -9.99 0.95 -0.94
C THR A 39 -10.18 -0.51 -0.57
N PRO A 40 -10.69 -0.76 0.64
CA PRO A 40 -11.05 0.31 1.58
C PRO A 40 -9.82 1.02 2.13
N HIS A 41 -10.06 2.16 2.78
CA HIS A 41 -8.97 2.95 3.36
C HIS A 41 -8.16 2.12 4.34
N ILE A 42 -6.84 2.13 4.18
CA ILE A 42 -5.95 1.37 5.05
C ILE A 42 -5.88 2.00 6.44
N ASP A 43 -5.83 1.16 7.46
CA ASP A 43 -5.75 1.63 8.84
C ASP A 43 -4.33 2.08 9.18
N SER A 44 -4.23 3.19 9.89
CA SER A 44 -2.93 3.73 10.28
C SER A 44 -2.13 2.71 11.08
N SER A 45 -2.81 2.04 12.01
CA SER A 45 -2.17 1.03 12.86
C SER A 45 -1.11 0.27 12.07
N VAL A 46 -1.52 -0.36 10.98
CA VAL A 46 -0.59 -1.12 10.15
C VAL A 46 0.73 -0.40 9.98
N ILE A 47 0.66 0.86 9.54
CA ILE A 47 1.85 1.68 9.34
C ILE A 47 2.70 1.72 10.60
N ASP A 48 2.14 2.27 11.68
CA ASP A 48 2.84 2.39 12.94
C ASP A 48 3.51 1.06 13.31
N SER A 49 2.77 -0.04 13.11
CA SER A 49 3.29 -1.36 13.43
C SER A 49 4.33 -1.79 12.41
N ASP A 50 5.40 -2.42 12.90
CA ASP A 50 6.48 -2.88 12.03
C ASP A 50 6.13 -4.22 11.40
N GLU A 51 4.89 -4.36 10.96
CA GLU A 51 4.42 -5.60 10.34
C GLU A 51 4.39 -5.46 8.82
N LYS A 52 4.12 -6.57 8.14
CA LYS A 52 4.05 -6.59 6.68
C LYS A 52 2.62 -6.38 6.20
N TRP A 53 2.43 -5.42 5.31
CA TRP A 53 1.11 -5.12 4.76
C TRP A 53 1.00 -5.61 3.32
N LEU A 54 -0.23 -5.88 2.88
CA LEU A 54 -0.48 -6.34 1.52
C LEU A 54 -1.65 -5.59 0.89
N CYS A 55 -1.55 -5.34 -0.41
CA CYS A 55 -2.60 -4.63 -1.14
C CYS A 55 -3.82 -5.52 -1.31
N ARG A 56 -4.99 -4.89 -1.44
CA ARG A 56 -6.24 -5.62 -1.61
C ARG A 56 -6.05 -6.80 -2.56
N GLN A 57 -5.66 -6.50 -3.79
CA GLN A 57 -5.45 -7.53 -4.80
C GLN A 57 -4.86 -8.80 -4.17
N CYS A 58 -3.79 -8.61 -3.38
CA CYS A 58 -3.14 -9.73 -2.71
C CYS A 58 -4.00 -10.26 -1.56
N VAL A 59 -4.47 -9.35 -0.72
CA VAL A 59 -5.30 -9.73 0.41
C VAL A 59 -6.49 -10.57 -0.03
N PHE A 60 -7.37 -9.96 -0.84
CA PHE A 60 -8.55 -10.66 -1.34
C PHE A 60 -8.24 -12.12 -1.63
N ALA A 61 -7.03 -12.38 -2.11
CA ALA A 61 -6.61 -13.74 -2.44
C ALA A 61 -6.16 -14.48 -1.19
N THR A 62 -6.96 -14.39 -0.13
CA THR A 62 -6.64 -15.05 1.14
C THR A 62 -7.62 -16.17 1.44
N THR A 63 -7.26 -17.04 2.38
CA THR A 63 -8.13 -18.15 2.75
C THR A 63 -9.23 -17.70 3.70
N THR A 64 -10.46 -18.10 3.39
CA THR A 64 -11.60 -17.73 4.22
C THR A 64 -12.49 -18.93 4.49
N LYS A 65 -12.96 -19.57 3.43
CA LYS A 65 -13.82 -20.74 3.55
C LYS A 65 -13.15 -21.82 4.38
N ARG A 66 -13.85 -22.94 4.57
CA ARG A 66 -13.31 -24.05 5.33
C ARG A 66 -13.49 -25.38 4.59
ZN ZN B . -2.48 8.06 -3.83
ZN ZN C . 0.19 -6.66 -3.45
N GLY A 1 20.98 -2.39 -18.90
CA GLY A 1 19.69 -2.17 -18.27
C GLY A 1 19.80 -1.45 -16.94
N SER A 2 19.26 -0.24 -16.87
CA SER A 2 19.30 0.55 -15.65
C SER A 2 17.92 0.69 -15.04
N SER A 3 17.69 0.00 -13.92
CA SER A 3 16.41 0.04 -13.24
C SER A 3 16.26 1.34 -12.45
N GLY A 4 17.25 1.64 -11.61
CA GLY A 4 17.20 2.85 -10.81
C GLY A 4 16.42 2.67 -9.54
N SER A 5 15.30 3.38 -9.43
CA SER A 5 14.45 3.29 -8.24
C SER A 5 13.10 3.97 -8.49
N SER A 6 12.03 3.27 -8.16
CA SER A 6 10.68 3.80 -8.35
C SER A 6 9.78 3.44 -7.17
N GLY A 7 9.07 4.43 -6.64
CA GLY A 7 8.18 4.20 -5.52
C GLY A 7 7.06 5.22 -5.44
N VAL A 8 6.16 5.18 -6.41
CA VAL A 8 5.04 6.11 -6.45
C VAL A 8 3.71 5.39 -6.22
N CYS A 9 2.69 6.14 -5.83
CA CYS A 9 1.37 5.57 -5.58
C CYS A 9 0.84 4.88 -6.83
N THR A 10 -0.22 4.08 -6.66
CA THR A 10 -0.82 3.36 -7.77
C THR A 10 -2.23 3.88 -8.06
N ILE A 11 -2.69 4.81 -7.24
CA ILE A 11 -4.02 5.39 -7.41
C ILE A 11 -3.93 6.81 -7.95
N CYS A 12 -3.14 7.64 -7.29
CA CYS A 12 -2.98 9.04 -7.71
C CYS A 12 -1.60 9.25 -8.32
N GLN A 13 -0.69 8.30 -8.08
CA GLN A 13 0.67 8.39 -8.61
C GLN A 13 1.41 9.57 -7.97
N GLU A 14 1.34 9.67 -6.65
CA GLU A 14 2.01 10.74 -5.93
C GLU A 14 2.96 10.17 -4.88
N GLU A 15 4.16 10.74 -4.82
CA GLU A 15 5.17 10.30 -3.87
C GLU A 15 4.90 10.88 -2.48
N TYR A 16 4.35 12.09 -2.45
CA TYR A 16 4.05 12.76 -1.19
C TYR A 16 3.24 11.85 -0.27
N SER A 17 3.50 11.95 1.03
CA SER A 17 2.80 11.14 2.01
C SER A 17 2.65 11.89 3.34
N GLU A 18 1.44 12.36 3.60
CA GLU A 18 1.17 13.11 4.83
C GLU A 18 -0.06 12.55 5.54
N ALA A 19 0.16 11.98 6.73
CA ALA A 19 -0.92 11.41 7.52
C ALA A 19 -2.02 12.43 7.77
N PRO A 20 -3.27 11.95 7.90
CA PRO A 20 -3.58 10.53 7.80
C PRO A 20 -3.41 9.99 6.39
N ASN A 21 -3.01 10.86 5.47
CA ASN A 21 -2.81 10.49 4.08
C ASN A 21 -1.41 9.93 3.86
N GLU A 22 -0.99 9.03 4.76
CA GLU A 22 0.33 8.42 4.66
C GLU A 22 0.42 7.47 3.47
N MET A 23 1.54 6.79 3.35
CA MET A 23 1.74 5.85 2.25
C MET A 23 2.09 4.46 2.78
N VAL A 24 1.76 3.43 2.00
CA VAL A 24 2.05 2.05 2.40
C VAL A 24 2.43 1.21 1.19
N ILE A 25 3.57 0.53 1.30
CA ILE A 25 4.05 -0.32 0.21
C ILE A 25 3.64 -1.78 0.44
N CYS A 26 3.27 -2.46 -0.64
CA CYS A 26 2.87 -3.86 -0.56
C CYS A 26 4.09 -4.77 -0.46
N ASP A 27 3.91 -5.90 0.21
CA ASP A 27 5.01 -6.86 0.38
C ASP A 27 5.11 -7.78 -0.84
N LYS A 28 3.95 -8.16 -1.38
CA LYS A 28 3.92 -9.03 -2.54
C LYS A 28 4.33 -8.28 -3.81
N CYS A 29 3.45 -7.40 -4.27
CA CYS A 29 3.70 -6.61 -5.47
C CYS A 29 4.90 -5.68 -5.26
N GLY A 30 4.75 -4.74 -4.35
CA GLY A 30 5.83 -3.81 -4.07
C GLY A 30 5.47 -2.38 -4.40
N GLN A 31 4.17 -2.12 -4.60
CA GLN A 31 3.69 -0.79 -4.94
C GLN A 31 3.17 -0.07 -3.70
N GLY A 32 3.05 1.25 -3.81
CA GLY A 32 2.57 2.04 -2.69
C GLY A 32 1.10 2.41 -2.83
N TYR A 33 0.43 2.59 -1.70
CA TYR A 33 -0.99 2.95 -1.70
C TYR A 33 -1.32 3.83 -0.51
N HIS A 34 -1.55 5.12 -0.79
CA HIS A 34 -1.88 6.08 0.26
C HIS A 34 -3.08 5.60 1.08
N GLN A 35 -3.21 6.12 2.29
CA GLN A 35 -4.32 5.73 3.17
C GLN A 35 -5.64 6.27 2.63
N LEU A 36 -5.57 7.34 1.86
CA LEU A 36 -6.78 7.94 1.28
C LEU A 36 -6.91 7.57 -0.19
N CYS A 37 -6.18 6.55 -0.62
CA CYS A 37 -6.23 6.10 -2.00
C CYS A 37 -6.72 4.66 -2.09
N HIS A 38 -6.14 3.79 -1.27
CA HIS A 38 -6.53 2.38 -1.26
C HIS A 38 -7.98 2.22 -0.87
N THR A 39 -8.50 1.00 -0.99
CA THR A 39 -9.88 0.72 -0.64
C THR A 39 -10.05 -0.74 -0.21
N PRO A 40 -10.55 -0.93 1.03
CA PRO A 40 -10.91 0.18 1.92
C PRO A 40 -9.68 0.94 2.42
N HIS A 41 -9.88 2.21 2.74
CA HIS A 41 -8.80 3.05 3.23
C HIS A 41 -7.92 2.29 4.23
N ILE A 42 -6.61 2.31 4.00
CA ILE A 42 -5.68 1.62 4.88
C ILE A 42 -5.72 2.20 6.29
N ASP A 43 -5.57 1.33 7.29
CA ASP A 43 -5.59 1.75 8.68
C ASP A 43 -4.22 2.28 9.11
N SER A 44 -4.20 3.08 10.17
CA SER A 44 -2.96 3.65 10.67
C SER A 44 -2.12 2.59 11.38
N SER A 45 -2.77 1.78 12.20
CA SER A 45 -2.09 0.73 12.94
C SER A 45 -1.02 0.06 12.07
N VAL A 46 -1.42 -0.39 10.88
CA VAL A 46 -0.50 -1.04 9.96
C VAL A 46 0.80 -0.26 9.84
N ILE A 47 0.67 1.05 9.61
CA ILE A 47 1.84 1.92 9.47
C ILE A 47 2.63 1.99 10.77
N ASP A 48 1.96 2.44 11.83
CA ASP A 48 2.61 2.55 13.14
C ASP A 48 3.59 1.41 13.37
N SER A 49 3.14 0.18 13.10
CA SER A 49 3.98 -0.99 13.27
C SER A 49 4.76 -1.31 12.00
N ASP A 50 5.89 -1.96 12.16
CA ASP A 50 6.75 -2.33 11.02
C ASP A 50 6.38 -3.70 10.50
N GLU A 51 5.07 -3.97 10.39
CA GLU A 51 4.59 -5.25 9.89
C GLU A 51 4.50 -5.26 8.37
N LYS A 52 4.29 -6.43 7.80
CA LYS A 52 4.18 -6.57 6.35
C LYS A 52 2.73 -6.40 5.90
N TRP A 53 2.48 -5.37 5.11
CA TRP A 53 1.13 -5.11 4.60
C TRP A 53 0.98 -5.62 3.17
N LEU A 54 -0.26 -5.78 2.74
CA LEU A 54 -0.55 -6.26 1.39
C LEU A 54 -1.71 -5.49 0.78
N CYS A 55 -1.67 -5.31 -0.55
CA CYS A 55 -2.71 -4.59 -1.25
C CYS A 55 -3.94 -5.49 -1.45
N ARG A 56 -5.10 -4.86 -1.63
CA ARG A 56 -6.34 -5.59 -1.83
C ARG A 56 -6.13 -6.80 -2.72
N GLN A 57 -5.77 -6.56 -3.98
CA GLN A 57 -5.54 -7.63 -4.94
C GLN A 57 -4.90 -8.83 -4.26
N CYS A 58 -4.01 -8.56 -3.30
CA CYS A 58 -3.32 -9.62 -2.56
C CYS A 58 -4.17 -10.12 -1.41
N VAL A 59 -4.67 -9.19 -0.60
CA VAL A 59 -5.49 -9.55 0.55
C VAL A 59 -6.62 -10.51 0.14
N PHE A 60 -7.25 -10.22 -0.98
CA PHE A 60 -8.34 -11.04 -1.48
C PHE A 60 -7.83 -12.42 -1.89
N ALA A 61 -6.67 -12.45 -2.54
CA ALA A 61 -6.08 -13.70 -2.99
C ALA A 61 -5.36 -14.40 -1.84
N THR A 62 -6.03 -14.52 -0.70
CA THR A 62 -5.45 -15.16 0.46
C THR A 62 -6.18 -16.46 0.79
N THR A 63 -5.47 -17.40 1.40
CA THR A 63 -6.04 -18.69 1.76
C THR A 63 -7.44 -18.52 2.33
N THR A 64 -8.43 -19.09 1.64
CA THR A 64 -9.81 -19.01 2.06
C THR A 64 -10.48 -20.38 2.08
N LYS A 65 -11.43 -20.57 2.99
CA LYS A 65 -12.13 -21.83 3.10
C LYS A 65 -13.40 -21.68 3.93
N ARG A 66 -14.48 -22.30 3.48
CA ARG A 66 -15.76 -22.23 4.19
C ARG A 66 -15.86 -23.34 5.24
ZN ZN B . -2.21 8.07 -3.78
ZN ZN C . 0.08 -6.64 -3.45
N GLY A 1 13.25 6.54 -13.75
CA GLY A 1 12.16 6.83 -14.65
C GLY A 1 11.24 7.90 -14.13
N SER A 2 10.46 8.51 -15.03
CA SER A 2 9.54 9.58 -14.65
C SER A 2 8.28 8.99 -13.99
N SER A 3 7.60 8.12 -14.72
CA SER A 3 6.38 7.51 -14.22
C SER A 3 6.59 6.93 -12.83
N GLY A 4 7.58 6.05 -12.70
CA GLY A 4 7.88 5.44 -11.41
C GLY A 4 9.05 6.10 -10.72
N SER A 5 8.86 7.35 -10.30
CA SER A 5 9.91 8.09 -9.61
C SER A 5 10.53 7.27 -8.50
N SER A 6 9.72 6.94 -7.50
CA SER A 6 10.19 6.15 -6.36
C SER A 6 9.03 5.79 -5.43
N GLY A 7 8.67 4.51 -5.42
CA GLY A 7 7.58 4.06 -4.57
C GLY A 7 6.43 5.04 -4.54
N VAL A 8 5.74 5.19 -5.66
CA VAL A 8 4.60 6.10 -5.75
C VAL A 8 3.28 5.35 -5.65
N CYS A 9 2.21 6.09 -5.35
CA CYS A 9 0.89 5.49 -5.22
C CYS A 9 0.50 4.75 -6.50
N THR A 10 -0.41 3.79 -6.36
CA THR A 10 -0.87 3.00 -7.50
C THR A 10 -2.24 3.46 -7.97
N ILE A 11 -2.83 4.39 -7.22
CA ILE A 11 -4.15 4.92 -7.58
C ILE A 11 -4.03 6.30 -8.21
N CYS A 12 -3.49 7.25 -7.45
CA CYS A 12 -3.33 8.61 -7.94
C CYS A 12 -1.92 8.83 -8.49
N GLN A 13 -1.01 7.90 -8.15
CA GLN A 13 0.38 7.99 -8.61
C GLN A 13 1.04 9.26 -8.08
N GLU A 14 0.97 9.45 -6.77
CA GLU A 14 1.56 10.62 -6.13
C GLU A 14 2.49 10.21 -5.00
N GLU A 15 3.68 10.81 -4.97
CA GLU A 15 4.66 10.50 -3.93
C GLU A 15 4.30 11.19 -2.62
N TYR A 16 3.62 12.32 -2.72
CA TYR A 16 3.22 13.08 -1.54
C TYR A 16 2.38 12.21 -0.60
N SER A 17 2.80 12.14 0.66
CA SER A 17 2.08 11.34 1.66
C SER A 17 2.09 12.05 3.02
N GLU A 18 0.91 12.49 3.45
CA GLU A 18 0.78 13.17 4.73
C GLU A 18 -0.33 12.53 5.58
N ALA A 19 0.08 11.84 6.64
CA ALA A 19 -0.87 11.19 7.53
C ALA A 19 -2.01 12.12 7.89
N PRO A 20 -3.20 11.54 8.17
CA PRO A 20 -3.39 10.09 8.12
C PRO A 20 -3.33 9.54 6.69
N ASN A 21 -3.13 10.43 5.73
CA ASN A 21 -3.06 10.04 4.33
C ASN A 21 -1.62 9.68 3.94
N GLU A 22 -1.01 8.80 4.73
CA GLU A 22 0.36 8.38 4.47
C GLU A 22 0.41 7.36 3.33
N MET A 23 1.60 6.83 3.06
CA MET A 23 1.78 5.85 2.00
C MET A 23 2.11 4.48 2.59
N VAL A 24 1.72 3.42 1.89
CA VAL A 24 1.98 2.06 2.34
C VAL A 24 2.40 1.16 1.18
N ILE A 25 3.58 0.57 1.29
CA ILE A 25 4.11 -0.31 0.24
C ILE A 25 3.74 -1.76 0.53
N CYS A 26 3.30 -2.46 -0.50
CA CYS A 26 2.92 -3.87 -0.37
C CYS A 26 4.16 -4.75 -0.25
N ASP A 27 4.03 -5.82 0.52
CA ASP A 27 5.15 -6.75 0.71
C ASP A 27 5.26 -7.72 -0.46
N LYS A 28 4.10 -8.12 -1.00
CA LYS A 28 4.07 -9.05 -2.12
C LYS A 28 4.46 -8.34 -3.42
N CYS A 29 3.60 -7.46 -3.89
CA CYS A 29 3.86 -6.72 -5.12
C CYS A 29 5.04 -5.77 -4.94
N GLY A 30 4.86 -4.76 -4.09
CA GLY A 30 5.91 -3.80 -3.84
C GLY A 30 5.53 -2.39 -4.27
N GLN A 31 4.23 -2.15 -4.37
CA GLN A 31 3.72 -0.83 -4.76
C GLN A 31 3.16 -0.08 -3.56
N GLY A 32 3.15 1.24 -3.65
CA GLY A 32 2.64 2.06 -2.56
C GLY A 32 1.16 2.37 -2.73
N TYR A 33 0.50 2.67 -1.62
CA TYR A 33 -0.93 2.99 -1.65
C TYR A 33 -1.30 3.91 -0.49
N HIS A 34 -1.91 5.05 -0.81
CA HIS A 34 -2.33 6.00 0.20
C HIS A 34 -3.48 5.46 1.02
N GLN A 35 -3.58 5.92 2.27
CA GLN A 35 -4.64 5.48 3.17
C GLN A 35 -6.00 5.98 2.69
N LEU A 36 -5.98 7.02 1.86
CA LEU A 36 -7.21 7.59 1.32
C LEU A 36 -7.52 7.03 -0.06
N CYS A 37 -6.49 6.52 -0.72
CA CYS A 37 -6.66 5.95 -2.06
C CYS A 37 -6.97 4.45 -1.98
N HIS A 38 -6.15 3.72 -1.23
CA HIS A 38 -6.35 2.28 -1.07
C HIS A 38 -7.75 1.98 -0.54
N THR A 39 -8.38 0.95 -1.12
CA THR A 39 -9.72 0.56 -0.71
C THR A 39 -9.77 -0.91 -0.30
N PRO A 40 -10.19 -1.17 0.94
CA PRO A 40 -10.59 -0.11 1.88
C PRO A 40 -9.41 0.72 2.35
N HIS A 41 -9.70 1.82 3.04
CA HIS A 41 -8.66 2.70 3.55
C HIS A 41 -7.76 1.97 4.54
N ILE A 42 -6.48 1.83 4.19
CA ILE A 42 -5.53 1.15 5.05
C ILE A 42 -5.57 1.71 6.47
N ASP A 43 -5.50 0.81 7.45
CA ASP A 43 -5.53 1.22 8.85
C ASP A 43 -4.17 1.77 9.29
N SER A 44 -4.19 2.93 9.93
CA SER A 44 -2.96 3.57 10.39
C SER A 44 -2.12 2.59 11.20
N SER A 45 -2.76 1.91 12.15
CA SER A 45 -2.07 0.95 13.00
C SER A 45 -0.98 0.22 12.22
N VAL A 46 -1.39 -0.50 11.18
CA VAL A 46 -0.45 -1.24 10.34
C VAL A 46 0.84 -0.44 10.12
N ILE A 47 0.68 0.79 9.66
CA ILE A 47 1.83 1.66 9.40
C ILE A 47 2.64 1.89 10.67
N ASP A 48 1.97 2.37 11.72
CA ASP A 48 2.63 2.63 12.99
C ASP A 48 3.73 1.61 13.25
N SER A 49 3.41 0.34 13.04
CA SER A 49 4.37 -0.74 13.26
C SER A 49 5.12 -1.07 11.98
N ASP A 50 6.20 -1.83 12.11
CA ASP A 50 7.01 -2.21 10.96
C ASP A 50 6.65 -3.62 10.48
N GLU A 51 5.39 -3.99 10.69
CA GLU A 51 4.91 -5.31 10.28
C GLU A 51 4.64 -5.35 8.78
N LYS A 52 4.59 -6.56 8.23
CA LYS A 52 4.33 -6.74 6.80
C LYS A 52 2.88 -6.45 6.47
N TRP A 53 2.66 -5.83 5.31
CA TRP A 53 1.30 -5.50 4.87
C TRP A 53 1.06 -5.93 3.43
N LEU A 54 -0.18 -6.20 3.09
CA LEU A 54 -0.53 -6.63 1.74
C LEU A 54 -1.61 -5.72 1.14
N CYS A 55 -1.62 -5.61 -0.18
CA CYS A 55 -2.59 -4.78 -0.88
C CYS A 55 -3.88 -5.55 -1.12
N ARG A 56 -4.96 -4.81 -1.38
CA ARG A 56 -6.26 -5.42 -1.63
C ARG A 56 -6.13 -6.62 -2.58
N GLN A 57 -5.50 -6.39 -3.72
CA GLN A 57 -5.29 -7.45 -4.71
C GLN A 57 -4.78 -8.72 -4.04
N CYS A 58 -3.81 -8.56 -3.16
CA CYS A 58 -3.22 -9.70 -2.45
C CYS A 58 -4.18 -10.24 -1.40
N VAL A 59 -4.72 -9.35 -0.58
CA VAL A 59 -5.65 -9.74 0.47
C VAL A 59 -6.77 -10.61 -0.08
N PHE A 60 -7.42 -10.13 -1.14
CA PHE A 60 -8.50 -10.86 -1.77
C PHE A 60 -8.04 -12.24 -2.24
N ALA A 61 -6.76 -12.33 -2.58
CA ALA A 61 -6.18 -13.60 -3.05
C ALA A 61 -5.75 -14.47 -1.87
N THR A 62 -6.63 -14.60 -0.89
CA THR A 62 -6.33 -15.41 0.29
C THR A 62 -7.15 -16.70 0.29
N THR A 63 -6.57 -17.76 0.85
CA THR A 63 -7.24 -19.05 0.91
C THR A 63 -8.37 -19.03 1.93
N THR A 64 -8.18 -18.28 3.02
CA THR A 64 -9.18 -18.17 4.06
C THR A 64 -9.15 -16.79 4.71
N LYS A 65 -10.32 -16.19 4.84
CA LYS A 65 -10.44 -14.87 5.45
C LYS A 65 -10.44 -14.97 6.97
N ARG A 66 -9.57 -15.82 7.50
CA ARG A 66 -9.46 -16.00 8.94
C ARG A 66 -8.29 -16.93 9.29
ZN ZN B . -2.86 7.97 -3.81
ZN ZN C . 0.22 -6.84 -3.15
N GLY A 1 11.45 7.52 -17.48
CA GLY A 1 12.23 6.87 -16.45
C GLY A 1 11.96 5.39 -16.36
N SER A 2 11.33 4.96 -15.27
CA SER A 2 11.01 3.55 -15.07
C SER A 2 12.29 2.73 -14.90
N SER A 3 13.25 3.27 -14.15
CA SER A 3 14.51 2.58 -13.92
C SER A 3 14.39 1.56 -12.79
N GLY A 4 14.34 0.29 -13.16
CA GLY A 4 14.22 -0.76 -12.16
C GLY A 4 12.82 -0.85 -11.58
N SER A 5 12.71 -0.53 -10.29
CA SER A 5 11.42 -0.58 -9.61
C SER A 5 10.93 0.83 -9.26
N SER A 6 9.65 0.93 -8.92
CA SER A 6 9.07 2.22 -8.56
C SER A 6 8.46 2.18 -7.17
N GLY A 7 8.66 3.26 -6.42
CA GLY A 7 8.12 3.33 -5.06
C GLY A 7 7.08 4.40 -4.91
N VAL A 8 6.14 4.46 -5.85
CA VAL A 8 5.08 5.45 -5.81
C VAL A 8 3.71 4.79 -5.72
N CYS A 9 2.69 5.59 -5.41
CA CYS A 9 1.33 5.07 -5.28
C CYS A 9 0.88 4.39 -6.57
N THR A 10 -0.26 3.70 -6.51
CA THR A 10 -0.80 3.01 -7.67
C THR A 10 -2.13 3.61 -8.11
N ILE A 11 -2.78 4.31 -7.19
CA ILE A 11 -4.06 4.95 -7.49
C ILE A 11 -3.87 6.35 -8.03
N CYS A 12 -3.03 7.14 -7.36
CA CYS A 12 -2.76 8.50 -7.78
C CYS A 12 -1.34 8.64 -8.33
N GLN A 13 -0.51 7.64 -8.04
CA GLN A 13 0.88 7.65 -8.50
C GLN A 13 1.63 8.84 -7.94
N GLU A 14 1.55 9.03 -6.63
CA GLU A 14 2.24 10.14 -5.97
C GLU A 14 3.16 9.63 -4.87
N GLU A 15 4.37 10.17 -4.82
CA GLU A 15 5.35 9.78 -3.82
C GLU A 15 5.04 10.42 -2.47
N TYR A 16 4.50 11.64 -2.52
CA TYR A 16 4.16 12.37 -1.30
C TYR A 16 3.41 11.48 -0.33
N SER A 17 3.80 11.54 0.94
CA SER A 17 3.17 10.73 1.98
C SER A 17 3.06 11.52 3.28
N GLU A 18 1.83 11.82 3.67
CA GLU A 18 1.58 12.57 4.91
C GLU A 18 0.18 12.28 5.45
N ALA A 19 0.14 11.62 6.59
CA ALA A 19 -1.14 11.28 7.22
C ALA A 19 -2.05 12.49 7.33
N PRO A 20 -3.37 12.24 7.35
CA PRO A 20 -3.91 10.88 7.30
C PRO A 20 -3.72 10.24 5.93
N ASN A 21 -3.10 10.97 5.01
CA ASN A 21 -2.86 10.47 3.67
C ASN A 21 -1.45 9.91 3.55
N GLU A 22 -1.10 8.98 4.43
CA GLU A 22 0.22 8.37 4.41
C GLU A 22 0.37 7.39 3.26
N MET A 23 1.53 6.76 3.16
CA MET A 23 1.79 5.80 2.09
C MET A 23 2.17 4.44 2.68
N VAL A 24 1.62 3.38 2.09
CA VAL A 24 1.90 2.02 2.56
C VAL A 24 2.30 1.12 1.39
N ILE A 25 3.48 0.51 1.50
CA ILE A 25 3.98 -0.38 0.45
C ILE A 25 3.60 -1.82 0.74
N CYS A 26 3.20 -2.54 -0.30
CA CYS A 26 2.81 -3.94 -0.16
C CYS A 26 4.03 -4.84 -0.09
N ASP A 27 3.89 -5.98 0.57
CA ASP A 27 4.99 -6.93 0.72
C ASP A 27 4.98 -7.95 -0.43
N LYS A 28 3.79 -8.28 -0.91
CA LYS A 28 3.65 -9.23 -2.00
C LYS A 28 4.10 -8.62 -3.33
N CYS A 29 3.26 -7.73 -3.87
CA CYS A 29 3.57 -7.08 -5.13
C CYS A 29 4.68 -6.04 -4.95
N GLY A 30 4.53 -5.19 -3.95
CA GLY A 30 5.52 -4.17 -3.68
C GLY A 30 4.99 -2.76 -3.93
N GLN A 31 3.99 -2.65 -4.80
CA GLN A 31 3.40 -1.36 -5.11
C GLN A 31 2.98 -0.63 -3.85
N GLY A 32 2.81 0.69 -3.96
CA GLY A 32 2.41 1.49 -2.81
C GLY A 32 0.98 1.97 -2.91
N TYR A 33 0.33 2.11 -1.76
CA TYR A 33 -1.06 2.57 -1.72
C TYR A 33 -1.29 3.49 -0.52
N HIS A 34 -1.65 4.73 -0.80
CA HIS A 34 -1.91 5.71 0.26
C HIS A 34 -3.13 5.29 1.09
N GLN A 35 -3.32 5.98 2.21
CA GLN A 35 -4.44 5.68 3.10
C GLN A 35 -5.76 6.15 2.48
N LEU A 36 -5.75 7.36 1.93
CA LEU A 36 -6.95 7.92 1.31
C LEU A 36 -7.18 7.32 -0.07
N CYS A 37 -6.14 6.69 -0.62
CA CYS A 37 -6.23 6.06 -1.93
C CYS A 37 -6.70 4.61 -1.82
N HIS A 38 -6.01 3.83 -1.00
CA HIS A 38 -6.36 2.43 -0.80
C HIS A 38 -7.81 2.29 -0.34
N THR A 39 -8.49 1.28 -0.88
CA THR A 39 -9.89 1.04 -0.53
C THR A 39 -10.08 -0.37 -0.02
N PRO A 40 -10.57 -0.49 1.24
CA PRO A 40 -10.89 0.67 2.06
C PRO A 40 -9.64 1.42 2.51
N HIS A 41 -9.86 2.50 3.26
CA HIS A 41 -8.74 3.31 3.75
C HIS A 41 -7.91 2.55 4.76
N ILE A 42 -6.60 2.48 4.53
CA ILE A 42 -5.70 1.77 5.43
C ILE A 42 -5.70 2.39 6.81
N ASP A 43 -5.54 1.55 7.83
CA ASP A 43 -5.53 2.02 9.21
C ASP A 43 -4.10 2.38 9.63
N SER A 44 -3.98 3.49 10.38
CA SER A 44 -2.68 3.95 10.84
C SER A 44 -1.93 2.83 11.56
N SER A 45 -2.63 2.09 12.41
CA SER A 45 -2.03 0.99 13.15
C SER A 45 -0.98 0.27 12.30
N VAL A 46 -1.42 -0.32 11.20
CA VAL A 46 -0.54 -1.04 10.30
C VAL A 46 0.72 -0.22 10.00
N ILE A 47 0.53 1.07 9.75
CA ILE A 47 1.64 1.96 9.45
C ILE A 47 2.57 2.11 10.65
N ASP A 48 2.04 2.64 11.74
CA ASP A 48 2.82 2.83 12.96
C ASP A 48 3.62 1.58 13.30
N SER A 49 2.94 0.43 13.25
CA SER A 49 3.57 -0.84 13.56
C SER A 49 4.41 -1.33 12.38
N ASP A 50 5.59 -1.87 12.69
CA ASP A 50 6.49 -2.38 11.66
C ASP A 50 6.07 -3.78 11.21
N GLU A 51 4.77 -3.97 11.03
CA GLU A 51 4.25 -5.27 10.61
C GLU A 51 4.13 -5.34 9.09
N LYS A 52 3.75 -6.51 8.58
CA LYS A 52 3.61 -6.72 7.15
C LYS A 52 2.20 -6.33 6.69
N TRP A 53 2.13 -5.59 5.58
CA TRP A 53 0.86 -5.16 5.04
C TRP A 53 0.70 -5.62 3.58
N LEU A 54 -0.54 -5.82 3.16
CA LEU A 54 -0.83 -6.27 1.80
C LEU A 54 -2.03 -5.52 1.23
N CYS A 55 -1.94 -5.17 -0.06
CA CYS A 55 -3.02 -4.46 -0.72
C CYS A 55 -4.20 -5.39 -1.00
N ARG A 56 -5.41 -4.83 -1.02
CA ARG A 56 -6.61 -5.61 -1.27
C ARG A 56 -6.37 -6.64 -2.38
N GLN A 57 -5.92 -6.17 -3.53
CA GLN A 57 -5.66 -7.04 -4.67
C GLN A 57 -4.95 -8.32 -4.21
N CYS A 58 -3.93 -8.16 -3.37
CA CYS A 58 -3.17 -9.30 -2.86
C CYS A 58 -3.97 -10.04 -1.78
N VAL A 59 -4.59 -9.27 -0.89
CA VAL A 59 -5.38 -9.86 0.19
C VAL A 59 -6.47 -10.77 -0.36
N PHE A 60 -7.00 -10.41 -1.53
CA PHE A 60 -8.05 -11.20 -2.16
C PHE A 60 -7.47 -12.34 -2.98
N ALA A 61 -6.44 -12.04 -3.77
CA ALA A 61 -5.79 -13.03 -4.60
C ALA A 61 -5.42 -14.26 -3.79
N THR A 62 -4.56 -14.08 -2.79
CA THR A 62 -4.12 -15.17 -1.94
C THR A 62 -5.25 -16.17 -1.70
N THR A 63 -4.93 -17.46 -1.81
CA THR A 63 -5.92 -18.51 -1.62
C THR A 63 -6.10 -18.83 -0.14
N THR A 64 -7.24 -18.44 0.41
CA THR A 64 -7.54 -18.68 1.82
C THR A 64 -8.85 -19.44 1.99
N LYS A 65 -8.76 -20.63 2.58
CA LYS A 65 -9.93 -21.47 2.80
C LYS A 65 -11.10 -20.63 3.32
N ARG A 66 -12.15 -20.51 2.51
CA ARG A 66 -13.32 -19.74 2.90
C ARG A 66 -14.43 -20.66 3.41
ZN ZN B . -2.22 7.74 -3.64
ZN ZN C . -0.09 -6.13 -3.16
N GLY A 1 7.15 5.22 -15.82
CA GLY A 1 8.36 5.24 -15.01
C GLY A 1 9.22 4.01 -15.24
N SER A 2 10.19 4.14 -16.15
CA SER A 2 11.09 3.04 -16.47
C SER A 2 12.54 3.47 -16.34
N SER A 3 12.84 4.21 -15.28
CA SER A 3 14.19 4.69 -15.03
C SER A 3 15.00 3.67 -14.24
N GLY A 4 14.49 3.32 -13.05
CA GLY A 4 15.17 2.36 -12.22
C GLY A 4 14.28 1.83 -11.11
N SER A 5 14.33 2.48 -9.95
CA SER A 5 13.54 2.08 -8.80
C SER A 5 12.55 3.18 -8.40
N SER A 6 11.26 2.88 -8.54
CA SER A 6 10.23 3.85 -8.19
C SER A 6 9.47 3.41 -6.94
N GLY A 7 8.66 4.32 -6.40
CA GLY A 7 7.89 4.00 -5.21
C GLY A 7 6.74 4.97 -5.00
N VAL A 8 6.05 5.33 -6.08
CA VAL A 8 4.93 6.26 -6.00
C VAL A 8 3.62 5.50 -5.83
N CYS A 9 2.54 6.25 -5.58
CA CYS A 9 1.22 5.66 -5.41
C CYS A 9 0.76 4.97 -6.69
N THR A 10 -0.29 4.17 -6.58
CA THR A 10 -0.84 3.45 -7.72
C THR A 10 -2.25 3.95 -8.07
N ILE A 11 -2.81 4.76 -7.18
CA ILE A 11 -4.14 5.31 -7.39
C ILE A 11 -4.07 6.74 -7.95
N CYS A 12 -3.28 7.57 -7.29
CA CYS A 12 -3.12 8.96 -7.72
C CYS A 12 -1.73 9.20 -8.28
N GLN A 13 -0.84 8.24 -8.07
CA GLN A 13 0.53 8.35 -8.57
C GLN A 13 1.23 9.57 -7.97
N GLU A 14 1.11 9.72 -6.66
CA GLU A 14 1.73 10.85 -5.96
C GLU A 14 2.79 10.37 -4.98
N GLU A 15 3.98 10.96 -5.05
CA GLU A 15 5.07 10.59 -4.16
C GLU A 15 4.86 11.16 -2.77
N TYR A 16 4.17 12.29 -2.70
CA TYR A 16 3.90 12.95 -1.43
C TYR A 16 3.21 11.99 -0.45
N SER A 17 3.75 11.91 0.75
CA SER A 17 3.19 11.03 1.78
C SER A 17 3.06 11.76 3.12
N GLU A 18 1.82 11.98 3.55
CA GLU A 18 1.57 12.67 4.81
C GLU A 18 0.32 12.11 5.48
N ALA A 19 0.45 11.77 6.77
CA ALA A 19 -0.66 11.23 7.53
C ALA A 19 -1.71 12.30 7.81
N PRO A 20 -2.95 11.87 8.08
CA PRO A 20 -3.30 10.44 8.10
C PRO A 20 -3.27 9.81 6.71
N ASN A 21 -2.95 10.62 5.70
CA ASN A 21 -2.89 10.15 4.33
C ASN A 21 -1.49 9.67 3.98
N GLU A 22 -0.93 8.82 4.84
CA GLU A 22 0.41 8.29 4.63
C GLU A 22 0.41 7.25 3.51
N MET A 23 1.60 6.82 3.10
CA MET A 23 1.74 5.83 2.04
C MET A 23 2.10 4.47 2.62
N VAL A 24 1.59 3.41 2.01
CA VAL A 24 1.86 2.05 2.46
C VAL A 24 2.24 1.15 1.28
N ILE A 25 3.42 0.56 1.34
CA ILE A 25 3.90 -0.32 0.29
C ILE A 25 3.50 -1.77 0.58
N CYS A 26 3.05 -2.47 -0.46
CA CYS A 26 2.64 -3.86 -0.32
C CYS A 26 3.85 -4.77 -0.14
N ASP A 27 3.65 -5.88 0.56
CA ASP A 27 4.73 -6.83 0.81
C ASP A 27 4.94 -7.74 -0.39
N LYS A 28 3.84 -8.17 -1.00
CA LYS A 28 3.89 -9.04 -2.16
C LYS A 28 4.35 -8.28 -3.41
N CYS A 29 3.45 -7.47 -3.96
CA CYS A 29 3.76 -6.68 -5.14
C CYS A 29 4.90 -5.70 -4.86
N GLY A 30 4.63 -4.72 -4.01
CA GLY A 30 5.64 -3.74 -3.67
C GLY A 30 5.26 -2.34 -4.12
N GLN A 31 3.97 -2.06 -4.16
CA GLN A 31 3.48 -0.75 -4.58
C GLN A 31 2.89 0.01 -3.39
N GLY A 32 3.00 1.33 -3.44
CA GLY A 32 2.50 2.16 -2.36
C GLY A 32 1.03 2.52 -2.55
N TYR A 33 0.29 2.57 -1.45
CA TYR A 33 -1.13 2.90 -1.50
C TYR A 33 -1.52 3.83 -0.35
N HIS A 34 -1.72 5.10 -0.66
CA HIS A 34 -2.10 6.09 0.34
C HIS A 34 -3.28 5.60 1.16
N GLN A 35 -3.39 6.10 2.39
CA GLN A 35 -4.47 5.71 3.29
C GLN A 35 -5.82 6.18 2.75
N LEU A 36 -5.78 7.16 1.85
CA LEU A 36 -7.00 7.70 1.26
C LEU A 36 -7.10 7.33 -0.22
N CYS A 37 -6.37 6.30 -0.62
CA CYS A 37 -6.38 5.84 -1.99
C CYS A 37 -6.81 4.38 -2.09
N HIS A 38 -6.30 3.57 -1.16
CA HIS A 38 -6.64 2.15 -1.13
C HIS A 38 -8.08 1.94 -0.70
N THR A 39 -8.65 0.80 -1.07
CA THR A 39 -10.03 0.47 -0.71
C THR A 39 -10.16 -0.99 -0.29
N PRO A 40 -10.60 -1.21 0.95
CA PRO A 40 -10.94 -0.12 1.88
C PRO A 40 -9.71 0.65 2.35
N HIS A 41 -9.92 1.87 2.84
CA HIS A 41 -8.83 2.70 3.33
C HIS A 41 -7.93 1.92 4.29
N ILE A 42 -6.64 2.25 4.28
CA ILE A 42 -5.69 1.59 5.15
C ILE A 42 -5.64 2.24 6.52
N ASP A 43 -5.62 1.42 7.57
CA ASP A 43 -5.57 1.92 8.94
C ASP A 43 -4.15 2.31 9.33
N SER A 44 -4.00 3.47 9.96
CA SER A 44 -2.69 3.95 10.38
C SER A 44 -1.95 2.89 11.17
N SER A 45 -2.65 2.24 12.09
CA SER A 45 -2.06 1.20 12.93
C SER A 45 -1.02 0.41 12.13
N VAL A 46 -1.47 -0.29 11.10
CA VAL A 46 -0.57 -1.09 10.26
C VAL A 46 0.78 -0.39 10.10
N ILE A 47 0.75 0.85 9.64
CA ILE A 47 1.98 1.62 9.45
C ILE A 47 2.81 1.68 10.72
N ASP A 48 2.24 2.28 11.77
CA ASP A 48 2.93 2.39 13.04
C ASP A 48 3.55 1.06 13.45
N SER A 49 2.81 -0.02 13.25
CA SER A 49 3.29 -1.35 13.59
C SER A 49 4.29 -1.86 12.56
N ASP A 50 5.06 -2.86 12.94
CA ASP A 50 6.07 -3.44 12.05
C ASP A 50 5.43 -4.43 11.08
N GLU A 51 4.32 -5.02 11.50
CA GLU A 51 3.61 -5.98 10.66
C GLU A 51 3.56 -5.51 9.21
N LYS A 52 3.74 -6.45 8.29
CA LYS A 52 3.71 -6.14 6.86
C LYS A 52 2.28 -5.95 6.37
N TRP A 53 2.11 -5.16 5.32
CA TRP A 53 0.80 -4.90 4.76
C TRP A 53 0.70 -5.43 3.33
N LEU A 54 -0.51 -5.79 2.92
CA LEU A 54 -0.73 -6.31 1.57
C LEU A 54 -1.87 -5.57 0.88
N CYS A 55 -1.70 -5.33 -0.42
CA CYS A 55 -2.72 -4.62 -1.20
C CYS A 55 -3.92 -5.53 -1.46
N ARG A 56 -5.07 -4.92 -1.78
CA ARG A 56 -6.28 -5.67 -2.05
C ARG A 56 -5.99 -6.89 -2.92
N GLN A 57 -5.53 -6.64 -4.14
CA GLN A 57 -5.20 -7.72 -5.07
C GLN A 57 -4.65 -8.93 -4.33
N CYS A 58 -3.92 -8.67 -3.25
CA CYS A 58 -3.34 -9.74 -2.44
C CYS A 58 -4.28 -10.17 -1.33
N VAL A 59 -4.81 -9.20 -0.59
CA VAL A 59 -5.74 -9.49 0.50
C VAL A 59 -6.88 -10.39 0.03
N PHE A 60 -7.20 -10.31 -1.26
CA PHE A 60 -8.28 -11.12 -1.83
C PHE A 60 -7.84 -12.57 -1.98
N ALA A 61 -6.56 -12.77 -2.31
CA ALA A 61 -6.02 -14.11 -2.49
C ALA A 61 -5.07 -14.47 -1.36
N THR A 62 -5.60 -14.49 -0.13
CA THR A 62 -4.80 -14.82 1.04
C THR A 62 -5.39 -16.00 1.79
N THR A 63 -6.71 -16.04 1.89
CA THR A 63 -7.40 -17.12 2.58
C THR A 63 -6.72 -18.46 2.34
N THR A 64 -6.72 -19.32 3.35
CA THR A 64 -6.11 -20.63 3.23
C THR A 64 -6.40 -21.26 1.88
N LYS A 65 -5.47 -22.09 1.41
CA LYS A 65 -5.63 -22.76 0.12
C LYS A 65 -6.07 -24.22 0.32
N ARG A 66 -7.20 -24.57 -0.27
CA ARG A 66 -7.73 -25.92 -0.17
C ARG A 66 -6.68 -26.95 -0.57
ZN ZN B . -2.50 8.05 -3.71
ZN ZN C . 0.05 -6.79 -3.27
N GLY A 1 14.68 2.89 -19.82
CA GLY A 1 15.03 1.78 -18.95
C GLY A 1 15.71 2.24 -17.67
N SER A 2 14.98 2.97 -16.84
CA SER A 2 15.53 3.48 -15.59
C SER A 2 16.23 2.37 -14.82
N SER A 3 15.57 1.21 -14.73
CA SER A 3 16.13 0.07 -14.02
C SER A 3 16.85 0.52 -12.74
N GLY A 4 16.25 1.48 -12.04
CA GLY A 4 16.83 1.98 -10.80
C GLY A 4 15.97 1.70 -9.60
N SER A 5 15.11 2.66 -9.24
CA SER A 5 14.23 2.52 -8.09
C SER A 5 13.11 3.54 -8.13
N SER A 6 11.90 3.10 -7.79
CA SER A 6 10.73 3.97 -7.80
C SER A 6 9.61 3.38 -6.96
N GLY A 7 8.96 4.23 -6.16
CA GLY A 7 7.87 3.77 -5.33
C GLY A 7 6.73 4.77 -5.26
N VAL A 8 5.96 4.86 -6.34
CA VAL A 8 4.84 5.78 -6.41
C VAL A 8 3.51 5.04 -6.24
N CYS A 9 2.48 5.79 -5.86
CA CYS A 9 1.15 5.20 -5.66
C CYS A 9 0.69 4.45 -6.91
N THR A 10 -0.37 3.67 -6.76
CA THR A 10 -0.92 2.89 -7.88
C THR A 10 -2.31 3.38 -8.24
N ILE A 11 -2.87 4.25 -7.41
CA ILE A 11 -4.21 4.79 -7.66
C ILE A 11 -4.14 6.18 -8.28
N CYS A 12 -3.31 7.04 -7.70
CA CYS A 12 -3.15 8.40 -8.19
C CYS A 12 -1.75 8.61 -8.77
N GLN A 13 -0.85 7.67 -8.48
CA GLN A 13 0.53 7.75 -8.97
C GLN A 13 1.22 8.99 -8.43
N GLU A 14 1.23 9.14 -7.11
CA GLU A 14 1.86 10.28 -6.48
C GLU A 14 2.84 9.84 -5.39
N GLU A 15 3.98 10.50 -5.32
CA GLU A 15 5.00 10.17 -4.33
C GLU A 15 4.70 10.83 -3.00
N TYR A 16 4.05 12.00 -3.06
CA TYR A 16 3.71 12.73 -1.84
C TYR A 16 2.87 11.87 -0.90
N SER A 17 3.36 11.72 0.33
CA SER A 17 2.67 10.92 1.33
C SER A 17 2.61 11.64 2.67
N GLU A 18 1.47 12.26 2.95
CA GLU A 18 1.29 12.99 4.20
C GLU A 18 0.07 12.48 4.97
N ALA A 19 0.31 11.91 6.14
CA ALA A 19 -0.75 11.38 6.97
C ALA A 19 -1.83 12.43 7.22
N PRO A 20 -3.07 11.96 7.45
CA PRO A 20 -3.39 10.54 7.47
C PRO A 20 -3.32 9.91 6.07
N ASN A 21 -2.98 10.73 5.08
CA ASN A 21 -2.87 10.25 3.71
C ASN A 21 -1.48 9.71 3.43
N GLU A 22 -0.93 8.96 4.38
CA GLU A 22 0.40 8.38 4.24
C GLU A 22 0.43 7.34 3.12
N MET A 23 1.61 6.80 2.86
CA MET A 23 1.76 5.80 1.80
C MET A 23 2.16 4.45 2.40
N VAL A 24 1.59 3.38 1.85
CA VAL A 24 1.88 2.03 2.33
C VAL A 24 2.29 1.12 1.18
N ILE A 25 3.50 0.58 1.26
CA ILE A 25 4.01 -0.31 0.23
C ILE A 25 3.66 -1.77 0.53
N CYS A 26 3.18 -2.47 -0.48
CA CYS A 26 2.79 -3.88 -0.32
C CYS A 26 4.03 -4.76 -0.16
N ASP A 27 3.88 -5.87 0.55
CA ASP A 27 4.98 -6.79 0.77
C ASP A 27 5.15 -7.73 -0.42
N LYS A 28 4.04 -8.17 -0.99
CA LYS A 28 4.06 -9.07 -2.13
C LYS A 28 4.50 -8.33 -3.39
N CYS A 29 3.60 -7.49 -3.92
CA CYS A 29 3.89 -6.73 -5.12
C CYS A 29 5.04 -5.74 -4.88
N GLY A 30 4.80 -4.75 -4.02
CA GLY A 30 5.82 -3.77 -3.72
C GLY A 30 5.44 -2.38 -4.17
N GLN A 31 4.14 -2.12 -4.24
CA GLN A 31 3.63 -0.82 -4.66
C GLN A 31 3.02 -0.07 -3.48
N GLY A 32 3.05 1.26 -3.55
CA GLY A 32 2.50 2.07 -2.48
C GLY A 32 1.04 2.40 -2.69
N TYR A 33 0.27 2.40 -1.61
CA TYR A 33 -1.16 2.69 -1.69
C TYR A 33 -1.58 3.65 -0.59
N HIS A 34 -1.81 4.90 -0.96
CA HIS A 34 -2.22 5.93 -0.01
C HIS A 34 -3.42 5.45 0.82
N GLN A 35 -3.49 5.89 2.06
CA GLN A 35 -4.58 5.51 2.95
C GLN A 35 -5.92 6.01 2.41
N LEU A 36 -5.88 7.09 1.64
CA LEU A 36 -7.09 7.66 1.06
C LEU A 36 -7.38 7.05 -0.30
N CYS A 37 -6.37 6.42 -0.89
CA CYS A 37 -6.51 5.79 -2.19
C CYS A 37 -6.97 4.34 -2.06
N HIS A 38 -6.26 3.58 -1.23
CA HIS A 38 -6.60 2.17 -1.01
C HIS A 38 -8.01 2.04 -0.44
N THR A 39 -8.68 0.97 -0.82
CA THR A 39 -10.05 0.72 -0.36
C THR A 39 -10.21 -0.73 0.12
N PRO A 40 -10.62 -0.89 1.37
CA PRO A 40 -10.92 0.24 2.27
C PRO A 40 -9.65 0.99 2.68
N HIS A 41 -9.83 2.24 3.12
CA HIS A 41 -8.71 3.06 3.54
C HIS A 41 -7.86 2.33 4.59
N ILE A 42 -6.58 2.13 4.27
CA ILE A 42 -5.67 1.46 5.19
C ILE A 42 -5.65 2.13 6.54
N ASP A 43 -5.61 1.33 7.60
CA ASP A 43 -5.58 1.85 8.96
C ASP A 43 -4.19 2.36 9.32
N SER A 44 -4.11 3.24 10.31
CA SER A 44 -2.84 3.81 10.74
C SER A 44 -2.03 2.78 11.52
N SER A 45 -2.71 2.04 12.39
CA SER A 45 -2.04 1.02 13.20
C SER A 45 -1.01 0.24 12.36
N VAL A 46 -1.50 -0.43 11.32
CA VAL A 46 -0.63 -1.21 10.45
C VAL A 46 0.68 -0.47 10.18
N ILE A 47 0.57 0.77 9.75
CA ILE A 47 1.75 1.58 9.46
C ILE A 47 2.66 1.68 10.69
N ASP A 48 2.16 2.35 11.72
CA ASP A 48 2.93 2.53 12.95
C ASP A 48 3.62 1.22 13.34
N SER A 49 2.86 0.13 13.37
CA SER A 49 3.41 -1.17 13.73
C SER A 49 4.55 -1.56 12.80
N ASP A 50 5.37 -2.50 13.25
CA ASP A 50 6.51 -2.96 12.46
C ASP A 50 6.15 -4.25 11.70
N GLU A 51 4.87 -4.39 11.37
CA GLU A 51 4.41 -5.57 10.64
C GLU A 51 4.24 -5.27 9.16
N LYS A 52 4.08 -6.32 8.36
CA LYS A 52 3.91 -6.16 6.92
C LYS A 52 2.44 -5.99 6.57
N TRP A 53 2.18 -5.48 5.37
CA TRP A 53 0.82 -5.27 4.90
C TRP A 53 0.67 -5.64 3.43
N LEU A 54 -0.46 -6.23 3.08
CA LEU A 54 -0.72 -6.64 1.71
C LEU A 54 -1.75 -5.72 1.06
N CYS A 55 -1.71 -5.64 -0.27
CA CYS A 55 -2.64 -4.81 -1.02
C CYS A 55 -3.91 -5.57 -1.35
N ARG A 56 -5.01 -4.84 -1.53
CA ARG A 56 -6.29 -5.45 -1.85
C ARG A 56 -6.11 -6.63 -2.79
N GLN A 57 -5.40 -6.41 -3.89
CA GLN A 57 -5.15 -7.47 -4.86
C GLN A 57 -4.68 -8.75 -4.17
N CYS A 58 -3.76 -8.59 -3.23
CA CYS A 58 -3.23 -9.74 -2.49
C CYS A 58 -4.19 -10.20 -1.41
N VAL A 59 -4.56 -9.27 -0.52
CA VAL A 59 -5.48 -9.58 0.55
C VAL A 59 -6.73 -10.30 0.04
N PHE A 60 -7.10 -9.99 -1.19
CA PHE A 60 -8.28 -10.61 -1.81
C PHE A 60 -7.98 -12.05 -2.21
N ALA A 61 -6.74 -12.30 -2.62
CA ALA A 61 -6.34 -13.64 -3.03
C ALA A 61 -5.74 -14.41 -1.86
N THR A 62 -6.61 -15.06 -1.07
CA THR A 62 -6.17 -15.83 0.08
C THR A 62 -7.32 -16.62 0.69
N THR A 63 -6.98 -17.65 1.46
CA THR A 63 -7.98 -18.48 2.10
C THR A 63 -9.15 -17.65 2.60
N THR A 64 -10.38 -18.06 2.27
CA THR A 64 -11.57 -17.35 2.69
C THR A 64 -12.56 -18.29 3.38
N LYS A 65 -12.57 -18.26 4.70
CA LYS A 65 -13.46 -19.11 5.49
C LYS A 65 -14.92 -18.85 5.11
N ARG A 66 -15.81 -19.75 5.52
CA ARG A 66 -17.23 -19.62 5.23
C ARG A 66 -17.91 -18.72 6.26
ZN ZN B . -2.54 7.70 -4.13
ZN ZN C . 0.23 -6.89 -3.20
N GLY A 1 16.69 5.15 -12.74
CA GLY A 1 15.66 4.14 -12.69
C GLY A 1 16.22 2.74 -12.61
N SER A 2 17.23 2.56 -11.75
CA SER A 2 17.86 1.25 -11.59
C SER A 2 16.82 0.17 -11.32
N SER A 3 16.04 0.36 -10.26
CA SER A 3 15.02 -0.60 -9.88
C SER A 3 13.87 -0.58 -10.89
N GLY A 4 13.33 0.60 -11.15
CA GLY A 4 12.23 0.73 -12.09
C GLY A 4 11.20 1.75 -11.64
N SER A 5 10.85 1.72 -10.37
CA SER A 5 9.86 2.65 -9.82
C SER A 5 10.48 3.53 -8.76
N SER A 6 9.90 4.72 -8.56
CA SER A 6 10.41 5.67 -7.58
C SER A 6 9.59 5.61 -6.29
N GLY A 7 8.91 4.48 -6.07
CA GLY A 7 8.09 4.32 -4.89
C GLY A 7 6.97 5.34 -4.81
N VAL A 8 6.16 5.39 -5.86
CA VAL A 8 5.04 6.32 -5.92
C VAL A 8 3.70 5.59 -5.81
N CYS A 9 2.64 6.34 -5.60
CA CYS A 9 1.30 5.77 -5.48
C CYS A 9 0.89 5.08 -6.78
N THR A 10 -0.11 4.21 -6.69
CA THR A 10 -0.61 3.48 -7.85
C THR A 10 -1.97 4.01 -8.29
N ILE A 11 -2.58 4.82 -7.45
CA ILE A 11 -3.89 5.39 -7.76
C ILE A 11 -3.75 6.80 -8.34
N CYS A 12 -3.07 7.67 -7.61
CA CYS A 12 -2.87 9.04 -8.05
C CYS A 12 -1.44 9.25 -8.56
N GLN A 13 -0.56 8.31 -8.22
CA GLN A 13 0.84 8.38 -8.65
C GLN A 13 1.52 9.60 -8.04
N GLU A 14 1.38 9.77 -6.73
CA GLU A 14 1.98 10.89 -6.03
C GLU A 14 2.90 10.41 -4.91
N GLU A 15 4.09 10.99 -4.83
CA GLU A 15 5.05 10.62 -3.81
C GLU A 15 4.70 11.26 -2.46
N TYR A 16 4.10 12.44 -2.53
CA TYR A 16 3.71 13.17 -1.32
C TYR A 16 2.94 12.25 -0.36
N SER A 17 3.39 12.19 0.88
CA SER A 17 2.74 11.36 1.89
C SER A 17 2.66 12.08 3.22
N GLU A 18 1.47 12.07 3.82
CA GLU A 18 1.26 12.73 5.11
C GLU A 18 0.06 12.13 5.84
N ALA A 19 0.30 11.56 7.00
CA ALA A 19 -0.76 10.95 7.80
C ALA A 19 -1.84 11.97 8.14
N PRO A 20 -3.07 11.50 8.34
CA PRO A 20 -3.39 10.06 8.23
C PRO A 20 -3.31 9.55 6.81
N ASN A 21 -2.95 10.44 5.88
CA ASN A 21 -2.84 10.07 4.47
C ASN A 21 -1.41 9.68 4.12
N GLU A 22 -0.90 8.68 4.82
CA GLU A 22 0.46 8.20 4.59
C GLU A 22 0.50 7.23 3.42
N MET A 23 1.71 6.79 3.05
CA MET A 23 1.88 5.85 1.95
C MET A 23 2.36 4.50 2.47
N VAL A 24 1.76 3.43 1.94
CA VAL A 24 2.14 2.08 2.34
C VAL A 24 2.49 1.22 1.13
N ILE A 25 3.69 0.66 1.15
CA ILE A 25 4.15 -0.19 0.06
C ILE A 25 3.78 -1.65 0.29
N CYS A 26 3.32 -2.32 -0.76
CA CYS A 26 2.93 -3.71 -0.68
C CYS A 26 4.15 -4.62 -0.59
N ASP A 27 4.03 -5.72 0.15
CA ASP A 27 5.12 -6.66 0.31
C ASP A 27 5.24 -7.58 -0.91
N LYS A 28 4.10 -7.97 -1.46
CA LYS A 28 4.07 -8.84 -2.62
C LYS A 28 4.45 -8.07 -3.89
N CYS A 29 3.53 -7.25 -4.37
CA CYS A 29 3.77 -6.45 -5.58
C CYS A 29 4.97 -5.53 -5.39
N GLY A 30 4.82 -4.55 -4.51
CA GLY A 30 5.90 -3.61 -4.26
C GLY A 30 5.53 -2.18 -4.62
N GLN A 31 4.24 -1.89 -4.60
CA GLN A 31 3.76 -0.55 -4.93
C GLN A 31 3.17 0.14 -3.71
N GLY A 32 3.09 1.46 -3.75
CA GLY A 32 2.55 2.22 -2.65
C GLY A 32 1.07 2.53 -2.83
N TYR A 33 0.37 2.74 -1.72
CA TYR A 33 -1.05 3.04 -1.77
C TYR A 33 -1.45 3.96 -0.61
N HIS A 34 -1.73 5.22 -0.93
CA HIS A 34 -2.12 6.19 0.07
C HIS A 34 -3.34 5.70 0.87
N GLN A 35 -3.36 6.04 2.16
CA GLN A 35 -4.45 5.62 3.02
C GLN A 35 -5.78 6.20 2.53
N LEU A 36 -5.72 7.27 1.76
CA LEU A 36 -6.91 7.92 1.23
C LEU A 36 -7.23 7.38 -0.16
N CYS A 37 -6.25 6.75 -0.80
CA CYS A 37 -6.43 6.20 -2.13
C CYS A 37 -6.89 4.75 -2.06
N HIS A 38 -6.17 3.94 -1.30
CA HIS A 38 -6.50 2.53 -1.15
C HIS A 38 -7.93 2.37 -0.62
N THR A 39 -8.61 1.32 -1.07
CA THR A 39 -9.98 1.05 -0.65
C THR A 39 -10.15 -0.41 -0.24
N PRO A 40 -10.61 -0.62 1.00
CA PRO A 40 -10.92 0.47 1.93
C PRO A 40 -9.67 1.20 2.41
N HIS A 41 -9.87 2.36 3.02
CA HIS A 41 -8.76 3.16 3.53
C HIS A 41 -7.90 2.34 4.50
N ILE A 42 -6.66 2.09 4.12
CA ILE A 42 -5.75 1.32 4.96
C ILE A 42 -5.74 1.85 6.38
N ASP A 43 -5.69 0.93 7.35
CA ASP A 43 -5.68 1.30 8.75
C ASP A 43 -4.29 1.77 9.19
N SER A 44 -4.23 2.96 9.78
CA SER A 44 -2.97 3.52 10.23
C SER A 44 -2.18 2.51 11.05
N SER A 45 -2.88 1.82 11.95
CA SER A 45 -2.24 0.82 12.80
C SER A 45 -1.13 0.09 12.05
N VAL A 46 -1.51 -0.59 10.97
CA VAL A 46 -0.55 -1.33 10.16
C VAL A 46 0.78 -0.58 10.06
N ILE A 47 0.69 0.70 9.71
CA ILE A 47 1.89 1.53 9.57
C ILE A 47 2.61 1.68 10.90
N ASP A 48 1.87 2.09 11.93
CA ASP A 48 2.45 2.27 13.26
C ASP A 48 3.39 1.12 13.60
N SER A 49 2.93 -0.11 13.36
CA SER A 49 3.74 -1.29 13.65
C SER A 49 4.74 -1.56 12.53
N ASP A 50 5.76 -2.35 12.84
CA ASP A 50 6.78 -2.68 11.86
C ASP A 50 6.44 -3.98 11.12
N GLU A 51 5.15 -4.25 11.00
CA GLU A 51 4.68 -5.47 10.33
C GLU A 51 4.64 -5.26 8.81
N LYS A 52 4.15 -6.27 8.10
CA LYS A 52 4.05 -6.21 6.64
C LYS A 52 2.62 -5.99 6.21
N TRP A 53 2.45 -5.30 5.09
CA TRP A 53 1.12 -5.02 4.55
C TRP A 53 0.99 -5.51 3.12
N LEU A 54 -0.24 -5.77 2.68
CA LEU A 54 -0.50 -6.25 1.33
C LEU A 54 -1.69 -5.53 0.72
N CYS A 55 -1.58 -5.20 -0.57
CA CYS A 55 -2.63 -4.49 -1.28
C CYS A 55 -3.86 -5.39 -1.44
N ARG A 56 -5.03 -4.77 -1.53
CA ARG A 56 -6.27 -5.50 -1.69
C ARG A 56 -6.07 -6.74 -2.56
N GLN A 57 -5.72 -6.52 -3.82
CA GLN A 57 -5.49 -7.62 -4.76
C GLN A 57 -4.86 -8.81 -4.04
N CYS A 58 -3.83 -8.55 -3.25
CA CYS A 58 -3.13 -9.60 -2.52
C CYS A 58 -3.95 -10.05 -1.32
N VAL A 59 -4.57 -9.09 -0.64
CA VAL A 59 -5.38 -9.40 0.54
C VAL A 59 -6.48 -10.40 0.20
N PHE A 60 -7.38 -10.00 -0.70
CA PHE A 60 -8.47 -10.87 -1.12
C PHE A 60 -8.03 -12.32 -1.22
N ALA A 61 -6.86 -12.53 -1.82
CA ALA A 61 -6.31 -13.87 -1.97
C ALA A 61 -5.62 -14.34 -0.69
N THR A 62 -6.41 -14.51 0.37
CA THR A 62 -5.88 -14.95 1.65
C THR A 62 -6.59 -16.20 2.14
N THR A 63 -7.77 -16.46 1.57
CA THR A 63 -8.56 -17.63 1.95
C THR A 63 -8.26 -18.82 1.04
N THR A 64 -8.35 -18.59 -0.26
CA THR A 64 -8.10 -19.64 -1.24
C THR A 64 -6.81 -20.38 -0.93
N LYS A 65 -6.93 -21.53 -0.29
CA LYS A 65 -5.77 -22.34 0.07
C LYS A 65 -5.06 -22.85 -1.19
N ARG A 66 -4.01 -22.15 -1.58
CA ARG A 66 -3.24 -22.53 -2.77
C ARG A 66 -2.69 -23.94 -2.62
ZN ZN B . -2.45 8.23 -3.98
ZN ZN C . 0.15 -6.53 -3.51
N GLY A 1 13.61 5.70 -19.02
CA GLY A 1 13.19 4.31 -19.01
C GLY A 1 13.08 3.74 -17.60
N SER A 2 11.97 4.05 -16.92
CA SER A 2 11.76 3.59 -15.56
C SER A 2 11.19 2.16 -15.56
N SER A 3 12.08 1.18 -15.68
CA SER A 3 11.68 -0.22 -15.70
C SER A 3 12.25 -0.97 -14.51
N GLY A 4 11.59 -0.86 -13.36
CA GLY A 4 12.05 -1.53 -12.15
C GLY A 4 11.28 -1.09 -10.92
N SER A 5 11.61 0.09 -10.42
CA SER A 5 10.96 0.62 -9.22
C SER A 5 10.97 2.14 -9.22
N SER A 6 9.84 2.73 -8.82
CA SER A 6 9.72 4.19 -8.77
C SER A 6 9.50 4.67 -7.34
N GLY A 7 8.54 4.05 -6.66
CA GLY A 7 8.24 4.43 -5.29
C GLY A 7 7.11 5.42 -5.20
N VAL A 8 6.09 5.24 -6.04
CA VAL A 8 4.93 6.13 -6.05
C VAL A 8 3.64 5.33 -5.96
N CYS A 9 2.54 6.03 -5.68
CA CYS A 9 1.23 5.39 -5.56
C CYS A 9 0.86 4.68 -6.86
N THR A 10 -0.13 3.80 -6.78
CA THR A 10 -0.58 3.06 -7.95
C THR A 10 -1.98 3.50 -8.37
N ILE A 11 -2.65 4.24 -7.49
CA ILE A 11 -4.00 4.73 -7.79
C ILE A 11 -3.95 6.12 -8.42
N CYS A 12 -3.26 7.04 -7.77
CA CYS A 12 -3.14 8.40 -8.26
C CYS A 12 -1.73 8.67 -8.77
N GLN A 13 -0.81 7.75 -8.49
CA GLN A 13 0.58 7.88 -8.92
C GLN A 13 1.18 9.18 -8.39
N GLU A 14 1.12 9.36 -7.08
CA GLU A 14 1.67 10.56 -6.45
C GLU A 14 2.59 10.19 -5.29
N GLU A 15 3.72 10.89 -5.20
CA GLU A 15 4.69 10.63 -4.14
C GLU A 15 4.30 11.37 -2.86
N TYR A 16 3.27 12.18 -2.95
CA TYR A 16 2.80 12.96 -1.79
C TYR A 16 2.09 12.05 -0.79
N SER A 17 2.47 12.17 0.48
CA SER A 17 1.87 11.37 1.54
C SER A 17 1.77 12.16 2.83
N GLU A 18 0.55 12.31 3.34
CA GLU A 18 0.31 13.04 4.58
C GLU A 18 -0.83 12.42 5.37
N ALA A 19 -0.49 11.81 6.50
CA ALA A 19 -1.49 11.17 7.36
C ALA A 19 -2.65 12.12 7.64
N PRO A 20 -3.84 11.54 7.85
CA PRO A 20 -4.03 10.09 7.81
C PRO A 20 -3.89 9.52 6.40
N ASN A 21 -3.61 10.40 5.44
CA ASN A 21 -3.46 9.98 4.05
C ASN A 21 -2.01 9.58 3.77
N GLU A 22 -1.50 8.64 4.55
CA GLU A 22 -0.13 8.18 4.37
C GLU A 22 -0.05 7.12 3.27
N MET A 23 1.18 6.72 2.94
CA MET A 23 1.40 5.71 1.90
C MET A 23 1.86 4.40 2.51
N VAL A 24 1.37 3.29 1.96
CA VAL A 24 1.74 1.97 2.45
C VAL A 24 2.23 1.07 1.32
N ILE A 25 3.43 0.53 1.48
CA ILE A 25 4.01 -0.35 0.47
C ILE A 25 3.64 -1.81 0.72
N CYS A 26 3.25 -2.50 -0.33
CA CYS A 26 2.86 -3.91 -0.23
C CYS A 26 4.10 -4.80 -0.15
N ASP A 27 4.04 -5.79 0.74
CA ASP A 27 5.16 -6.72 0.92
C ASP A 27 5.27 -7.66 -0.28
N LYS A 28 4.14 -8.01 -0.86
CA LYS A 28 4.11 -8.90 -2.02
C LYS A 28 4.50 -8.16 -3.29
N CYS A 29 3.59 -7.31 -3.77
CA CYS A 29 3.83 -6.54 -4.98
C CYS A 29 5.03 -5.61 -4.80
N GLY A 30 4.89 -4.64 -3.91
CA GLY A 30 5.98 -3.70 -3.65
C GLY A 30 5.56 -2.26 -3.91
N GLN A 31 4.39 -2.09 -4.52
CA GLN A 31 3.89 -0.75 -4.81
C GLN A 31 3.24 -0.12 -3.59
N GLY A 32 3.17 1.20 -3.59
CA GLY A 32 2.58 1.91 -2.46
C GLY A 32 1.12 2.29 -2.72
N TYR A 33 0.34 2.37 -1.65
CA TYR A 33 -1.08 2.71 -1.76
C TYR A 33 -1.49 3.66 -0.64
N HIS A 34 -1.78 4.90 -1.00
CA HIS A 34 -2.21 5.90 -0.03
C HIS A 34 -3.37 5.39 0.80
N GLN A 35 -3.50 5.90 2.02
CA GLN A 35 -4.56 5.50 2.93
C GLN A 35 -5.92 5.94 2.39
N LEU A 36 -5.92 7.03 1.63
CA LEU A 36 -7.15 7.55 1.04
C LEU A 36 -7.43 6.93 -0.32
N CYS A 37 -6.40 6.32 -0.90
CA CYS A 37 -6.52 5.68 -2.20
C CYS A 37 -6.94 4.22 -2.05
N HIS A 38 -6.15 3.46 -1.31
CA HIS A 38 -6.44 2.05 -1.09
C HIS A 38 -7.84 1.86 -0.51
N THR A 39 -8.59 0.92 -1.09
CA THR A 39 -9.95 0.65 -0.63
C THR A 39 -10.08 -0.78 -0.13
N PRO A 40 -10.52 -0.93 1.13
CA PRO A 40 -10.87 0.21 1.99
C PRO A 40 -9.64 1.01 2.41
N HIS A 41 -9.87 2.13 3.08
CA HIS A 41 -8.78 2.99 3.54
C HIS A 41 -7.91 2.26 4.56
N ILE A 42 -6.65 2.04 4.21
CA ILE A 42 -5.72 1.34 5.09
C ILE A 42 -5.71 1.98 6.48
N ASP A 43 -5.54 1.15 7.50
CA ASP A 43 -5.50 1.63 8.88
C ASP A 43 -4.12 2.16 9.23
N SER A 44 -4.09 3.11 10.17
CA SER A 44 -2.83 3.72 10.60
C SER A 44 -2.01 2.74 11.43
N SER A 45 -2.69 2.04 12.34
CA SER A 45 -2.02 1.07 13.21
C SER A 45 -1.03 0.22 12.41
N VAL A 46 -1.47 -0.24 11.25
CA VAL A 46 -0.63 -1.07 10.39
C VAL A 46 0.70 -0.39 10.10
N ILE A 47 0.63 0.88 9.71
CA ILE A 47 1.84 1.64 9.41
C ILE A 47 2.77 1.69 10.61
N ASP A 48 2.33 2.36 11.67
CA ASP A 48 3.12 2.50 12.88
C ASP A 48 3.67 1.14 13.31
N SER A 49 2.85 0.10 13.21
CA SER A 49 3.25 -1.24 13.60
C SER A 49 4.29 -1.80 12.62
N ASP A 50 4.79 -2.99 12.91
CA ASP A 50 5.78 -3.63 12.06
C ASP A 50 5.15 -4.73 11.21
N GLU A 51 4.05 -5.30 11.70
CA GLU A 51 3.34 -6.35 10.99
C GLU A 51 3.24 -6.02 9.50
N LYS A 52 3.59 -6.99 8.66
CA LYS A 52 3.52 -6.81 7.22
C LYS A 52 2.09 -6.58 6.76
N TRP A 53 1.93 -5.79 5.70
CA TRP A 53 0.61 -5.49 5.16
C TRP A 53 0.56 -5.77 3.66
N LEU A 54 -0.54 -6.35 3.21
CA LEU A 54 -0.71 -6.67 1.79
C LEU A 54 -1.77 -5.76 1.16
N CYS A 55 -1.65 -5.55 -0.14
CA CYS A 55 -2.59 -4.71 -0.88
C CYS A 55 -3.89 -5.46 -1.14
N ARG A 56 -4.90 -4.73 -1.61
CA ARG A 56 -6.21 -5.32 -1.90
C ARG A 56 -6.06 -6.54 -2.80
N GLN A 57 -5.42 -6.34 -3.95
CA GLN A 57 -5.21 -7.42 -4.91
C GLN A 57 -4.68 -8.67 -4.21
N CYS A 58 -3.77 -8.47 -3.26
CA CYS A 58 -3.19 -9.59 -2.52
C CYS A 58 -4.18 -10.12 -1.49
N VAL A 59 -4.50 -9.30 -0.49
CA VAL A 59 -5.43 -9.69 0.56
C VAL A 59 -6.62 -10.45 -0.02
N PHE A 60 -7.18 -9.93 -1.10
CA PHE A 60 -8.33 -10.56 -1.76
C PHE A 60 -8.04 -12.02 -2.07
N ALA A 61 -6.89 -12.27 -2.69
CA ALA A 61 -6.50 -13.63 -3.04
C ALA A 61 -5.97 -14.38 -1.84
N THR A 62 -6.78 -14.46 -0.78
CA THR A 62 -6.39 -15.15 0.44
C THR A 62 -7.24 -16.40 0.66
N THR A 63 -7.60 -17.07 -0.43
CA THR A 63 -8.40 -18.28 -0.35
C THR A 63 -7.95 -19.32 -1.38
N THR A 64 -7.86 -20.57 -0.96
CA THR A 64 -7.44 -21.64 -1.84
C THR A 64 -8.61 -22.56 -2.19
N LYS A 65 -8.41 -23.41 -3.20
CA LYS A 65 -9.45 -24.33 -3.63
C LYS A 65 -8.87 -25.42 -4.52
N ARG A 66 -9.60 -26.52 -4.67
CA ARG A 66 -9.16 -27.63 -5.51
C ARG A 66 -9.25 -27.27 -6.99
ZN ZN B . -2.66 7.69 -4.21
ZN ZN C . 0.20 -6.70 -3.11
N GLY A 1 18.86 -3.94 -13.66
CA GLY A 1 19.08 -2.83 -14.55
C GLY A 1 19.88 -1.71 -13.90
N SER A 2 19.77 -0.51 -14.45
CA SER A 2 20.49 0.65 -13.92
C SER A 2 19.53 1.62 -13.25
N SER A 3 18.57 2.13 -14.01
CA SER A 3 17.60 3.07 -13.49
C SER A 3 17.22 2.73 -12.05
N GLY A 4 16.87 1.46 -11.83
CA GLY A 4 16.49 1.02 -10.49
C GLY A 4 15.01 0.72 -10.39
N SER A 5 14.32 1.46 -9.54
CA SER A 5 12.88 1.27 -9.33
C SER A 5 12.29 2.41 -8.51
N SER A 6 10.97 2.50 -8.49
CA SER A 6 10.28 3.53 -7.74
C SER A 6 9.11 2.95 -6.95
N GLY A 7 8.57 3.75 -6.04
CA GLY A 7 7.45 3.30 -5.22
C GLY A 7 6.35 4.33 -5.12
N VAL A 8 5.65 4.57 -6.23
CA VAL A 8 4.57 5.54 -6.25
C VAL A 8 3.22 4.86 -6.07
N CYS A 9 2.20 5.65 -5.76
CA CYS A 9 0.85 5.14 -5.56
C CYS A 9 0.36 4.40 -6.79
N THR A 10 -0.60 3.50 -6.61
CA THR A 10 -1.16 2.73 -7.72
C THR A 10 -2.52 3.25 -8.12
N ILE A 11 -3.02 4.24 -7.38
CA ILE A 11 -4.32 4.83 -7.66
C ILE A 11 -4.17 6.19 -8.31
N CYS A 12 -3.54 7.12 -7.60
CA CYS A 12 -3.32 8.47 -8.11
C CYS A 12 -1.92 8.61 -8.70
N GLN A 13 -1.09 7.60 -8.48
CA GLN A 13 0.27 7.62 -9.00
C GLN A 13 1.02 8.86 -8.52
N GLU A 14 1.00 9.09 -7.21
CA GLU A 14 1.68 10.24 -6.63
C GLU A 14 2.59 9.82 -5.48
N GLU A 15 3.82 10.33 -5.49
CA GLU A 15 4.79 10.00 -4.45
C GLU A 15 4.45 10.71 -3.15
N TYR A 16 3.74 11.83 -3.25
CA TYR A 16 3.36 12.60 -2.08
C TYR A 16 2.74 11.71 -1.01
N SER A 17 3.26 11.80 0.21
CA SER A 17 2.76 10.99 1.32
C SER A 17 2.63 11.83 2.59
N GLU A 18 1.40 12.16 2.94
CA GLU A 18 1.14 12.96 4.14
C GLU A 18 -0.07 12.43 4.90
N ALA A 19 0.15 12.06 6.15
CA ALA A 19 -0.93 11.54 7.00
C ALA A 19 -2.01 12.59 7.21
N PRO A 20 -3.24 12.13 7.51
CA PRO A 20 -3.54 10.69 7.62
C PRO A 20 -3.49 9.99 6.27
N ASN A 21 -3.20 10.76 5.21
CA ASN A 21 -3.12 10.20 3.87
C ASN A 21 -1.69 9.76 3.53
N GLU A 22 -1.12 8.94 4.40
CA GLU A 22 0.25 8.45 4.21
C GLU A 22 0.28 7.37 3.13
N MET A 23 1.48 6.87 2.84
CA MET A 23 1.66 5.84 1.83
C MET A 23 2.00 4.49 2.49
N VAL A 24 1.64 3.41 1.82
CA VAL A 24 1.91 2.07 2.33
C VAL A 24 2.31 1.11 1.21
N ILE A 25 3.51 0.55 1.31
CA ILE A 25 3.99 -0.38 0.30
C ILE A 25 3.62 -1.82 0.65
N CYS A 26 3.27 -2.59 -0.38
CA CYS A 26 2.89 -3.98 -0.19
C CYS A 26 4.13 -4.87 -0.08
N ASP A 27 3.99 -5.99 0.63
CA ASP A 27 5.09 -6.93 0.80
C ASP A 27 5.09 -7.98 -0.30
N LYS A 28 3.91 -8.27 -0.83
CA LYS A 28 3.76 -9.26 -1.89
C LYS A 28 4.27 -8.71 -3.22
N CYS A 29 3.53 -7.77 -3.78
CA CYS A 29 3.89 -7.16 -5.05
C CYS A 29 4.97 -6.09 -4.85
N GLY A 30 4.68 -5.13 -3.96
CA GLY A 30 5.63 -4.07 -3.70
C GLY A 30 5.06 -2.69 -4.01
N GLN A 31 3.97 -2.66 -4.76
CA GLN A 31 3.34 -1.41 -5.13
C GLN A 31 2.90 -0.64 -3.90
N GLY A 32 2.78 0.68 -4.04
CA GLY A 32 2.36 1.51 -2.93
C GLY A 32 0.90 1.90 -3.00
N TYR A 33 0.32 2.24 -1.86
CA TYR A 33 -1.08 2.62 -1.80
C TYR A 33 -1.35 3.56 -0.62
N HIS A 34 -1.79 4.78 -0.92
CA HIS A 34 -2.08 5.76 0.10
C HIS A 34 -3.23 5.30 1.00
N GLN A 35 -3.45 6.02 2.09
CA GLN A 35 -4.51 5.69 3.03
C GLN A 35 -5.87 6.16 2.51
N LEU A 36 -5.86 7.28 1.80
CA LEU A 36 -7.09 7.84 1.25
C LEU A 36 -7.39 7.25 -0.13
N CYS A 37 -6.37 6.66 -0.75
CA CYS A 37 -6.53 6.06 -2.07
C CYS A 37 -6.92 4.59 -1.94
N HIS A 38 -6.12 3.83 -1.19
CA HIS A 38 -6.37 2.41 -1.00
C HIS A 38 -7.80 2.18 -0.51
N THR A 39 -8.31 0.97 -0.74
CA THR A 39 -9.67 0.63 -0.33
C THR A 39 -9.75 -0.82 0.15
N PRO A 40 -10.24 -1.00 1.38
CA PRO A 40 -10.68 0.11 2.24
C PRO A 40 -9.52 0.96 2.72
N HIS A 41 -9.82 2.20 3.10
CA HIS A 41 -8.79 3.12 3.60
C HIS A 41 -7.91 2.44 4.64
N ILE A 42 -6.64 2.27 4.30
CA ILE A 42 -5.68 1.63 5.21
C ILE A 42 -5.72 2.29 6.58
N ASP A 43 -5.50 1.48 7.61
CA ASP A 43 -5.50 1.98 8.99
C ASP A 43 -4.10 2.39 9.42
N SER A 44 -4.02 3.39 10.29
CA SER A 44 -2.74 3.88 10.78
C SER A 44 -2.00 2.79 11.55
N SER A 45 -2.71 2.10 12.42
CA SER A 45 -2.13 1.03 13.22
C SER A 45 -1.10 0.24 12.41
N VAL A 46 -1.58 -0.38 11.33
CA VAL A 46 -0.71 -1.17 10.47
C VAL A 46 0.61 -0.46 10.23
N ILE A 47 0.54 0.80 9.82
CA ILE A 47 1.74 1.59 9.55
C ILE A 47 2.61 1.71 10.79
N ASP A 48 2.06 2.33 11.84
CA ASP A 48 2.79 2.51 13.09
C ASP A 48 3.55 1.24 13.45
N SER A 49 2.90 0.08 13.30
CA SER A 49 3.52 -1.20 13.61
C SER A 49 4.55 -1.58 12.55
N ASP A 50 5.47 -2.46 12.92
CA ASP A 50 6.52 -2.90 12.00
C ASP A 50 6.11 -4.21 11.34
N GLU A 51 4.80 -4.43 11.20
CA GLU A 51 4.29 -5.65 10.58
C GLU A 51 4.17 -5.48 9.06
N LYS A 52 4.09 -6.59 8.35
CA LYS A 52 3.96 -6.56 6.91
C LYS A 52 2.51 -6.33 6.48
N TRP A 53 2.31 -5.38 5.57
CA TRP A 53 0.98 -5.06 5.08
C TRP A 53 0.80 -5.51 3.65
N LEU A 54 -0.43 -5.89 3.30
CA LEU A 54 -0.73 -6.35 1.94
C LEU A 54 -1.78 -5.46 1.29
N CYS A 55 -1.75 -5.39 -0.04
CA CYS A 55 -2.70 -4.58 -0.79
C CYS A 55 -3.93 -5.40 -1.16
N ARG A 56 -5.09 -4.74 -1.18
CA ARG A 56 -6.34 -5.40 -1.52
C ARG A 56 -6.11 -6.49 -2.56
N GLN A 57 -5.65 -6.08 -3.74
CA GLN A 57 -5.39 -7.02 -4.82
C GLN A 57 -4.82 -8.33 -4.28
N CYS A 58 -3.86 -8.22 -3.37
CA CYS A 58 -3.22 -9.39 -2.78
C CYS A 58 -4.09 -9.97 -1.66
N VAL A 59 -4.40 -9.14 -0.67
CA VAL A 59 -5.23 -9.56 0.45
C VAL A 59 -6.38 -10.45 -0.02
N PHE A 60 -6.94 -10.11 -1.17
CA PHE A 60 -8.06 -10.87 -1.72
C PHE A 60 -7.59 -12.24 -2.21
N ALA A 61 -6.38 -12.29 -2.75
CA ALA A 61 -5.82 -13.54 -3.24
C ALA A 61 -4.68 -14.03 -2.35
N THR A 62 -4.85 -13.87 -1.05
CA THR A 62 -3.83 -14.28 -0.09
C THR A 62 -3.68 -15.80 -0.06
N THR A 63 -4.82 -16.50 0.07
CA THR A 63 -4.82 -17.95 0.11
C THR A 63 -5.34 -18.54 -1.21
N THR A 64 -4.43 -18.90 -2.10
CA THR A 64 -4.79 -19.47 -3.39
C THR A 64 -4.87 -20.98 -3.32
N LYS A 65 -5.95 -21.54 -3.88
CA LYS A 65 -6.14 -22.99 -3.88
C LYS A 65 -4.81 -23.72 -4.05
N ARG A 66 -4.64 -24.82 -3.32
CA ARG A 66 -3.41 -25.60 -3.41
C ARG A 66 -3.09 -25.95 -4.85
ZN ZN B . -2.68 7.84 -4.02
ZN ZN C . 0.22 -6.45 -3.21
#